data_8ZMO
# 
_entry.id   8ZMO 
# 
_audit_conform.dict_name       mmcif_pdbx.dic 
_audit_conform.dict_version    5.395 
_audit_conform.dict_location   http://mmcif.pdb.org/dictionaries/ascii/mmcif_pdbx.dic 
# 
loop_
_database_2.database_id 
_database_2.database_code 
_database_2.pdbx_database_accession 
_database_2.pdbx_DOI 
PDB   8ZMO         pdb_00008zmo 10.2210/pdb8zmo/pdb 
WWPDB D_1300048138 ?            ?                   
# 
_pdbx_audit_revision_history.ordinal             1 
_pdbx_audit_revision_history.data_content_type   'Structure model' 
_pdbx_audit_revision_history.major_revision      1 
_pdbx_audit_revision_history.minor_revision      0 
_pdbx_audit_revision_history.revision_date       2024-06-26 
# 
_pdbx_audit_revision_details.ordinal             1 
_pdbx_audit_revision_details.revision_ordinal    1 
_pdbx_audit_revision_details.data_content_type   'Structure model' 
_pdbx_audit_revision_details.provider            repository 
_pdbx_audit_revision_details.type                'Initial release' 
_pdbx_audit_revision_details.description         ? 
_pdbx_audit_revision_details.details             ? 
# 
_pdbx_database_status.status_code                     REL 
_pdbx_database_status.status_code_sf                  REL 
_pdbx_database_status.status_code_mr                  ? 
_pdbx_database_status.entry_id                        8ZMO 
_pdbx_database_status.recvd_initial_deposition_date   2024-05-23 
_pdbx_database_status.SG_entry                        N 
_pdbx_database_status.deposit_site                    PDBJ 
_pdbx_database_status.process_site                    PDBJ 
_pdbx_database_status.status_code_cs                  ? 
_pdbx_database_status.status_code_nmr_data            ? 
_pdbx_database_status.methods_development_category    ? 
_pdbx_database_status.pdb_format_compatible           Y 
# 
_pdbx_contact_author.id                 2 
_pdbx_contact_author.email              zhaiyuanxin@trautec.com.cn 
_pdbx_contact_author.name_first         Yun 
_pdbx_contact_author.name_last          Chu 
_pdbx_contact_author.name_mi            ? 
_pdbx_contact_author.role               'principal investigator/group leader' 
_pdbx_contact_author.identifier_ORCID   0000-0002-1497-3781 
# 
loop_
_audit_author.name 
_audit_author.pdbx_ordinal 
_audit_author.identifier_ORCID 
'Chu, Y.'  1  ? 
'Zhai, Y.' 2  ? 
'Fan, X.'  3  ? 
'Fu, S.'   4  ? 
'Li, J.'   5  ? 
'Wu, X.'   6  ? 
'Cai, H.'  7  ? 
'Wang, X.' 8  ? 
'Li, D.'   9  ? 
'Feng, P.' 10 ? 
'Cao, K.'  11 ? 
'Qian, S.' 12 ? 
# 
_citation.abstract                  ? 
_citation.abstract_id_CAS           ? 
_citation.book_id_ISBN              ? 
_citation.book_publisher            ? 
_citation.book_publisher_city       ? 
_citation.book_title                ? 
_citation.coordinate_linkage        ? 
_citation.country                   ? 
_citation.database_id_Medline       ? 
_citation.details                   ? 
_citation.id                        primary 
_citation.journal_abbrev            'To Be Published' 
_citation.journal_id_ASTM           ? 
_citation.journal_id_CSD            0353 
_citation.journal_id_ISSN           ? 
_citation.journal_full              ? 
_citation.journal_issue             ? 
_citation.journal_volume            ? 
_citation.language                  ? 
_citation.page_first                ? 
_citation.page_last                 ? 
_citation.title                     'Structure of a triple-helix region of human Collagen type XVII from Trautec' 
_citation.year                      ? 
_citation.database_id_CSD           ? 
_citation.pdbx_database_id_DOI      ? 
_citation.pdbx_database_id_PubMed   ? 
_citation.pdbx_database_id_patent   ? 
_citation.unpublished_flag          ? 
# 
loop_
_citation_author.citation_id 
_citation_author.name 
_citation_author.ordinal 
_citation_author.identifier_ORCID 
primary 'Chu, Y.'  1  ? 
primary 'Zhai, Y.' 2  ? 
primary 'Fan, X.'  3  ? 
primary 'Fu, S.'   4  ? 
primary 'Li, J.'   5  ? 
primary 'Wu, X.'   6  ? 
primary 'Cai, H.'  7  ? 
primary 'Wang, X.' 8  ? 
primary 'Li, D.'   9  ? 
primary 'Feng, P.' 10 ? 
primary 'Cao, K.'  11 ? 
primary 'Qian, S.' 12 ? 
# 
loop_
_entity.id 
_entity.type 
_entity.src_method 
_entity.pdbx_description 
_entity.formula_weight 
_entity.pdbx_number_of_molecules 
_entity.pdbx_ec 
_entity.pdbx_mutation 
_entity.pdbx_fragment 
_entity.details 
1 polymer syn 'collagen type XVII' 2739.880 6   ? ? ? ? 
2 water   nat water                18.015   316 ? ? ? ? 
# 
_entity_poly.entity_id                      1 
_entity_poly.type                           'polypeptide(L)' 
_entity_poly.nstd_linkage                   no 
_entity_poly.nstd_monomer                   yes 
_entity_poly.pdbx_seq_one_letter_code       'P(HYP)GP(HYP)GP(HYP)GP(HYP)GPKGDQGP(HYP)GP(HYP)GP(HYP)GP(HYP)G' 
_entity_poly.pdbx_seq_one_letter_code_can   PPGPPGPPGPPGPKGDQGPPGPPGPPGPPG 
_entity_poly.pdbx_strand_id                 A,B,C,D,E,F 
_entity_poly.pdbx_target_identifier         ? 
# 
_pdbx_entity_nonpoly.entity_id   2 
_pdbx_entity_nonpoly.name        water 
_pdbx_entity_nonpoly.comp_id     HOH 
# 
loop_
_entity_poly_seq.entity_id 
_entity_poly_seq.num 
_entity_poly_seq.mon_id 
_entity_poly_seq.hetero 
1 1  PRO n 
1 2  HYP n 
1 3  GLY n 
1 4  PRO n 
1 5  HYP n 
1 6  GLY n 
1 7  PRO n 
1 8  HYP n 
1 9  GLY n 
1 10 PRO n 
1 11 HYP n 
1 12 GLY n 
1 13 PRO n 
1 14 LYS n 
1 15 GLY n 
1 16 ASP n 
1 17 GLN n 
1 18 GLY n 
1 19 PRO n 
1 20 HYP n 
1 21 GLY n 
1 22 PRO n 
1 23 HYP n 
1 24 GLY n 
1 25 PRO n 
1 26 HYP n 
1 27 GLY n 
1 28 PRO n 
1 29 HYP n 
1 30 GLY n 
# 
_pdbx_entity_src_syn.entity_id              1 
_pdbx_entity_src_syn.pdbx_src_id            1 
_pdbx_entity_src_syn.pdbx_alt_source_flag   sample 
_pdbx_entity_src_syn.pdbx_beg_seq_num       1 
_pdbx_entity_src_syn.pdbx_end_seq_num       30 
_pdbx_entity_src_syn.organism_scientific    'Homo sapiens' 
_pdbx_entity_src_syn.organism_common_name   ? 
_pdbx_entity_src_syn.ncbi_taxonomy_id       9606 
_pdbx_entity_src_syn.details                ? 
# 
loop_
_chem_comp.id 
_chem_comp.type 
_chem_comp.mon_nstd_flag 
_chem_comp.name 
_chem_comp.pdbx_synonyms 
_chem_comp.formula 
_chem_comp.formula_weight 
ASP 'L-peptide linking' y 'ASPARTIC ACID'  ?              'C4 H7 N O4'     133.103 
GLN 'L-peptide linking' y GLUTAMINE        ?              'C5 H10 N2 O3'   146.144 
GLY 'peptide linking'   y GLYCINE          ?              'C2 H5 N O2'     75.067  
HOH non-polymer         . WATER            ?              'H2 O'           18.015  
HYP 'L-peptide linking' n 4-HYDROXYPROLINE HYDROXYPROLINE 'C5 H9 N O3'     131.130 
LYS 'L-peptide linking' y LYSINE           ?              'C6 H15 N2 O2 1' 147.195 
PRO 'L-peptide linking' y PROLINE          ?              'C5 H9 N O2'     115.130 
# 
loop_
_pdbx_poly_seq_scheme.asym_id 
_pdbx_poly_seq_scheme.entity_id 
_pdbx_poly_seq_scheme.seq_id 
_pdbx_poly_seq_scheme.mon_id 
_pdbx_poly_seq_scheme.ndb_seq_num 
_pdbx_poly_seq_scheme.pdb_seq_num 
_pdbx_poly_seq_scheme.auth_seq_num 
_pdbx_poly_seq_scheme.pdb_mon_id 
_pdbx_poly_seq_scheme.auth_mon_id 
_pdbx_poly_seq_scheme.pdb_strand_id 
_pdbx_poly_seq_scheme.pdb_ins_code 
_pdbx_poly_seq_scheme.hetero 
A 1 1  PRO 1  1  1  PRO PRO A . n 
A 1 2  HYP 2  2  2  HYP HYP A . n 
A 1 3  GLY 3  3  3  GLY GLY A . n 
A 1 4  PRO 4  4  4  PRO PRO A . n 
A 1 5  HYP 5  5  5  HYP HYP A . n 
A 1 6  GLY 6  6  6  GLY GLY A . n 
A 1 7  PRO 7  7  7  PRO PRO A . n 
A 1 8  HYP 8  8  8  HYP HYP A . n 
A 1 9  GLY 9  9  9  GLY GLY A . n 
A 1 10 PRO 10 10 10 PRO PRO A . n 
A 1 11 HYP 11 11 11 HYP HYP A . n 
A 1 12 GLY 12 12 12 GLY GLY A . n 
A 1 13 PRO 13 13 13 PRO PRO A . n 
A 1 14 LYS 14 14 14 LYS LYS A . n 
A 1 15 GLY 15 15 15 GLY GLY A . n 
A 1 16 ASP 16 16 16 ASP ASP A . n 
A 1 17 GLN 17 17 17 GLN GLN A . n 
A 1 18 GLY 18 18 18 GLY GLY A . n 
A 1 19 PRO 19 19 19 PRO PRO A . n 
A 1 20 HYP 20 20 20 HYP HYP A . n 
A 1 21 GLY 21 21 21 GLY GLY A . n 
A 1 22 PRO 22 22 22 PRO PRO A . n 
A 1 23 HYP 23 23 23 HYP HYP A . n 
A 1 24 GLY 24 24 24 GLY GLY A . n 
A 1 25 PRO 25 25 25 PRO PRO A . n 
A 1 26 HYP 26 26 26 HYP HYP A . n 
A 1 27 GLY 27 27 27 GLY GLY A . n 
A 1 28 PRO 28 28 28 PRO PRO A . n 
A 1 29 HYP 29 29 29 HYP HYP A . n 
A 1 30 GLY 30 30 30 GLY GLY A . n 
B 1 1  PRO 1  1  1  PRO PRO B . n 
B 1 2  HYP 2  2  2  HYP HYP B . n 
B 1 3  GLY 3  3  3  GLY GLY B . n 
B 1 4  PRO 4  4  4  PRO PRO B . n 
B 1 5  HYP 5  5  5  HYP HYP B . n 
B 1 6  GLY 6  6  6  GLY GLY B . n 
B 1 7  PRO 7  7  7  PRO PRO B . n 
B 1 8  HYP 8  8  8  HYP HYP B . n 
B 1 9  GLY 9  9  9  GLY GLY B . n 
B 1 10 PRO 10 10 10 PRO PRO B . n 
B 1 11 HYP 11 11 11 HYP HYP B . n 
B 1 12 GLY 12 12 12 GLY GLY B . n 
B 1 13 PRO 13 13 13 PRO PRO B . n 
B 1 14 LYS 14 14 14 LYS LYS B . n 
B 1 15 GLY 15 15 15 GLY GLY B . n 
B 1 16 ASP 16 16 16 ASP ASP B . n 
B 1 17 GLN 17 17 17 GLN GLN B . n 
B 1 18 GLY 18 18 18 GLY GLY B . n 
B 1 19 PRO 19 19 19 PRO PRO B . n 
B 1 20 HYP 20 20 20 HYP HYP B . n 
B 1 21 GLY 21 21 21 GLY GLY B . n 
B 1 22 PRO 22 22 22 PRO PRO B . n 
B 1 23 HYP 23 23 23 HYP HYP B . n 
B 1 24 GLY 24 24 24 GLY GLY B . n 
B 1 25 PRO 25 25 25 PRO PRO B . n 
B 1 26 HYP 26 26 26 HYP HYP B . n 
B 1 27 GLY 27 27 27 GLY GLY B . n 
B 1 28 PRO 28 28 28 PRO PRO B . n 
B 1 29 HYP 29 29 29 HYP HYP B . n 
B 1 30 GLY 30 30 ?  ?   ?   B . n 
C 1 1  PRO 1  1  1  PRO PRO C . n 
C 1 2  HYP 2  2  2  HYP HYP C . n 
C 1 3  GLY 3  3  3  GLY GLY C . n 
C 1 4  PRO 4  4  4  PRO PRO C . n 
C 1 5  HYP 5  5  5  HYP HYP C . n 
C 1 6  GLY 6  6  6  GLY GLY C . n 
C 1 7  PRO 7  7  7  PRO PRO C . n 
C 1 8  HYP 8  8  8  HYP HYP C . n 
C 1 9  GLY 9  9  9  GLY GLY C . n 
C 1 10 PRO 10 10 10 PRO PRO C . n 
C 1 11 HYP 11 11 11 HYP HYP C . n 
C 1 12 GLY 12 12 12 GLY GLY C . n 
C 1 13 PRO 13 13 13 PRO PRO C . n 
C 1 14 LYS 14 14 14 LYS LYS C . n 
C 1 15 GLY 15 15 15 GLY GLY C . n 
C 1 16 ASP 16 16 16 ASP ASP C . n 
C 1 17 GLN 17 17 17 GLN GLN C . n 
C 1 18 GLY 18 18 18 GLY GLY C . n 
C 1 19 PRO 19 19 19 PRO PRO C . n 
C 1 20 HYP 20 20 20 HYP HYP C . n 
C 1 21 GLY 21 21 21 GLY GLY C . n 
C 1 22 PRO 22 22 22 PRO PRO C . n 
C 1 23 HYP 23 23 23 HYP HYP C . n 
C 1 24 GLY 24 24 24 GLY GLY C . n 
C 1 25 PRO 25 25 25 PRO PRO C . n 
C 1 26 HYP 26 26 26 HYP HYP C . n 
C 1 27 GLY 27 27 27 GLY GLY C . n 
C 1 28 PRO 28 28 28 PRO PRO C . n 
C 1 29 HYP 29 29 29 HYP HYP C . n 
C 1 30 GLY 30 30 30 GLY GLY C . n 
D 1 1  PRO 1  1  ?  ?   ?   D . n 
D 1 2  HYP 2  2  2  HYP HYP D . n 
D 1 3  GLY 3  3  3  GLY GLY D . n 
D 1 4  PRO 4  4  4  PRO PRO D . n 
D 1 5  HYP 5  5  5  HYP HYP D . n 
D 1 6  GLY 6  6  6  GLY GLY D . n 
D 1 7  PRO 7  7  7  PRO PRO D . n 
D 1 8  HYP 8  8  8  HYP HYP D . n 
D 1 9  GLY 9  9  9  GLY GLY D . n 
D 1 10 PRO 10 10 10 PRO PRO D . n 
D 1 11 HYP 11 11 11 HYP HYP D . n 
D 1 12 GLY 12 12 12 GLY GLY D . n 
D 1 13 PRO 13 13 13 PRO PRO D . n 
D 1 14 LYS 14 14 14 LYS LYS D . n 
D 1 15 GLY 15 15 15 GLY GLY D . n 
D 1 16 ASP 16 16 16 ASP ASP D . n 
D 1 17 GLN 17 17 17 GLN GLN D . n 
D 1 18 GLY 18 18 18 GLY GLY D . n 
D 1 19 PRO 19 19 19 PRO PRO D . n 
D 1 20 HYP 20 20 20 HYP HYP D . n 
D 1 21 GLY 21 21 21 GLY GLY D . n 
D 1 22 PRO 22 22 22 PRO PRO D . n 
D 1 23 HYP 23 23 23 HYP HYP D . n 
D 1 24 GLY 24 24 24 GLY GLY D . n 
D 1 25 PRO 25 25 25 PRO PRO D . n 
D 1 26 HYP 26 26 26 HYP HYP D . n 
D 1 27 GLY 27 27 27 GLY GLY D . n 
D 1 28 PRO 28 28 28 PRO PRO D . n 
D 1 29 HYP 29 29 29 HYP HYP D . n 
D 1 30 GLY 30 30 30 GLY GLY D . n 
E 1 1  PRO 1  1  1  PRO PRO E . n 
E 1 2  HYP 2  2  2  HYP HYP E . n 
E 1 3  GLY 3  3  3  GLY GLY E . n 
E 1 4  PRO 4  4  4  PRO PRO E . n 
E 1 5  HYP 5  5  5  HYP HYP E . n 
E 1 6  GLY 6  6  6  GLY GLY E . n 
E 1 7  PRO 7  7  7  PRO PRO E . n 
E 1 8  HYP 8  8  8  HYP HYP E . n 
E 1 9  GLY 9  9  9  GLY GLY E . n 
E 1 10 PRO 10 10 10 PRO PRO E . n 
E 1 11 HYP 11 11 11 HYP HYP E . n 
E 1 12 GLY 12 12 12 GLY GLY E . n 
E 1 13 PRO 13 13 13 PRO PRO E . n 
E 1 14 LYS 14 14 14 LYS LYS E . n 
E 1 15 GLY 15 15 15 GLY GLY E . n 
E 1 16 ASP 16 16 16 ASP ASP E . n 
E 1 17 GLN 17 17 17 GLN GLN E . n 
E 1 18 GLY 18 18 18 GLY GLY E . n 
E 1 19 PRO 19 19 19 PRO PRO E . n 
E 1 20 HYP 20 20 20 HYP HYP E . n 
E 1 21 GLY 21 21 21 GLY GLY E . n 
E 1 22 PRO 22 22 22 PRO PRO E . n 
E 1 23 HYP 23 23 23 HYP HYP E . n 
E 1 24 GLY 24 24 24 GLY GLY E . n 
E 1 25 PRO 25 25 25 PRO PRO E . n 
E 1 26 HYP 26 26 26 HYP HYP E . n 
E 1 27 GLY 27 27 27 GLY GLY E . n 
E 1 28 PRO 28 28 28 PRO PRO E . n 
E 1 29 HYP 29 29 29 HYP HYP E . n 
E 1 30 GLY 30 30 30 GLY GLY E . n 
F 1 1  PRO 1  1  1  PRO PRO F . n 
F 1 2  HYP 2  2  2  HYP HYP F . n 
F 1 3  GLY 3  3  3  GLY GLY F . n 
F 1 4  PRO 4  4  4  PRO PRO F . n 
F 1 5  HYP 5  5  5  HYP HYP F . n 
F 1 6  GLY 6  6  6  GLY GLY F . n 
F 1 7  PRO 7  7  7  PRO PRO F . n 
F 1 8  HYP 8  8  8  HYP HYP F . n 
F 1 9  GLY 9  9  9  GLY GLY F . n 
F 1 10 PRO 10 10 10 PRO PRO F . n 
F 1 11 HYP 11 11 11 HYP HYP F . n 
F 1 12 GLY 12 12 12 GLY GLY F . n 
F 1 13 PRO 13 13 13 PRO PRO F . n 
F 1 14 LYS 14 14 14 LYS LYS F . n 
F 1 15 GLY 15 15 15 GLY GLY F . n 
F 1 16 ASP 16 16 16 ASP ASP F . n 
F 1 17 GLN 17 17 17 GLN GLN F . n 
F 1 18 GLY 18 18 18 GLY GLY F . n 
F 1 19 PRO 19 19 19 PRO PRO F . n 
F 1 20 HYP 20 20 20 HYP HYP F . n 
F 1 21 GLY 21 21 21 GLY GLY F . n 
F 1 22 PRO 22 22 22 PRO PRO F . n 
F 1 23 HYP 23 23 23 HYP HYP F . n 
F 1 24 GLY 24 24 24 GLY GLY F . n 
F 1 25 PRO 25 25 25 PRO PRO F . n 
F 1 26 HYP 26 26 26 HYP HYP F . n 
F 1 27 GLY 27 27 27 GLY GLY F . n 
F 1 28 PRO 28 28 28 PRO PRO F . n 
F 1 29 HYP 29 29 29 HYP HYP F . n 
F 1 30 GLY 30 30 ?  ?   ?   F . n 
# 
loop_
_pdbx_nonpoly_scheme.asym_id 
_pdbx_nonpoly_scheme.entity_id 
_pdbx_nonpoly_scheme.mon_id 
_pdbx_nonpoly_scheme.ndb_seq_num 
_pdbx_nonpoly_scheme.pdb_seq_num 
_pdbx_nonpoly_scheme.auth_seq_num 
_pdbx_nonpoly_scheme.pdb_mon_id 
_pdbx_nonpoly_scheme.auth_mon_id 
_pdbx_nonpoly_scheme.pdb_strand_id 
_pdbx_nonpoly_scheme.pdb_ins_code 
G 2 HOH 1  101 173 HOH HOH A . 
G 2 HOH 2  102 165 HOH HOH A . 
G 2 HOH 3  103 140 HOH HOH A . 
G 2 HOH 4  104 137 HOH HOH A . 
G 2 HOH 5  105 145 HOH HOH A . 
G 2 HOH 6  106 2   HOH HOH A . 
G 2 HOH 7  107 12  HOH HOH A . 
G 2 HOH 8  108 139 HOH HOH A . 
G 2 HOH 9  109 134 HOH HOH A . 
G 2 HOH 10 110 75  HOH HOH A . 
G 2 HOH 11 111 105 HOH HOH A . 
G 2 HOH 12 112 187 HOH HOH A . 
G 2 HOH 13 113 125 HOH HOH A . 
G 2 HOH 14 114 249 HOH HOH A . 
G 2 HOH 15 115 201 HOH HOH A . 
G 2 HOH 16 116 82  HOH HOH A . 
G 2 HOH 17 117 39  HOH HOH A . 
G 2 HOH 18 118 63  HOH HOH A . 
G 2 HOH 19 119 199 HOH HOH A . 
G 2 HOH 20 120 78  HOH HOH A . 
G 2 HOH 21 121 93  HOH HOH A . 
G 2 HOH 22 122 102 HOH HOH A . 
G 2 HOH 23 123 57  HOH HOH A . 
G 2 HOH 24 124 92  HOH HOH A . 
G 2 HOH 25 125 4   HOH HOH A . 
G 2 HOH 26 126 37  HOH HOH A . 
G 2 HOH 27 127 264 HOH HOH A . 
G 2 HOH 28 128 33  HOH HOH A . 
G 2 HOH 29 129 144 HOH HOH A . 
G 2 HOH 30 130 114 HOH HOH A . 
G 2 HOH 31 131 111 HOH HOH A . 
G 2 HOH 32 132 180 HOH HOH A . 
G 2 HOH 33 133 205 HOH HOH A . 
G 2 HOH 34 134 179 HOH HOH A . 
G 2 HOH 35 135 296 HOH HOH A . 
G 2 HOH 36 136 274 HOH HOH A . 
G 2 HOH 37 137 208 HOH HOH A . 
G 2 HOH 38 138 294 HOH HOH A . 
G 2 HOH 39 139 270 HOH HOH A . 
G 2 HOH 40 140 267 HOH HOH A . 
G 2 HOH 41 141 297 HOH HOH A . 
G 2 HOH 42 142 115 HOH HOH A . 
G 2 HOH 43 143 256 HOH HOH A . 
G 2 HOH 44 144 192 HOH HOH A . 
G 2 HOH 45 145 27  HOH HOH A . 
G 2 HOH 46 146 76  HOH HOH A . 
G 2 HOH 47 147 237 HOH HOH A . 
G 2 HOH 48 148 126 HOH HOH A . 
G 2 HOH 49 149 283 HOH HOH A . 
G 2 HOH 50 150 186 HOH HOH A . 
G 2 HOH 51 151 190 HOH HOH A . 
G 2 HOH 52 152 123 HOH HOH A . 
H 2 HOH 1  101 183 HOH HOH B . 
H 2 HOH 2  102 72  HOH HOH B . 
H 2 HOH 3  103 233 HOH HOH B . 
H 2 HOH 4  104 162 HOH HOH B . 
H 2 HOH 5  105 272 HOH HOH B . 
H 2 HOH 6  106 168 HOH HOH B . 
H 2 HOH 7  107 247 HOH HOH B . 
H 2 HOH 8  108 95  HOH HOH B . 
H 2 HOH 9  109 58  HOH HOH B . 
H 2 HOH 10 110 176 HOH HOH B . 
H 2 HOH 11 111 163 HOH HOH B . 
H 2 HOH 12 112 11  HOH HOH B . 
H 2 HOH 13 113 202 HOH HOH B . 
H 2 HOH 14 114 147 HOH HOH B . 
H 2 HOH 15 115 127 HOH HOH B . 
H 2 HOH 16 116 10  HOH HOH B . 
H 2 HOH 17 117 108 HOH HOH B . 
H 2 HOH 18 118 181 HOH HOH B . 
H 2 HOH 19 119 279 HOH HOH B . 
H 2 HOH 20 120 269 HOH HOH B . 
H 2 HOH 21 121 47  HOH HOH B . 
H 2 HOH 22 122 309 HOH HOH B . 
H 2 HOH 23 123 45  HOH HOH B . 
H 2 HOH 24 124 13  HOH HOH B . 
H 2 HOH 25 125 61  HOH HOH B . 
H 2 HOH 26 126 224 HOH HOH B . 
H 2 HOH 27 127 207 HOH HOH B . 
H 2 HOH 28 128 244 HOH HOH B . 
H 2 HOH 29 129 232 HOH HOH B . 
H 2 HOH 30 130 167 HOH HOH B . 
H 2 HOH 31 131 260 HOH HOH B . 
H 2 HOH 32 132 245 HOH HOH B . 
H 2 HOH 33 133 225 HOH HOH B . 
H 2 HOH 34 134 240 HOH HOH B . 
H 2 HOH 35 135 231 HOH HOH B . 
H 2 HOH 36 136 142 HOH HOH B . 
H 2 HOH 37 137 300 HOH HOH B . 
H 2 HOH 38 138 146 HOH HOH B . 
H 2 HOH 39 139 315 HOH HOH B . 
H 2 HOH 40 140 206 HOH HOH B . 
H 2 HOH 41 141 171 HOH HOH B . 
H 2 HOH 42 142 166 HOH HOH B . 
H 2 HOH 43 143 255 HOH HOH B . 
H 2 HOH 44 144 70  HOH HOH B . 
H 2 HOH 45 145 216 HOH HOH B . 
H 2 HOH 46 146 194 HOH HOH B . 
H 2 HOH 47 147 132 HOH HOH B . 
I 2 HOH 1  101 282 HOH HOH C . 
I 2 HOH 2  102 291 HOH HOH C . 
I 2 HOH 3  103 228 HOH HOH C . 
I 2 HOH 4  104 220 HOH HOH C . 
I 2 HOH 5  105 261 HOH HOH C . 
I 2 HOH 6  106 65  HOH HOH C . 
I 2 HOH 7  107 148 HOH HOH C . 
I 2 HOH 8  108 305 HOH HOH C . 
I 2 HOH 9  109 31  HOH HOH C . 
I 2 HOH 10 110 196 HOH HOH C . 
I 2 HOH 11 111 149 HOH HOH C . 
I 2 HOH 12 112 209 HOH HOH C . 
I 2 HOH 13 113 48  HOH HOH C . 
I 2 HOH 14 114 99  HOH HOH C . 
I 2 HOH 15 115 74  HOH HOH C . 
I 2 HOH 16 116 18  HOH HOH C . 
I 2 HOH 17 117 84  HOH HOH C . 
I 2 HOH 18 118 77  HOH HOH C . 
I 2 HOH 19 119 136 HOH HOH C . 
I 2 HOH 20 120 16  HOH HOH C . 
I 2 HOH 21 121 304 HOH HOH C . 
I 2 HOH 22 122 265 HOH HOH C . 
I 2 HOH 23 123 121 HOH HOH C . 
I 2 HOH 24 124 8   HOH HOH C . 
I 2 HOH 25 125 107 HOH HOH C . 
I 2 HOH 26 126 19  HOH HOH C . 
I 2 HOH 27 127 34  HOH HOH C . 
I 2 HOH 28 128 250 HOH HOH C . 
I 2 HOH 29 129 66  HOH HOH C . 
I 2 HOH 30 130 87  HOH HOH C . 
I 2 HOH 31 131 88  HOH HOH C . 
I 2 HOH 32 132 242 HOH HOH C . 
I 2 HOH 33 133 184 HOH HOH C . 
I 2 HOH 34 134 310 HOH HOH C . 
I 2 HOH 35 135 287 HOH HOH C . 
I 2 HOH 36 136 188 HOH HOH C . 
I 2 HOH 37 137 90  HOH HOH C . 
I 2 HOH 38 138 100 HOH HOH C . 
I 2 HOH 39 139 278 HOH HOH C . 
I 2 HOH 40 140 275 HOH HOH C . 
I 2 HOH 41 141 239 HOH HOH C . 
I 2 HOH 42 142 210 HOH HOH C . 
I 2 HOH 43 143 235 HOH HOH C . 
I 2 HOH 44 144 46  HOH HOH C . 
I 2 HOH 45 145 64  HOH HOH C . 
I 2 HOH 46 146 38  HOH HOH C . 
I 2 HOH 47 147 109 HOH HOH C . 
J 2 HOH 1  101 117 HOH HOH D . 
J 2 HOH 2  102 266 HOH HOH D . 
J 2 HOH 3  103 308 HOH HOH D . 
J 2 HOH 4  104 106 HOH HOH D . 
J 2 HOH 5  105 243 HOH HOH D . 
J 2 HOH 6  106 160 HOH HOH D . 
J 2 HOH 7  107 32  HOH HOH D . 
J 2 HOH 8  108 83  HOH HOH D . 
J 2 HOH 9  109 152 HOH HOH D . 
J 2 HOH 10 110 286 HOH HOH D . 
J 2 HOH 11 111 22  HOH HOH D . 
J 2 HOH 12 112 60  HOH HOH D . 
J 2 HOH 13 113 26  HOH HOH D . 
J 2 HOH 14 114 91  HOH HOH D . 
J 2 HOH 15 115 252 HOH HOH D . 
J 2 HOH 16 116 29  HOH HOH D . 
J 2 HOH 17 117 35  HOH HOH D . 
J 2 HOH 18 118 172 HOH HOH D . 
J 2 HOH 19 119 9   HOH HOH D . 
J 2 HOH 20 120 49  HOH HOH D . 
J 2 HOH 21 121 96  HOH HOH D . 
J 2 HOH 22 122 25  HOH HOH D . 
J 2 HOH 23 123 110 HOH HOH D . 
J 2 HOH 24 124 5   HOH HOH D . 
J 2 HOH 25 125 30  HOH HOH D . 
J 2 HOH 26 126 131 HOH HOH D . 
J 2 HOH 27 127 223 HOH HOH D . 
J 2 HOH 28 128 212 HOH HOH D . 
J 2 HOH 29 129 67  HOH HOH D . 
J 2 HOH 30 130 159 HOH HOH D . 
J 2 HOH 31 131 164 HOH HOH D . 
J 2 HOH 32 132 238 HOH HOH D . 
J 2 HOH 33 133 271 HOH HOH D . 
J 2 HOH 34 134 281 HOH HOH D . 
J 2 HOH 35 135 118 HOH HOH D . 
J 2 HOH 36 136 290 HOH HOH D . 
J 2 HOH 37 137 215 HOH HOH D . 
J 2 HOH 38 138 277 HOH HOH D . 
J 2 HOH 39 139 219 HOH HOH D . 
J 2 HOH 40 140 307 HOH HOH D . 
J 2 HOH 41 141 119 HOH HOH D . 
J 2 HOH 42 142 128 HOH HOH D . 
J 2 HOH 43 143 54  HOH HOH D . 
J 2 HOH 44 144 197 HOH HOH D . 
J 2 HOH 45 145 293 HOH HOH D . 
J 2 HOH 46 146 193 HOH HOH D . 
J 2 HOH 47 147 50  HOH HOH D . 
J 2 HOH 48 148 284 HOH HOH D . 
J 2 HOH 49 149 311 HOH HOH D . 
J 2 HOH 50 150 213 HOH HOH D . 
J 2 HOH 51 151 191 HOH HOH D . 
K 2 HOH 1  101 101 HOH HOH E . 
K 2 HOH 2  102 69  HOH HOH E . 
K 2 HOH 3  103 234 HOH HOH E . 
K 2 HOH 4  104 14  HOH HOH E . 
K 2 HOH 5  105 43  HOH HOH E . 
K 2 HOH 6  106 161 HOH HOH E . 
K 2 HOH 7  107 276 HOH HOH E . 
K 2 HOH 8  108 51  HOH HOH E . 
K 2 HOH 9  109 80  HOH HOH E . 
K 2 HOH 10 110 28  HOH HOH E . 
K 2 HOH 11 111 218 HOH HOH E . 
K 2 HOH 12 112 236 HOH HOH E . 
K 2 HOH 13 113 156 HOH HOH E . 
K 2 HOH 14 114 62  HOH HOH E . 
K 2 HOH 15 115 198 HOH HOH E . 
K 2 HOH 16 116 81  HOH HOH E . 
K 2 HOH 17 117 122 HOH HOH E . 
K 2 HOH 18 118 113 HOH HOH E . 
K 2 HOH 19 119 24  HOH HOH E . 
K 2 HOH 20 120 226 HOH HOH E . 
K 2 HOH 21 121 79  HOH HOH E . 
K 2 HOH 22 122 89  HOH HOH E . 
K 2 HOH 23 123 7   HOH HOH E . 
K 2 HOH 24 124 217 HOH HOH E . 
K 2 HOH 25 125 150 HOH HOH E . 
K 2 HOH 26 126 178 HOH HOH E . 
K 2 HOH 27 127 6   HOH HOH E . 
K 2 HOH 28 128 40  HOH HOH E . 
K 2 HOH 29 129 1   HOH HOH E . 
K 2 HOH 30 130 104 HOH HOH E . 
K 2 HOH 31 131 285 HOH HOH E . 
K 2 HOH 32 132 141 HOH HOH E . 
K 2 HOH 33 133 23  HOH HOH E . 
K 2 HOH 34 134 130 HOH HOH E . 
K 2 HOH 35 135 302 HOH HOH E . 
K 2 HOH 36 136 86  HOH HOH E . 
K 2 HOH 37 137 241 HOH HOH E . 
K 2 HOH 38 138 129 HOH HOH E . 
K 2 HOH 39 139 268 HOH HOH E . 
K 2 HOH 40 140 200 HOH HOH E . 
K 2 HOH 41 141 222 HOH HOH E . 
K 2 HOH 42 142 273 HOH HOH E . 
K 2 HOH 43 143 259 HOH HOH E . 
K 2 HOH 44 144 253 HOH HOH E . 
K 2 HOH 45 145 154 HOH HOH E . 
K 2 HOH 46 146 151 HOH HOH E . 
K 2 HOH 47 147 175 HOH HOH E . 
K 2 HOH 48 148 138 HOH HOH E . 
K 2 HOH 49 149 280 HOH HOH E . 
K 2 HOH 50 150 55  HOH HOH E . 
K 2 HOH 51 151 135 HOH HOH E . 
K 2 HOH 52 152 195 HOH HOH E . 
K 2 HOH 53 153 214 HOH HOH E . 
K 2 HOH 54 154 263 HOH HOH E . 
K 2 HOH 55 155 21  HOH HOH E . 
K 2 HOH 56 156 36  HOH HOH E . 
K 2 HOH 57 157 56  HOH HOH E . 
K 2 HOH 58 158 204 HOH HOH E . 
K 2 HOH 59 159 174 HOH HOH E . 
K 2 HOH 60 160 189 HOH HOH E . 
L 2 HOH 1  101 299 HOH HOH F . 
L 2 HOH 2  102 313 HOH HOH F . 
L 2 HOH 3  103 143 HOH HOH F . 
L 2 HOH 4  104 103 HOH HOH F . 
L 2 HOH 5  105 303 HOH HOH F . 
L 2 HOH 6  106 182 HOH HOH F . 
L 2 HOH 7  107 248 HOH HOH F . 
L 2 HOH 8  108 155 HOH HOH F . 
L 2 HOH 9  109 98  HOH HOH F . 
L 2 HOH 10 110 85  HOH HOH F . 
L 2 HOH 11 111 20  HOH HOH F . 
L 2 HOH 12 112 41  HOH HOH F . 
L 2 HOH 13 113 71  HOH HOH F . 
L 2 HOH 14 114 124 HOH HOH F . 
L 2 HOH 15 115 295 HOH HOH F . 
L 2 HOH 16 116 112 HOH HOH F . 
L 2 HOH 17 117 68  HOH HOH F . 
L 2 HOH 18 118 153 HOH HOH F . 
L 2 HOH 19 119 120 HOH HOH F . 
L 2 HOH 20 120 258 HOH HOH F . 
L 2 HOH 21 121 227 HOH HOH F . 
L 2 HOH 22 122 44  HOH HOH F . 
L 2 HOH 23 123 59  HOH HOH F . 
L 2 HOH 24 124 185 HOH HOH F . 
L 2 HOH 25 125 177 HOH HOH F . 
L 2 HOH 26 126 133 HOH HOH F . 
L 2 HOH 27 127 15  HOH HOH F . 
L 2 HOH 28 128 42  HOH HOH F . 
L 2 HOH 29 129 257 HOH HOH F . 
L 2 HOH 30 130 17  HOH HOH F . 
L 2 HOH 31 131 3   HOH HOH F . 
L 2 HOH 32 132 73  HOH HOH F . 
L 2 HOH 33 133 52  HOH HOH F . 
L 2 HOH 34 134 170 HOH HOH F . 
L 2 HOH 35 135 116 HOH HOH F . 
L 2 HOH 36 136 288 HOH HOH F . 
L 2 HOH 37 137 230 HOH HOH F . 
L 2 HOH 38 138 229 HOH HOH F . 
L 2 HOH 39 139 316 HOH HOH F . 
L 2 HOH 40 140 298 HOH HOH F . 
L 2 HOH 41 141 292 HOH HOH F . 
L 2 HOH 42 142 254 HOH HOH F . 
L 2 HOH 43 143 158 HOH HOH F . 
L 2 HOH 44 144 203 HOH HOH F . 
L 2 HOH 45 145 262 HOH HOH F . 
L 2 HOH 46 146 314 HOH HOH F . 
L 2 HOH 47 147 251 HOH HOH F . 
L 2 HOH 48 148 246 HOH HOH F . 
L 2 HOH 49 149 157 HOH HOH F . 
L 2 HOH 50 150 312 HOH HOH F . 
L 2 HOH 51 151 289 HOH HOH F . 
L 2 HOH 52 152 301 HOH HOH F . 
L 2 HOH 53 153 306 HOH HOH F . 
L 2 HOH 54 154 221 HOH HOH F . 
L 2 HOH 55 155 97  HOH HOH F . 
L 2 HOH 56 156 53  HOH HOH F . 
L 2 HOH 57 157 169 HOH HOH F . 
L 2 HOH 58 158 211 HOH HOH F . 
L 2 HOH 59 159 94  HOH HOH F . 
# 
loop_
_software.citation_id 
_software.classification 
_software.compiler_name 
_software.compiler_version 
_software.contact_author 
_software.contact_author_email 
_software.date 
_software.description 
_software.dependencies 
_software.hardware 
_software.language 
_software.location 
_software.mods 
_software.name 
_software.os 
_software.os_version 
_software.type 
_software.version 
_software.pdbx_ordinal 
? refinement       ? ? ? ? ? ? ? ? ? ? ? REFMAC  ? ? ? 5.8.0425 1 
? 'data reduction' ? ? ? ? ? ? ? ? ? ? ? XDS     ? ? ? .        2 
? 'data scaling'   ? ? ? ? ? ? ? ? ? ? ? Aimless ? ? ? .        3 
? phasing          ? ? ? ? ? ? ? ? ? ? ? PHASER  ? ? ? .        4 
# 
_cell.angle_alpha                  85.905 
_cell.angle_alpha_esd              ? 
_cell.angle_beta                   88.974 
_cell.angle_beta_esd               ? 
_cell.angle_gamma                  88.347 
_cell.angle_gamma_esd              ? 
_cell.entry_id                     8ZMO 
_cell.details                      ? 
_cell.formula_units_Z              ? 
_cell.length_a                     14.210 
_cell.length_a_esd                 ? 
_cell.length_b                     26.373 
_cell.length_b_esd                 ? 
_cell.length_c                     80.611 
_cell.length_c_esd                 ? 
_cell.volume                       ? 
_cell.volume_esd                   ? 
_cell.Z_PDB                        6 
_cell.reciprocal_angle_alpha       ? 
_cell.reciprocal_angle_beta        ? 
_cell.reciprocal_angle_gamma       ? 
_cell.reciprocal_angle_alpha_esd   ? 
_cell.reciprocal_angle_beta_esd    ? 
_cell.reciprocal_angle_gamma_esd   ? 
_cell.reciprocal_length_a          ? 
_cell.reciprocal_length_b          ? 
_cell.reciprocal_length_c          ? 
_cell.reciprocal_length_a_esd      ? 
_cell.reciprocal_length_b_esd      ? 
_cell.reciprocal_length_c_esd      ? 
_cell.pdbx_unique_axis             ? 
_cell.pdbx_esd_method              ? 
# 
_symmetry.entry_id                         8ZMO 
_symmetry.cell_setting                     ? 
_symmetry.Int_Tables_number                1 
_symmetry.space_group_name_Hall            ? 
_symmetry.space_group_name_H-M             'P 1' 
_symmetry.pdbx_full_space_group_name_H-M   ? 
# 
_exptl.absorpt_coefficient_mu     ? 
_exptl.absorpt_correction_T_max   ? 
_exptl.absorpt_correction_T_min   ? 
_exptl.absorpt_correction_type    ? 
_exptl.absorpt_process_details    ? 
_exptl.entry_id                   8ZMO 
_exptl.crystals_number            1 
_exptl.details                    ? 
_exptl.method                     'X-RAY DIFFRACTION' 
_exptl.method_details             ? 
# 
_exptl_crystal.colour                       ? 
_exptl_crystal.density_diffrn               ? 
_exptl_crystal.density_Matthews             1.83 
_exptl_crystal.density_method               ? 
_exptl_crystal.density_percent_sol          32.86 
_exptl_crystal.description                  ? 
_exptl_crystal.F_000                        ? 
_exptl_crystal.id                           1 
_exptl_crystal.preparation                  ? 
_exptl_crystal.size_max                     ? 
_exptl_crystal.size_mid                     ? 
_exptl_crystal.size_min                     ? 
_exptl_crystal.size_rad                     ? 
_exptl_crystal.colour_lustre                ? 
_exptl_crystal.colour_modifier              ? 
_exptl_crystal.colour_primary               ? 
_exptl_crystal.density_meas                 ? 
_exptl_crystal.density_meas_esd             ? 
_exptl_crystal.density_meas_gt              ? 
_exptl_crystal.density_meas_lt              ? 
_exptl_crystal.density_meas_temp            ? 
_exptl_crystal.density_meas_temp_esd        ? 
_exptl_crystal.density_meas_temp_gt         ? 
_exptl_crystal.density_meas_temp_lt         ? 
_exptl_crystal.pdbx_crystal_image_url       ? 
_exptl_crystal.pdbx_crystal_image_format    ? 
_exptl_crystal.pdbx_mosaicity               ? 
_exptl_crystal.pdbx_mosaicity_esd           ? 
_exptl_crystal.pdbx_mosaic_method           ? 
_exptl_crystal.pdbx_mosaic_block_size       ? 
_exptl_crystal.pdbx_mosaic_block_size_esd   ? 
# 
_exptl_crystal_grow.apparatus       ? 
_exptl_crystal_grow.atmosphere      ? 
_exptl_crystal_grow.crystal_id      1 
_exptl_crystal_grow.details         ? 
_exptl_crystal_grow.method          'VAPOR DIFFUSION, SITTING DROP' 
_exptl_crystal_grow.method_ref      ? 
_exptl_crystal_grow.pH              ? 
_exptl_crystal_grow.pressure        ? 
_exptl_crystal_grow.pressure_esd    ? 
_exptl_crystal_grow.seeding         ? 
_exptl_crystal_grow.seeding_ref     ? 
_exptl_crystal_grow.temp_details    ? 
_exptl_crystal_grow.temp_esd        ? 
_exptl_crystal_grow.time            ? 
_exptl_crystal_grow.pdbx_details    'Index-F11 (0.2M NaCl, 0.1M Bis-Tris pH6.5, 25% PEG 3350)' 
_exptl_crystal_grow.pdbx_pH_range   ? 
_exptl_crystal_grow.temp            293 
# 
_diffrn.ambient_environment              ? 
_diffrn.ambient_temp                     100 
_diffrn.ambient_temp_details             ? 
_diffrn.ambient_temp_esd                 ? 
_diffrn.crystal_id                       1 
_diffrn.crystal_support                  ? 
_diffrn.crystal_treatment                ? 
_diffrn.details                          ? 
_diffrn.id                               1 
_diffrn.ambient_pressure                 ? 
_diffrn.ambient_pressure_esd             ? 
_diffrn.ambient_pressure_gt              ? 
_diffrn.ambient_pressure_lt              ? 
_diffrn.ambient_temp_gt                  ? 
_diffrn.ambient_temp_lt                  ? 
_diffrn.pdbx_serial_crystal_experiment   N 
# 
_diffrn_detector.details                      ? 
_diffrn_detector.detector                     PIXEL 
_diffrn_detector.diffrn_id                    1 
_diffrn_detector.type                         'DECTRIS EIGER X 9M' 
_diffrn_detector.area_resol_mean              ? 
_diffrn_detector.dtime                        ? 
_diffrn_detector.pdbx_frames_total            ? 
_diffrn_detector.pdbx_collection_time_total   ? 
_diffrn_detector.pdbx_collection_date         2024-03-30 
_diffrn_detector.pdbx_frequency               ? 
_diffrn_detector.id                           ? 
_diffrn_detector.number_of_axes               ? 
# 
_diffrn_radiation.collimation                      ? 
_diffrn_radiation.diffrn_id                        1 
_diffrn_radiation.filter_edge                      ? 
_diffrn_radiation.inhomogeneity                    ? 
_diffrn_radiation.monochromator                    ? 
_diffrn_radiation.polarisn_norm                    ? 
_diffrn_radiation.polarisn_ratio                   ? 
_diffrn_radiation.probe                            ? 
_diffrn_radiation.type                             ? 
_diffrn_radiation.xray_symbol                      ? 
_diffrn_radiation.wavelength_id                    1 
_diffrn_radiation.pdbx_monochromatic_or_laue_m_l   M 
_diffrn_radiation.pdbx_wavelength_list             ? 
_diffrn_radiation.pdbx_wavelength                  ? 
_diffrn_radiation.pdbx_diffrn_protocol             'SINGLE WAVELENGTH' 
_diffrn_radiation.pdbx_analyzer                    ? 
_diffrn_radiation.pdbx_scattering_type             x-ray 
# 
_diffrn_radiation_wavelength.id           1 
_diffrn_radiation_wavelength.wavelength   0.95300 
_diffrn_radiation_wavelength.wt           1.0 
# 
_diffrn_source.current                     ? 
_diffrn_source.details                     ? 
_diffrn_source.diffrn_id                   1 
_diffrn_source.power                       ? 
_diffrn_source.size                        ? 
_diffrn_source.source                      SYNCHROTRON 
_diffrn_source.target                      ? 
_diffrn_source.type                        'CLSI BEAMLINE 08ID-1' 
_diffrn_source.voltage                     ? 
_diffrn_source.take-off_angle              ? 
_diffrn_source.pdbx_wavelength_list        0.95300 
_diffrn_source.pdbx_wavelength             ? 
_diffrn_source.pdbx_synchrotron_beamline   08ID-1 
_diffrn_source.pdbx_synchrotron_site       CLSI 
# 
_reflns.B_iso_Wilson_estimate                          ? 
_reflns.entry_id                                       8ZMO 
_reflns.data_reduction_details                         ? 
_reflns.data_reduction_method                          ? 
_reflns.d_resolution_high                              1.45 
_reflns.d_resolution_low                               40.20 
_reflns.details                                        ? 
_reflns.limit_h_max                                    ? 
_reflns.limit_h_min                                    ? 
_reflns.limit_k_max                                    ? 
_reflns.limit_k_min                                    ? 
_reflns.limit_l_max                                    ? 
_reflns.limit_l_min                                    ? 
_reflns.number_all                                     ? 
_reflns.number_obs                                     19828 
_reflns.observed_criterion                             ? 
_reflns.observed_criterion_F_max                       ? 
_reflns.observed_criterion_F_min                       ? 
_reflns.observed_criterion_I_max                       ? 
_reflns.observed_criterion_I_min                       ? 
_reflns.observed_criterion_sigma_F                     ? 
_reflns.observed_criterion_sigma_I                     ? 
_reflns.percent_possible_obs                           95.8 
_reflns.R_free_details                                 ? 
_reflns.Rmerge_F_all                                   ? 
_reflns.Rmerge_F_obs                                   ? 
_reflns.Friedel_coverage                               ? 
_reflns.number_gt                                      ? 
_reflns.threshold_expression                           ? 
_reflns.pdbx_redundancy                                3.5 
_reflns.pdbx_netI_over_av_sigmaI                       ? 
_reflns.pdbx_netI_over_sigmaI                          8.3 
_reflns.pdbx_res_netI_over_av_sigmaI_2                 ? 
_reflns.pdbx_res_netI_over_sigmaI_2                    ? 
_reflns.pdbx_chi_squared                               ? 
_reflns.pdbx_scaling_rejects                           ? 
_reflns.pdbx_d_res_high_opt                            ? 
_reflns.pdbx_d_res_low_opt                             ? 
_reflns.pdbx_d_res_opt_method                          ? 
_reflns.phase_calculation_details                      ? 
_reflns.pdbx_Rrim_I_all                                ? 
_reflns.pdbx_Rpim_I_all                                ? 
_reflns.pdbx_d_opt                                     ? 
_reflns.pdbx_number_measured_all                       ? 
_reflns.pdbx_diffrn_id                                 1 
_reflns.pdbx_ordinal                                   1 
_reflns.pdbx_CC_half                                   0.995 
_reflns.pdbx_CC_star                                   ? 
_reflns.pdbx_R_split                                   ? 
_reflns.pdbx_Rmerge_I_obs                              ? 
_reflns.pdbx_Rmerge_I_all                              ? 
_reflns.pdbx_Rsym_value                                ? 
_reflns.pdbx_CC_split_method                           ? 
_reflns.pdbx_aniso_diffraction_limit_axis_1_ortho[1]   ? 
_reflns.pdbx_aniso_diffraction_limit_axis_1_ortho[2]   ? 
_reflns.pdbx_aniso_diffraction_limit_axis_1_ortho[3]   ? 
_reflns.pdbx_aniso_diffraction_limit_axis_2_ortho[1]   ? 
_reflns.pdbx_aniso_diffraction_limit_axis_2_ortho[2]   ? 
_reflns.pdbx_aniso_diffraction_limit_axis_2_ortho[3]   ? 
_reflns.pdbx_aniso_diffraction_limit_axis_3_ortho[1]   ? 
_reflns.pdbx_aniso_diffraction_limit_axis_3_ortho[2]   ? 
_reflns.pdbx_aniso_diffraction_limit_axis_3_ortho[3]   ? 
_reflns.pdbx_aniso_diffraction_limit_1                 ? 
_reflns.pdbx_aniso_diffraction_limit_2                 ? 
_reflns.pdbx_aniso_diffraction_limit_3                 ? 
_reflns.pdbx_aniso_B_tensor_eigenvector_1_ortho[1]     ? 
_reflns.pdbx_aniso_B_tensor_eigenvector_1_ortho[2]     ? 
_reflns.pdbx_aniso_B_tensor_eigenvector_1_ortho[3]     ? 
_reflns.pdbx_aniso_B_tensor_eigenvector_2_ortho[1]     ? 
_reflns.pdbx_aniso_B_tensor_eigenvector_2_ortho[2]     ? 
_reflns.pdbx_aniso_B_tensor_eigenvector_2_ortho[3]     ? 
_reflns.pdbx_aniso_B_tensor_eigenvector_3_ortho[1]     ? 
_reflns.pdbx_aniso_B_tensor_eigenvector_3_ortho[2]     ? 
_reflns.pdbx_aniso_B_tensor_eigenvector_3_ortho[3]     ? 
_reflns.pdbx_aniso_B_tensor_eigenvalue_1               ? 
_reflns.pdbx_aniso_B_tensor_eigenvalue_2               ? 
_reflns.pdbx_aniso_B_tensor_eigenvalue_3               ? 
_reflns.pdbx_orthogonalization_convention              ? 
_reflns.pdbx_percent_possible_ellipsoidal              ? 
_reflns.pdbx_percent_possible_spherical                ? 
_reflns.pdbx_percent_possible_ellipsoidal_anomalous    ? 
_reflns.pdbx_percent_possible_spherical_anomalous      ? 
_reflns.pdbx_redundancy_anomalous                      ? 
_reflns.pdbx_CC_half_anomalous                         ? 
_reflns.pdbx_absDiff_over_sigma_anomalous              ? 
_reflns.pdbx_percent_possible_anomalous                ? 
_reflns.pdbx_observed_signal_threshold                 ? 
_reflns.pdbx_signal_type                               ? 
_reflns.pdbx_signal_details                            ? 
_reflns.pdbx_signal_software_id                        ? 
# 
_reflns_shell.d_res_high                                    1.45 
_reflns_shell.d_res_low                                     1.47 
_reflns_shell.meanI_over_sigI_all                           ? 
_reflns_shell.meanI_over_sigI_obs                           ? 
_reflns_shell.number_measured_all                           ? 
_reflns_shell.number_measured_obs                           ? 
_reflns_shell.number_possible                               ? 
_reflns_shell.number_unique_all                             ? 
_reflns_shell.number_unique_obs                             973 
_reflns_shell.percent_possible_obs                          ? 
_reflns_shell.Rmerge_F_all                                  ? 
_reflns_shell.Rmerge_F_obs                                  ? 
_reflns_shell.meanI_over_sigI_gt                            ? 
_reflns_shell.meanI_over_uI_all                             ? 
_reflns_shell.meanI_over_uI_gt                              ? 
_reflns_shell.number_measured_gt                            ? 
_reflns_shell.number_unique_gt                              ? 
_reflns_shell.percent_possible_gt                           ? 
_reflns_shell.Rmerge_F_gt                                   ? 
_reflns_shell.Rmerge_I_gt                                   ? 
_reflns_shell.pdbx_redundancy                               ? 
_reflns_shell.pdbx_chi_squared                              ? 
_reflns_shell.pdbx_netI_over_sigmaI_all                     ? 
_reflns_shell.pdbx_netI_over_sigmaI_obs                     ? 
_reflns_shell.pdbx_Rrim_I_all                               ? 
_reflns_shell.pdbx_Rpim_I_all                               ? 
_reflns_shell.pdbx_rejects                                  ? 
_reflns_shell.pdbx_ordinal                                  1 
_reflns_shell.pdbx_diffrn_id                                1 
_reflns_shell.pdbx_CC_half                                  0.899 
_reflns_shell.pdbx_CC_star                                  ? 
_reflns_shell.pdbx_R_split                                  ? 
_reflns_shell.percent_possible_all                          ? 
_reflns_shell.Rmerge_I_all                                  ? 
_reflns_shell.Rmerge_I_obs                                  ? 
_reflns_shell.pdbx_Rsym_value                               ? 
_reflns_shell.pdbx_percent_possible_ellipsoidal             ? 
_reflns_shell.pdbx_percent_possible_spherical               ? 
_reflns_shell.pdbx_percent_possible_ellipsoidal_anomalous   ? 
_reflns_shell.pdbx_percent_possible_spherical_anomalous     ? 
_reflns_shell.pdbx_redundancy_anomalous                     ? 
_reflns_shell.pdbx_CC_half_anomalous                        ? 
_reflns_shell.pdbx_absDiff_over_sigma_anomalous             ? 
_reflns_shell.pdbx_percent_possible_anomalous               ? 
# 
_refine.aniso_B[1][1]                            -0.180 
_refine.aniso_B[1][2]                            -0.157 
_refine.aniso_B[1][3]                            0.080 
_refine.aniso_B[2][2]                            0.007 
_refine.aniso_B[2][3]                            -0.797 
_refine.aniso_B[3][3]                            0.054 
_refine.B_iso_max                                ? 
_refine.B_iso_mean                               14.451 
_refine.B_iso_min                                ? 
_refine.correlation_coeff_Fo_to_Fc               0.977 
_refine.correlation_coeff_Fo_to_Fc_free          0.963 
_refine.details                                  'Hydrogens have been added in their riding positions' 
_refine.diff_density_max                         ? 
_refine.diff_density_max_esd                     ? 
_refine.diff_density_min                         ? 
_refine.diff_density_min_esd                     ? 
_refine.diff_density_rms                         ? 
_refine.diff_density_rms_esd                     ? 
_refine.entry_id                                 8ZMO 
_refine.pdbx_refine_id                           'X-RAY DIFFRACTION' 
_refine.ls_abs_structure_details                 ? 
_refine.ls_abs_structure_Flack                   ? 
_refine.ls_abs_structure_Flack_esd               ? 
_refine.ls_abs_structure_Rogers                  ? 
_refine.ls_abs_structure_Rogers_esd              ? 
_refine.ls_d_res_high                            1.450 
_refine.ls_d_res_low                             40.198 
_refine.ls_extinction_coef                       ? 
_refine.ls_extinction_coef_esd                   ? 
_refine.ls_extinction_expression                 ? 
_refine.ls_extinction_method                     ? 
_refine.ls_goodness_of_fit_all                   ? 
_refine.ls_goodness_of_fit_all_esd               ? 
_refine.ls_goodness_of_fit_obs                   ? 
_refine.ls_goodness_of_fit_obs_esd               ? 
_refine.ls_hydrogen_treatment                    ? 
_refine.ls_matrix_type                           ? 
_refine.ls_number_constraints                    ? 
_refine.ls_number_parameters                     ? 
_refine.ls_number_reflns_all                     ? 
_refine.ls_number_reflns_obs                     19781 
_refine.ls_number_reflns_R_free                  1045 
_refine.ls_number_reflns_R_work                  18736 
_refine.ls_number_restraints                     ? 
_refine.ls_percent_reflns_obs                    95.616 
_refine.ls_percent_reflns_R_free                 5.283 
_refine.ls_R_factor_all                          0.169 
_refine.ls_R_factor_obs                          ? 
_refine.ls_R_factor_R_free                       0.2117 
_refine.ls_R_factor_R_free_error                 ? 
_refine.ls_R_factor_R_free_error_details         ? 
_refine.ls_R_factor_R_work                       0.1664 
_refine.ls_R_Fsqd_factor_obs                     ? 
_refine.ls_R_I_factor_obs                        ? 
_refine.ls_redundancy_reflns_all                 ? 
_refine.ls_redundancy_reflns_obs                 ? 
_refine.ls_restrained_S_all                      ? 
_refine.ls_restrained_S_obs                      ? 
_refine.ls_shift_over_esd_max                    ? 
_refine.ls_shift_over_esd_mean                   ? 
_refine.ls_structure_factor_coef                 ? 
_refine.ls_weighting_details                     ? 
_refine.ls_weighting_scheme                      ? 
_refine.ls_wR_factor_all                         ? 
_refine.ls_wR_factor_obs                         ? 
_refine.ls_wR_factor_R_free                      ? 
_refine.ls_wR_factor_R_work                      ? 
_refine.occupancy_max                            ? 
_refine.occupancy_min                            ? 
_refine.solvent_model_details                    'MASK BULK SOLVENT' 
_refine.solvent_model_param_bsol                 ? 
_refine.solvent_model_param_ksol                 ? 
_refine.pdbx_R_complete                          ? 
_refine.ls_R_factor_gt                           ? 
_refine.ls_goodness_of_fit_gt                    ? 
_refine.ls_goodness_of_fit_ref                   ? 
_refine.ls_shift_over_su_max                     ? 
_refine.ls_shift_over_su_max_lt                  ? 
_refine.ls_shift_over_su_mean                    ? 
_refine.ls_shift_over_su_mean_lt                 ? 
_refine.pdbx_ls_sigma_I                          ? 
_refine.pdbx_ls_sigma_F                          ? 
_refine.pdbx_ls_sigma_Fsqd                       ? 
_refine.pdbx_data_cutoff_high_absF               ? 
_refine.pdbx_data_cutoff_high_rms_absF           ? 
_refine.pdbx_data_cutoff_low_absF                ? 
_refine.pdbx_isotropic_thermal_model             ? 
_refine.pdbx_ls_cross_valid_method               'FREE R-VALUE' 
_refine.pdbx_method_to_determine_struct          'MOLECULAR REPLACEMENT' 
_refine.pdbx_starting_model                      ? 
_refine.pdbx_stereochemistry_target_values       ? 
_refine.pdbx_R_Free_selection_details            ? 
_refine.pdbx_stereochem_target_val_spec_case     ? 
_refine.pdbx_overall_ESU_R                       0.084 
_refine.pdbx_overall_ESU_R_Free                  0.089 
_refine.pdbx_solvent_vdw_probe_radii             1.200 
_refine.pdbx_solvent_ion_probe_radii             0.800 
_refine.pdbx_solvent_shrinkage_radii             0.800 
_refine.pdbx_real_space_R                        ? 
_refine.pdbx_density_correlation                 ? 
_refine.pdbx_pd_number_of_powder_patterns        ? 
_refine.pdbx_pd_number_of_points                 ? 
_refine.pdbx_pd_meas_number_of_points            ? 
_refine.pdbx_pd_proc_ls_prof_R_factor            ? 
_refine.pdbx_pd_proc_ls_prof_wR_factor           ? 
_refine.pdbx_pd_Marquardt_correlation_coeff      ? 
_refine.pdbx_pd_Fsqrd_R_factor                   ? 
_refine.pdbx_pd_ls_matrix_band_width             ? 
_refine.pdbx_overall_phase_error                 ? 
_refine.pdbx_overall_SU_R_free_Cruickshank_DPI   ? 
_refine.pdbx_overall_SU_R_free_Blow_DPI          ? 
_refine.pdbx_overall_SU_R_Blow_DPI               ? 
_refine.pdbx_TLS_residual_ADP_flag               ? 
_refine.pdbx_diffrn_id                           1 
_refine.overall_SU_B                             1.369 
_refine.overall_SU_ML                            0.053 
_refine.overall_SU_R_Cruickshank_DPI             ? 
_refine.overall_SU_R_free                        ? 
_refine.overall_FOM_free_R_set                   ? 
_refine.overall_FOM_work_R_set                   ? 
_refine.pdbx_average_fsc_overall                 ? 
_refine.pdbx_average_fsc_work                    ? 
_refine.pdbx_average_fsc_free                    ? 
# 
_refine_hist.pdbx_refine_id                   'X-RAY DIFFRACTION' 
_refine_hist.cycle_id                         LAST 
_refine_hist.pdbx_number_atoms_protein        1143 
_refine_hist.pdbx_number_atoms_nucleic_acid   0 
_refine_hist.pdbx_number_atoms_ligand         0 
_refine_hist.number_atoms_solvent             316 
_refine_hist.number_atoms_total               1459 
_refine_hist.d_res_high                       1.450 
_refine_hist.d_res_low                        40.198 
# 
loop_
_refine_ls_restr.pdbx_refine_id 
_refine_ls_restr.criterion 
_refine_ls_restr.dev_ideal 
_refine_ls_restr.dev_ideal_target 
_refine_ls_restr.number 
_refine_ls_restr.rejects 
_refine_ls_restr.type 
_refine_ls_restr.weight 
_refine_ls_restr.pdbx_restraint_function 
'X-RAY DIFFRACTION' ? 0.010  0.012  1238 ? r_bond_refined_d               ? ? 
'X-RAY DIFFRACTION' ? 0.001  0.017  989  ? r_bond_other_d                 ? ? 
'X-RAY DIFFRACTION' ? 1.490  1.854  1778 ? r_angle_refined_deg            ? ? 
'X-RAY DIFFRACTION' ? 0.492  1.627  2494 ? r_angle_other_deg              ? ? 
'X-RAY DIFFRACTION' ? 5.404  5.000  171  ? r_dihedral_angle_1_deg         ? ? 
'X-RAY DIFFRACTION' ? 13.507 10.000 42   ? r_dihedral_angle_3_deg         ? ? 
'X-RAY DIFFRACTION' ? 22.612 10.000 12   ? r_dihedral_angle_6_deg         ? ? 
'X-RAY DIFFRACTION' ? 0.063  0.200  167  ? r_chiral_restr                 ? ? 
'X-RAY DIFFRACTION' ? 0.111  0.200  6    ? r_chiral_restr_other           ? ? 
'X-RAY DIFFRACTION' ? 0.007  0.020  1352 ? r_gen_planes_refined           ? ? 
'X-RAY DIFFRACTION' ? 0.000  0.020  88   ? r_gen_planes_other             ? ? 
'X-RAY DIFFRACTION' ? 0.199  0.200  440  ? r_nbd_refined                  ? ? 
'X-RAY DIFFRACTION' ? 0.180  0.200  912  ? r_symmetry_nbd_other           ? ? 
'X-RAY DIFFRACTION' ? 0.173  0.200  672  ? r_nbtor_refined                ? ? 
'X-RAY DIFFRACTION' ? 0.098  0.200  348  ? r_symmetry_nbtor_other         ? ? 
'X-RAY DIFFRACTION' ? 0.189  0.200  188  ? r_xyhbond_nbd_refined          ? ? 
'X-RAY DIFFRACTION' ? 0.146  0.200  13   ? r_symmetry_nbd_refined         ? ? 
'X-RAY DIFFRACTION' ? 0.171  0.200  72   ? r_nbd_other                    ? ? 
'X-RAY DIFFRACTION' ? 0.191  0.200  70   ? r_symmetry_xyhbond_nbd_refined ? ? 
'X-RAY DIFFRACTION' ? 2.464  1.456  702  ? r_mcbond_it                    ? ? 
'X-RAY DIFFRACTION' ? 2.463  1.456  702  ? r_mcbond_other                 ? ? 
'X-RAY DIFFRACTION' ? 3.749  2.569  867  ? r_mcangle_it                   ? ? 
'X-RAY DIFFRACTION' ? 3.748  2.573  868  ? r_mcangle_other                ? ? 
'X-RAY DIFFRACTION' ? 3.977  1.939  536  ? r_scbond_it                    ? ? 
'X-RAY DIFFRACTION' ? 3.974  1.942  537  ? r_scbond_other                 ? ? 
'X-RAY DIFFRACTION' ? 5.407  3.311  911  ? r_scangle_it                   ? ? 
'X-RAY DIFFRACTION' ? 5.404  3.313  912  ? r_scangle_other                ? ? 
'X-RAY DIFFRACTION' ? 6.383  24.712 1600 ? r_lrange_it                    ? ? 
'X-RAY DIFFRACTION' ? 6.073  18.541 1444 ? r_lrange_other                 ? ? 
'X-RAY DIFFRACTION' ? 0.081  0.050  501  ? r_ncsr_local_group_1           ? ? 
'X-RAY DIFFRACTION' ? 0.138  0.050  532  ? r_ncsr_local_group_2           ? ? 
'X-RAY DIFFRACTION' ? 0.085  0.050  505  ? r_ncsr_local_group_3           ? ? 
'X-RAY DIFFRACTION' ? 0.111  0.050  535  ? r_ncsr_local_group_4           ? ? 
'X-RAY DIFFRACTION' ? 0.091  0.050  499  ? r_ncsr_local_group_5           ? ? 
'X-RAY DIFFRACTION' ? 0.074  0.050  502  ? r_ncsr_local_group_6           ? ? 
'X-RAY DIFFRACTION' ? 0.063  0.050  478  ? r_ncsr_local_group_7           ? ? 
'X-RAY DIFFRACTION' ? 0.096  0.050  497  ? r_ncsr_local_group_8           ? ? 
'X-RAY DIFFRACTION' ? 0.074  0.050  521  ? r_ncsr_local_group_9           ? ? 
'X-RAY DIFFRACTION' ? 0.108  0.050  500  ? r_ncsr_local_group_10          ? ? 
'X-RAY DIFFRACTION' ? 0.129  0.050  532  ? r_ncsr_local_group_11          ? ? 
'X-RAY DIFFRACTION' ? 0.086  0.050  500  ? r_ncsr_local_group_12          ? ? 
'X-RAY DIFFRACTION' ? 0.106  0.050  497  ? r_ncsr_local_group_13          ? ? 
'X-RAY DIFFRACTION' ? 0.087  0.050  472  ? r_ncsr_local_group_14          ? ? 
'X-RAY DIFFRACTION' ? 0.105  0.050  495  ? r_ncsr_local_group_15          ? ? 
# 
loop_
_refine_ls_restr_ncs.pdbx_refine_id 
_refine_ls_restr_ncs.dom_id 
_refine_ls_restr_ncs.ncs_model_details 
_refine_ls_restr_ncs.rms_dev_B_iso 
_refine_ls_restr_ncs.rms_dev_position 
_refine_ls_restr_ncs.weight_B_iso 
_refine_ls_restr_ncs.weight_position 
_refine_ls_restr_ncs.pdbx_ordinal 
_refine_ls_restr_ncs.pdbx_type 
_refine_ls_restr_ncs.pdbx_asym_id 
_refine_ls_restr_ncs.pdbx_auth_asym_id 
_refine_ls_restr_ncs.pdbx_number 
_refine_ls_restr_ncs.pdbx_rms 
_refine_ls_restr_ncs.pdbx_weight 
_refine_ls_restr_ncs.pdbx_ens_id 
'X-RAY DIFFRACTION' 1  ? ? 0.08119 ? 0.05008 1  'Local ncs' ? A ? ? ? 1  
'X-RAY DIFFRACTION' 2  ? ? 0.08119 ? 0.05008 2  'Local ncs' ? A ? ? ? 1  
'X-RAY DIFFRACTION' 3  ? ? 0.13787 ? 0.05008 3  'Local ncs' ? A ? ? ? 2  
'X-RAY DIFFRACTION' 4  ? ? 0.13787 ? 0.05008 4  'Local ncs' ? A ? ? ? 2  
'X-RAY DIFFRACTION' 5  ? ? 0.08451 ? 0.05008 5  'Local ncs' ? A ? ? ? 3  
'X-RAY DIFFRACTION' 6  ? ? 0.08451 ? 0.05008 6  'Local ncs' ? A ? ? ? 3  
'X-RAY DIFFRACTION' 7  ? ? 0.11149 ? 0.05008 7  'Local ncs' ? A ? ? ? 4  
'X-RAY DIFFRACTION' 8  ? ? 0.11149 ? 0.05008 8  'Local ncs' ? A ? ? ? 4  
'X-RAY DIFFRACTION' 9  ? ? 0.09109 ? 0.05008 9  'Local ncs' ? A ? ? ? 5  
'X-RAY DIFFRACTION' 10 ? ? 0.09109 ? 0.05008 10 'Local ncs' ? A ? ? ? 5  
'X-RAY DIFFRACTION' 11 ? ? 0.07373 ? 0.05008 11 'Local ncs' ? A ? ? ? 6  
'X-RAY DIFFRACTION' 12 ? ? 0.07373 ? 0.05008 12 'Local ncs' ? A ? ? ? 6  
'X-RAY DIFFRACTION' 13 ? ? 0.06266 ? 0.05008 13 'Local ncs' ? A ? ? ? 7  
'X-RAY DIFFRACTION' 14 ? ? 0.06266 ? 0.05008 14 'Local ncs' ? A ? ? ? 7  
'X-RAY DIFFRACTION' 15 ? ? 0.09649 ? 0.05007 15 'Local ncs' ? A ? ? ? 8  
'X-RAY DIFFRACTION' 16 ? ? 0.09649 ? 0.05007 16 'Local ncs' ? A ? ? ? 8  
'X-RAY DIFFRACTION' 17 ? ? 0.07408 ? 0.05007 17 'Local ncs' ? A ? ? ? 9  
'X-RAY DIFFRACTION' 18 ? ? 0.07408 ? 0.05007 18 'Local ncs' ? A ? ? ? 9  
'X-RAY DIFFRACTION' 19 ? ? 0.10822 ? 0.05008 19 'Local ncs' ? A ? ? ? 10 
'X-RAY DIFFRACTION' 20 ? ? 0.10822 ? 0.05008 20 'Local ncs' ? A ? ? ? 10 
'X-RAY DIFFRACTION' 21 ? ? 0.12912 ? 0.05008 21 'Local ncs' ? A ? ? ? 11 
'X-RAY DIFFRACTION' 22 ? ? 0.12912 ? 0.05008 22 'Local ncs' ? A ? ? ? 11 
'X-RAY DIFFRACTION' 23 ? ? 0.08591 ? 0.05007 23 'Local ncs' ? A ? ? ? 12 
'X-RAY DIFFRACTION' 24 ? ? 0.08591 ? 0.05007 24 'Local ncs' ? A ? ? ? 12 
'X-RAY DIFFRACTION' 25 ? ? 0.10572 ? 0.05008 25 'Local ncs' ? A ? ? ? 13 
'X-RAY DIFFRACTION' 26 ? ? 0.10572 ? 0.05008 26 'Local ncs' ? A ? ? ? 13 
'X-RAY DIFFRACTION' 27 ? ? 0.08741 ? 0.05007 27 'Local ncs' ? A ? ? ? 14 
'X-RAY DIFFRACTION' 28 ? ? 0.08741 ? 0.05007 28 'Local ncs' ? A ? ? ? 14 
'X-RAY DIFFRACTION' 29 ? ? 0.10490 ? 0.05007 29 'Local ncs' ? A ? ? ? 15 
'X-RAY DIFFRACTION' 30 ? ? 0.10490 ? 0.05007 30 'Local ncs' ? A ? ? ? 15 
# 
loop_
_refine_ls_shell.pdbx_refine_id 
_refine_ls_shell.d_res_high 
_refine_ls_shell.d_res_low 
_refine_ls_shell.number_reflns_all 
_refine_ls_shell.number_reflns_obs 
_refine_ls_shell.number_reflns_R_free 
_refine_ls_shell.number_reflns_R_work 
_refine_ls_shell.percent_reflns_obs 
_refine_ls_shell.percent_reflns_R_free 
_refine_ls_shell.R_factor_all 
_refine_ls_shell.R_factor_obs 
_refine_ls_shell.R_factor_R_free_error 
_refine_ls_shell.R_factor_R_work 
_refine_ls_shell.redundancy_reflns_all 
_refine_ls_shell.redundancy_reflns_obs 
_refine_ls_shell.wR_factor_all 
_refine_ls_shell.wR_factor_obs 
_refine_ls_shell.wR_factor_R_free 
_refine_ls_shell.wR_factor_R_work 
_refine_ls_shell.pdbx_R_complete 
_refine_ls_shell.pdbx_total_number_of_bins_used 
_refine_ls_shell.pdbx_phase_error 
_refine_ls_shell.pdbx_fsc_work 
_refine_ls_shell.pdbx_fsc_free 
_refine_ls_shell.R_factor_R_free 
'X-RAY DIFFRACTION' 1.450 1.488  1502 . 83 1359 96.0053 . 0.246 . . 0.244 . . . . . 0.229 . 20 . 0.962 0.958 0.282 
'X-RAY DIFFRACTION' 1.488 1.528  1506 . 90 1331 94.3559 . 0.238 . . 0.236 . . . . . 0.223 . 20 . 0.968 0.958 0.257 
'X-RAY DIFFRACTION' 1.528 1.573  1493 . 75 1284 91.0248 . 0.211 . . 0.211 . . . . . 0.199 . 20 . 0.973 0.968 0.217 
'X-RAY DIFFRACTION' 1.573 1.621  1359 . 72 1251 97.3510 . 0.184 . . 0.180 . . . . . 0.171 . 20 . 0.981 0.962 0.251 
'X-RAY DIFFRACTION' 1.621 1.674  1360 . 77 1233 96.3235 . 0.184 . . 0.181 . . . . . 0.175 . 20 . 0.982 0.970 0.223 
'X-RAY DIFFRACTION' 1.674 1.733  1350 . 81 1198 94.7407 . 0.198 . . 0.196 . . . . . 0.191 . 20 . 0.978 0.971 0.227 
'X-RAY DIFFRACTION' 1.733 1.798  1277 . 66 1127 93.4221 . 0.186 . . 0.184 . . . . . 0.181 . 20 . 0.980 0.973 0.209 
'X-RAY DIFFRACTION' 1.798 1.871  1215 . 55 1137 98.1070 . 0.194 . . 0.192 . . . . . 0.191 . 20 . 0.982 0.970 0.240 
'X-RAY DIFFRACTION' 1.871 1.954  1164 . 38 1071 95.2749 . 0.166 . . 0.163 . . . . . 0.171 . 20 . 0.987 0.981 0.252 
'X-RAY DIFFRACTION' 1.954 2.049  1162 . 42 1045 93.5456 . 0.158 . . 0.155 . . . . . 0.167 . 20 . 0.988 0.979 0.211 
'X-RAY DIFFRACTION' 2.049 2.160  1029 . 59 958  98.8338 . 0.142 . . 0.141 . . . . . 0.155 . 20 . 0.989 0.988 0.165 
'X-RAY DIFFRACTION' 2.160 2.290  1016 . 30 963  97.7362 . 0.155 . . 0.154 . . . . . 0.173 . 20 . 0.987 0.981 0.195 
'X-RAY DIFFRACTION' 2.290 2.448  965  . 48 863  94.4041 . 0.156 . . 0.154 . . . . . 0.181 . 20 . 0.988 0.984 0.195 
'X-RAY DIFFRACTION' 2.448 2.643  871  . 39 825  99.1963 . 0.155 . . 0.153 . . . . . 0.186 . 20 . 0.988 0.984 0.184 
'X-RAY DIFFRACTION' 2.643 2.894  826  . 42 723  92.6150 . 0.162 . . 0.159 . . . . . 0.196 . 20 . 0.988 0.981 0.204 
'X-RAY DIFFRACTION' 2.894 3.234  726  . 53 650  96.8320 . 0.165 . . 0.161 . . . . . 0.201 . 20 . 0.987 0.984 0.214 
'X-RAY DIFFRACTION' 3.234 3.730  657  . 31 592  94.8250 . 0.138 . . 0.137 . . . . . 0.181 . 20 . 0.991 0.994 0.150 
'X-RAY DIFFRACTION' 3.730 4.559  545  . 29 515  99.8165 . 0.134 . . 0.130 . . . . . 0.175 . 20 . 0.992 0.969 0.231 
'X-RAY DIFFRACTION' 4.559 6.406  426  . 16 404  98.5915 . 0.163 . . 0.161 . . . . . 0.228 . 20 . 0.990 0.990 0.217 
'X-RAY DIFFRACTION' 6.406 40.198 237  . 19 206  94.9367 . 0.301 . . 0.303 . . . . . 0.400 . 20 . 0.961 0.976 0.284 
# 
loop_
_struct_ncs_dom.id 
_struct_ncs_dom.pdbx_ens_id 
_struct_ncs_dom.details 
1  1  A 
2  1  A 
3  2  A 
4  2  A 
5  3  A 
6  3  A 
7  4  A 
8  4  A 
9  5  A 
10 5  A 
11 6  A 
12 6  A 
13 7  A 
14 7  A 
15 8  A 
16 8  A 
17 9  A 
18 9  A 
19 10 A 
20 10 A 
21 11 A 
22 11 A 
23 12 A 
24 12 A 
25 13 A 
26 13 A 
27 14 A 
28 14 A 
29 15 A 
30 15 A 
# 
loop_
_struct_ncs_dom_lim.pdbx_ens_id 
_struct_ncs_dom_lim.dom_id 
_struct_ncs_dom_lim.pdbx_component_id 
_struct_ncs_dom_lim.beg_label_asym_id 
_struct_ncs_dom_lim.beg_label_comp_id 
_struct_ncs_dom_lim.beg_label_seq_id 
_struct_ncs_dom_lim.beg_label_alt_id 
_struct_ncs_dom_lim.end_label_asym_id 
_struct_ncs_dom_lim.end_label_comp_id 
_struct_ncs_dom_lim.end_label_seq_id 
_struct_ncs_dom_lim.end_label_alt_id 
_struct_ncs_dom_lim.beg_auth_asym_id 
_struct_ncs_dom_lim.beg_auth_comp_id 
_struct_ncs_dom_lim.beg_auth_seq_id 
_struct_ncs_dom_lim.end_auth_asym_id 
_struct_ncs_dom_lim.end_auth_comp_id 
_struct_ncs_dom_lim.end_auth_seq_id 
_struct_ncs_dom_lim.pdbx_refine_code 
_struct_ncs_dom_lim.selection_details 
1  1  1  A PRO 1 . A PRO 28 . A PRO 1 A PRO 28 ? ? 
1  2  1  A PRO 1 . A PRO 28 . A PRO 1 A PRO 28 ? ? 
2  3  2  A PRO 1 . A GLY 30 . A PRO 1 A GLY 30 ? ? 
2  4  2  A PRO 1 . A GLY 30 . A PRO 1 A GLY 30 ? ? 
3  5  3  A HYP 2 . A HYP 29 . A HYP 2 A HYP 29 ? ? 
3  6  3  A HYP 2 . A HYP 29 . A HYP 2 A HYP 29 ? ? 
4  7  4  A PRO 1 . A GLY 30 . A PRO 1 A GLY 30 ? ? 
4  8  4  A PRO 1 . A GLY 30 . A PRO 1 A GLY 30 ? ? 
5  9  5  A PRO 1 . A PRO 28 . A PRO 1 A PRO 28 ? ? 
5  10 5  A PRO 1 . A PRO 28 . A PRO 1 A PRO 28 ? ? 
6  11 6  A PRO 1 . A PRO 28 . A PRO 1 A PRO 28 ? ? 
6  12 6  A PRO 1 . A PRO 28 . A PRO 1 A PRO 28 ? ? 
7  13 7  A HYP 2 . A PRO 28 . A HYP 2 A PRO 28 ? ? 
7  14 7  A HYP 2 . A PRO 28 . A HYP 2 A PRO 28 ? ? 
8  15 8  A PRO 1 . A PRO 28 . A PRO 1 A PRO 28 ? ? 
8  16 8  A PRO 1 . A PRO 28 . A PRO 1 A PRO 28 ? ? 
9  17 9  A PRO 1 . A HYP 29 . A PRO 1 A HYP 29 ? ? 
9  18 9  A PRO 1 . A HYP 29 . A PRO 1 A HYP 29 ? ? 
10 19 10 A HYP 2 . A HYP 29 . A HYP 2 A HYP 29 ? ? 
10 20 10 A HYP 2 . A HYP 29 . A HYP 2 A HYP 29 ? ? 
11 21 11 A PRO 1 . A GLY 30 . A PRO 1 A GLY 30 ? ? 
11 22 11 A PRO 1 . A GLY 30 . A PRO 1 A GLY 30 ? ? 
12 23 12 A PRO 1 . A PRO 28 . A PRO 1 A PRO 28 ? ? 
12 24 12 A PRO 1 . A PRO 28 . A PRO 1 A PRO 28 ? ? 
13 25 13 A HYP 2 . A HYP 29 . A HYP 2 A HYP 29 ? ? 
13 26 13 A HYP 2 . A HYP 29 . A HYP 2 A HYP 29 ? ? 
14 27 14 A HYP 2 . A PRO 28 . A HYP 2 A PRO 28 ? ? 
14 28 14 A HYP 2 . A PRO 28 . A HYP 2 A PRO 28 ? ? 
15 29 15 A PRO 1 . A PRO 28 . A PRO 1 A PRO 28 ? ? 
15 30 15 A PRO 1 . A PRO 28 . A PRO 1 A PRO 28 ? ? 
# 
loop_
_struct_ncs_ens.id 
_struct_ncs_ens.details 
1  'Local NCS retraints between domains:       1       2' 
2  'Local NCS retraints between domains:       3       4' 
3  'Local NCS retraints between domains:       5       6' 
4  'Local NCS retraints between domains:       7       8' 
5  'Local NCS retraints between domains:       9      10' 
6  'Local NCS retraints between domains:      11      12' 
7  'Local NCS retraints between domains:      13      14' 
8  'Local NCS retraints between domains:      15      16' 
9  'Local NCS retraints between domains:      17      18' 
10 'Local NCS retraints between domains:      19      20' 
11 'Local NCS retraints between domains:      21      22' 
12 'Local NCS retraints between domains:      23      24' 
13 'Local NCS retraints between domains:      25      26' 
14 'Local NCS retraints between domains:      27      28' 
15 'Local NCS retraints between domains:      29      30' 
# 
_struct.entry_id                     8ZMO 
_struct.title                        'Structure of a triple-helix region of human Collagen type XVII from Trautec' 
_struct.pdbx_model_details           ? 
_struct.pdbx_formula_weight          ? 
_struct.pdbx_formula_weight_method   ? 
_struct.pdbx_model_type_details      ? 
_struct.pdbx_CASP_flag               N 
# 
_struct_keywords.entry_id        8ZMO 
_struct_keywords.text            'Human collagen XVII, Triple-helix, STRUCTURAL PROTEIN' 
_struct_keywords.pdbx_keywords   'STRUCTURAL PROTEIN' 
# 
loop_
_struct_asym.id 
_struct_asym.pdbx_blank_PDB_chainid_flag 
_struct_asym.pdbx_modified 
_struct_asym.entity_id 
_struct_asym.details 
A N N 1 ? 
B N N 1 ? 
C N N 1 ? 
D N N 1 ? 
E N N 1 ? 
F N N 1 ? 
G N N 2 ? 
H N N 2 ? 
I N N 2 ? 
J N N 2 ? 
K N N 2 ? 
L N N 2 ? 
# 
_struct_ref.id                         1 
_struct_ref.db_name                    PDB 
_struct_ref.db_code                    8ZMO 
_struct_ref.pdbx_db_accession          8ZMO 
_struct_ref.pdbx_db_isoform            ? 
_struct_ref.entity_id                  1 
_struct_ref.pdbx_seq_one_letter_code   ? 
_struct_ref.pdbx_align_begin           1 
# 
loop_
_struct_ref_seq.align_id 
_struct_ref_seq.ref_id 
_struct_ref_seq.pdbx_PDB_id_code 
_struct_ref_seq.pdbx_strand_id 
_struct_ref_seq.seq_align_beg 
_struct_ref_seq.pdbx_seq_align_beg_ins_code 
_struct_ref_seq.seq_align_end 
_struct_ref_seq.pdbx_seq_align_end_ins_code 
_struct_ref_seq.pdbx_db_accession 
_struct_ref_seq.db_align_beg 
_struct_ref_seq.pdbx_db_align_beg_ins_code 
_struct_ref_seq.db_align_end 
_struct_ref_seq.pdbx_db_align_end_ins_code 
_struct_ref_seq.pdbx_auth_seq_align_beg 
_struct_ref_seq.pdbx_auth_seq_align_end 
1 1 8ZMO A 1 ? 30 ? 8ZMO 1 ? 30 ? 1 30 
2 1 8ZMO B 1 ? 30 ? 8ZMO 1 ? 30 ? 1 30 
3 1 8ZMO C 1 ? 30 ? 8ZMO 1 ? 30 ? 1 30 
4 1 8ZMO D 1 ? 30 ? 8ZMO 1 ? 30 ? 1 30 
5 1 8ZMO E 1 ? 30 ? 8ZMO 1 ? 30 ? 1 30 
6 1 8ZMO F 1 ? 30 ? 8ZMO 1 ? 30 ? 1 30 
# 
loop_
_pdbx_struct_assembly.id 
_pdbx_struct_assembly.details 
_pdbx_struct_assembly.method_details 
_pdbx_struct_assembly.oligomeric_details 
_pdbx_struct_assembly.oligomeric_count 
1 author_and_software_defined_assembly PISA trimeric 3 
2 author_and_software_defined_assembly PISA trimeric 3 
# 
loop_
_pdbx_struct_assembly_prop.biol_id 
_pdbx_struct_assembly_prop.type 
_pdbx_struct_assembly_prop.value 
_pdbx_struct_assembly_prop.details 
1 'ABSA (A^2)' 5380 ? 
1 MORE         -27  ? 
1 'SSA (A^2)'  4960 ? 
2 'ABSA (A^2)' 5340 ? 
2 MORE         -25  ? 
2 'SSA (A^2)'  4980 ? 
# 
loop_
_pdbx_struct_assembly_gen.assembly_id 
_pdbx_struct_assembly_gen.oper_expression 
_pdbx_struct_assembly_gen.asym_id_list 
1 1 A,B,F,G,H,L 
2 1 C,D,E,I,J,K 
# 
_pdbx_struct_assembly_auth_evidence.id                     1 
_pdbx_struct_assembly_auth_evidence.assembly_id            1 
_pdbx_struct_assembly_auth_evidence.experimental_support   homology 
_pdbx_struct_assembly_auth_evidence.details                ? 
# 
_pdbx_struct_oper_list.id                   1 
_pdbx_struct_oper_list.type                 'identity operation' 
_pdbx_struct_oper_list.name                 1_555 
_pdbx_struct_oper_list.symmetry_operation   x,y,z 
_pdbx_struct_oper_list.matrix[1][1]         1.0000000000 
_pdbx_struct_oper_list.matrix[1][2]         0.0000000000 
_pdbx_struct_oper_list.matrix[1][3]         0.0000000000 
_pdbx_struct_oper_list.vector[1]            0.0000000000 
_pdbx_struct_oper_list.matrix[2][1]         0.0000000000 
_pdbx_struct_oper_list.matrix[2][2]         1.0000000000 
_pdbx_struct_oper_list.matrix[2][3]         0.0000000000 
_pdbx_struct_oper_list.vector[2]            0.0000000000 
_pdbx_struct_oper_list.matrix[3][1]         0.0000000000 
_pdbx_struct_oper_list.matrix[3][2]         0.0000000000 
_pdbx_struct_oper_list.matrix[3][3]         1.0000000000 
_pdbx_struct_oper_list.vector[3]            0.0000000000 
# 
loop_
_struct_conn.id 
_struct_conn.conn_type_id 
_struct_conn.pdbx_leaving_atom_flag 
_struct_conn.pdbx_PDB_id 
_struct_conn.ptnr1_label_asym_id 
_struct_conn.ptnr1_label_comp_id 
_struct_conn.ptnr1_label_seq_id 
_struct_conn.ptnr1_label_atom_id 
_struct_conn.pdbx_ptnr1_label_alt_id 
_struct_conn.pdbx_ptnr1_PDB_ins_code 
_struct_conn.pdbx_ptnr1_standard_comp_id 
_struct_conn.ptnr1_symmetry 
_struct_conn.ptnr2_label_asym_id 
_struct_conn.ptnr2_label_comp_id 
_struct_conn.ptnr2_label_seq_id 
_struct_conn.ptnr2_label_atom_id 
_struct_conn.pdbx_ptnr2_label_alt_id 
_struct_conn.pdbx_ptnr2_PDB_ins_code 
_struct_conn.ptnr1_auth_asym_id 
_struct_conn.ptnr1_auth_comp_id 
_struct_conn.ptnr1_auth_seq_id 
_struct_conn.ptnr2_auth_asym_id 
_struct_conn.ptnr2_auth_comp_id 
_struct_conn.ptnr2_auth_seq_id 
_struct_conn.ptnr2_symmetry 
_struct_conn.pdbx_ptnr3_label_atom_id 
_struct_conn.pdbx_ptnr3_label_seq_id 
_struct_conn.pdbx_ptnr3_label_comp_id 
_struct_conn.pdbx_ptnr3_label_asym_id 
_struct_conn.pdbx_ptnr3_label_alt_id 
_struct_conn.pdbx_ptnr3_PDB_ins_code 
_struct_conn.details 
_struct_conn.pdbx_dist_value 
_struct_conn.pdbx_value_order 
_struct_conn.pdbx_role 
covale1  covale both ? A PRO 1  C ? ? ? 1_555 A HYP 2  N ? ? A PRO 1  A HYP 2  1_555 ? ? ? ? ? ? ? 1.349 ? ? 
covale2  covale both ? A HYP 2  C ? ? ? 1_555 A GLY 3  N ? ? A HYP 2  A GLY 3  1_555 ? ? ? ? ? ? ? 1.330 ? ? 
covale3  covale both ? A PRO 4  C ? ? ? 1_555 A HYP 5  N ? ? A PRO 4  A HYP 5  1_555 ? ? ? ? ? ? ? 1.344 ? ? 
covale4  covale both ? A HYP 5  C ? ? ? 1_555 A GLY 6  N ? ? A HYP 5  A GLY 6  1_555 ? ? ? ? ? ? ? 1.323 ? ? 
covale5  covale both ? A PRO 7  C ? ? ? 1_555 A HYP 8  N ? ? A PRO 7  A HYP 8  1_555 ? ? ? ? ? ? ? 1.340 ? ? 
covale6  covale both ? A HYP 8  C ? ? ? 1_555 A GLY 9  N ? ? A HYP 8  A GLY 9  1_555 ? ? ? ? ? ? ? 1.329 ? ? 
covale7  covale both ? A PRO 10 C ? ? ? 1_555 A HYP 11 N ? ? A PRO 10 A HYP 11 1_555 ? ? ? ? ? ? ? 1.343 ? ? 
covale8  covale both ? A HYP 11 C ? ? ? 1_555 A GLY 12 N ? ? A HYP 11 A GLY 12 1_555 ? ? ? ? ? ? ? 1.324 ? ? 
covale9  covale both ? A PRO 19 C ? ? ? 1_555 A HYP 20 N ? ? A PRO 19 A HYP 20 1_555 ? ? ? ? ? ? ? 1.335 ? ? 
covale10 covale both ? A HYP 20 C ? ? ? 1_555 A GLY 21 N ? ? A HYP 20 A GLY 21 1_555 ? ? ? ? ? ? ? 1.317 ? ? 
covale11 covale both ? A PRO 22 C ? ? ? 1_555 A HYP 23 N ? ? A PRO 22 A HYP 23 1_555 ? ? ? ? ? ? ? 1.336 ? ? 
covale12 covale both ? A HYP 23 C ? ? ? 1_555 A GLY 24 N ? ? A HYP 23 A GLY 24 1_555 ? ? ? ? ? ? ? 1.327 ? ? 
covale13 covale both ? A PRO 25 C ? ? ? 1_555 A HYP 26 N ? ? A PRO 25 A HYP 26 1_555 ? ? ? ? ? ? ? 1.343 ? ? 
covale14 covale both ? A HYP 26 C ? ? ? 1_555 A GLY 27 N ? ? A HYP 26 A GLY 27 1_555 ? ? ? ? ? ? ? 1.332 ? ? 
covale15 covale both ? A PRO 28 C ? ? ? 1_555 A HYP 29 N ? ? A PRO 28 A HYP 29 1_555 ? ? ? ? ? ? ? 1.350 ? ? 
covale16 covale both ? A HYP 29 C ? ? ? 1_555 A GLY 30 N ? ? A HYP 29 A GLY 30 1_555 ? ? ? ? ? ? ? 1.339 ? ? 
covale17 covale both ? B PRO 1  C ? ? ? 1_555 B HYP 2  N ? ? B PRO 1  B HYP 2  1_555 ? ? ? ? ? ? ? 1.349 ? ? 
covale18 covale both ? B HYP 2  C ? ? ? 1_555 B GLY 3  N ? ? B HYP 2  B GLY 3  1_555 ? ? ? ? ? ? ? 1.333 ? ? 
covale19 covale both ? B PRO 4  C ? ? ? 1_555 B HYP 5  N ? ? B PRO 4  B HYP 5  1_555 ? ? ? ? ? ? ? 1.345 ? ? 
covale20 covale both ? B HYP 5  C ? ? ? 1_555 B GLY 6  N ? ? B HYP 5  B GLY 6  1_555 ? ? ? ? ? ? ? 1.331 ? ? 
covale21 covale both ? B PRO 7  C ? ? ? 1_555 B HYP 8  N ? ? B PRO 7  B HYP 8  1_555 ? ? ? ? ? ? ? 1.336 ? ? 
covale22 covale both ? B HYP 8  C ? ? ? 1_555 B GLY 9  N ? ? B HYP 8  B GLY 9  1_555 ? ? ? ? ? ? ? 1.335 ? ? 
covale23 covale both ? B PRO 10 C ? ? ? 1_555 B HYP 11 N ? ? B PRO 10 B HYP 11 1_555 ? ? ? ? ? ? ? 1.340 ? ? 
covale24 covale both ? B HYP 11 C ? ? ? 1_555 B GLY 12 N ? ? B HYP 11 B GLY 12 1_555 ? ? ? ? ? ? ? 1.333 ? ? 
covale25 covale both ? B PRO 19 C ? ? ? 1_555 B HYP 20 N ? ? B PRO 19 B HYP 20 1_555 ? ? ? ? ? ? ? 1.338 ? ? 
covale26 covale both ? B HYP 20 C ? ? ? 1_555 B GLY 21 N ? ? B HYP 20 B GLY 21 1_555 ? ? ? ? ? ? ? 1.329 ? ? 
covale27 covale both ? B PRO 22 C ? ? ? 1_555 B HYP 23 N ? ? B PRO 22 B HYP 23 1_555 ? ? ? ? ? ? ? 1.344 ? ? 
covale28 covale both ? B HYP 23 C ? ? ? 1_555 B GLY 24 N ? ? B HYP 23 B GLY 24 1_555 ? ? ? ? ? ? ? 1.318 ? ? 
covale29 covale both ? B PRO 25 C ? ? ? 1_555 B HYP 26 N ? ? B PRO 25 B HYP 26 1_555 ? ? ? ? ? ? ? 1.344 ? ? 
covale30 covale both ? B HYP 26 C ? ? ? 1_555 B GLY 27 N ? ? B HYP 26 B GLY 27 1_555 ? ? ? ? ? ? ? 1.329 ? ? 
covale31 covale both ? B PRO 28 C ? ? ? 1_555 B HYP 29 N ? ? B PRO 28 B HYP 29 1_555 ? ? ? ? ? ? ? 1.356 ? ? 
covale32 covale both ? C PRO 1  C ? ? ? 1_555 C HYP 2  N ? ? C PRO 1  C HYP 2  1_555 ? ? ? ? ? ? ? 1.349 ? ? 
covale33 covale both ? C HYP 2  C ? ? ? 1_555 C GLY 3  N ? ? C HYP 2  C GLY 3  1_555 ? ? ? ? ? ? ? 1.329 ? ? 
covale34 covale both ? C PRO 4  C ? ? ? 1_555 C HYP 5  N ? ? C PRO 4  C HYP 5  1_555 ? ? ? ? ? ? ? 1.343 ? ? 
covale35 covale both ? C HYP 5  C ? ? ? 1_555 C GLY 6  N ? ? C HYP 5  C GLY 6  1_555 ? ? ? ? ? ? ? 1.333 ? ? 
covale36 covale both ? C PRO 7  C ? ? ? 1_555 C HYP 8  N ? ? C PRO 7  C HYP 8  1_555 ? ? ? ? ? ? ? 1.345 ? ? 
covale37 covale both ? C HYP 8  C ? ? ? 1_555 C GLY 9  N ? ? C HYP 8  C GLY 9  1_555 ? ? ? ? ? ? ? 1.330 ? ? 
covale38 covale both ? C PRO 10 C ? ? ? 1_555 C HYP 11 N ? ? C PRO 10 C HYP 11 1_555 ? ? ? ? ? ? ? 1.337 ? ? 
covale39 covale both ? C HYP 11 C ? ? ? 1_555 C GLY 12 N ? ? C HYP 11 C GLY 12 1_555 ? ? ? ? ? ? ? 1.335 ? ? 
covale40 covale both ? C PRO 19 C ? ? ? 1_555 C HYP 20 N ? ? C PRO 19 C HYP 20 1_555 ? ? ? ? ? ? ? 1.335 ? ? 
covale41 covale both ? C HYP 20 C ? ? ? 1_555 C GLY 21 N ? ? C HYP 20 C GLY 21 1_555 ? ? ? ? ? ? ? 1.335 ? ? 
covale42 covale both ? C PRO 22 C ? ? ? 1_555 C HYP 23 N ? ? C PRO 22 C HYP 23 1_555 ? ? ? ? ? ? ? 1.340 ? ? 
covale43 covale both ? C HYP 23 C ? ? ? 1_555 C GLY 24 N ? ? C HYP 23 C GLY 24 1_555 ? ? ? ? ? ? ? 1.333 ? ? 
covale44 covale both ? C PRO 25 C ? ? ? 1_555 C HYP 26 N ? ? C PRO 25 C HYP 26 1_555 ? ? ? ? ? ? ? 1.338 ? ? 
covale45 covale both ? C HYP 26 C ? ? ? 1_555 C GLY 27 N ? ? C HYP 26 C GLY 27 1_555 ? ? ? ? ? ? ? 1.332 ? ? 
covale46 covale both ? C PRO 28 C ? ? ? 1_555 C HYP 29 N ? ? C PRO 28 C HYP 29 1_555 ? ? ? ? ? ? ? 1.350 ? ? 
covale47 covale both ? C HYP 29 C ? ? ? 1_555 C GLY 30 N ? ? C HYP 29 C GLY 30 1_555 ? ? ? ? ? ? ? 1.340 ? ? 
covale48 covale both ? D HYP 2  C ? ? ? 1_555 D GLY 3  N ? ? D HYP 2  D GLY 3  1_555 ? ? ? ? ? ? ? 1.324 ? ? 
covale49 covale both ? D PRO 4  C ? ? ? 1_555 D HYP 5  N ? ? D PRO 4  D HYP 5  1_555 ? ? ? ? ? ? ? 1.338 ? ? 
covale50 covale both ? D HYP 5  C ? ? ? 1_555 D GLY 6  N ? ? D HYP 5  D GLY 6  1_555 ? ? ? ? ? ? ? 1.338 ? ? 
covale51 covale both ? D PRO 7  C ? ? ? 1_555 D HYP 8  N ? ? D PRO 7  D HYP 8  1_555 ? ? ? ? ? ? ? 1.340 ? ? 
covale52 covale both ? D HYP 8  C ? ? ? 1_555 D GLY 9  N ? ? D HYP 8  D GLY 9  1_555 ? ? ? ? ? ? ? 1.325 ? ? 
covale53 covale both ? D PRO 10 C ? ? ? 1_555 D HYP 11 N ? ? D PRO 10 D HYP 11 1_555 ? ? ? ? ? ? ? 1.340 ? ? 
covale54 covale both ? D HYP 11 C ? ? ? 1_555 D GLY 12 N ? ? D HYP 11 D GLY 12 1_555 ? ? ? ? ? ? ? 1.343 ? ? 
covale55 covale both ? D PRO 19 C ? ? ? 1_555 D HYP 20 N ? ? D PRO 19 D HYP 20 1_555 ? ? ? ? ? ? ? 1.341 ? ? 
covale56 covale both ? D HYP 20 C ? ? ? 1_555 D GLY 21 N ? ? D HYP 20 D GLY 21 1_555 ? ? ? ? ? ? ? 1.321 ? ? 
covale57 covale both ? D PRO 22 C ? ? ? 1_555 D HYP 23 N ? ? D PRO 22 D HYP 23 1_555 ? ? ? ? ? ? ? 1.341 ? ? 
covale58 covale both ? D HYP 23 C ? ? ? 1_555 D GLY 24 N ? ? D HYP 23 D GLY 24 1_555 ? ? ? ? ? ? ? 1.322 ? ? 
covale59 covale both ? D PRO 25 C ? ? ? 1_555 D HYP 26 N ? ? D PRO 25 D HYP 26 1_555 ? ? ? ? ? ? ? 1.341 ? ? 
covale60 covale both ? D HYP 26 C ? ? ? 1_555 D GLY 27 N ? ? D HYP 26 D GLY 27 1_555 ? ? ? ? ? ? ? 1.336 ? ? 
covale61 covale both ? D PRO 28 C ? ? ? 1_555 D HYP 29 N ? ? D PRO 28 D HYP 29 1_555 ? ? ? ? ? ? ? 1.357 ? ? 
covale62 covale both ? D HYP 29 C ? ? ? 1_555 D GLY 30 N ? ? D HYP 29 D GLY 30 1_555 ? ? ? ? ? ? ? 1.336 ? ? 
covale63 covale both ? E PRO 1  C ? ? ? 1_555 E HYP 2  N ? ? E PRO 1  E HYP 2  1_555 ? ? ? ? ? ? ? 1.354 ? ? 
covale64 covale both ? E HYP 2  C ? ? ? 1_555 E GLY 3  N ? ? E HYP 2  E GLY 3  1_555 ? ? ? ? ? ? ? 1.335 ? ? 
covale65 covale both ? E PRO 4  C ? ? ? 1_555 E HYP 5  N ? ? E PRO 4  E HYP 5  1_555 ? ? ? ? ? ? ? 1.348 ? ? 
covale66 covale both ? E HYP 5  C ? ? ? 1_555 E GLY 6  N ? ? E HYP 5  E GLY 6  1_555 ? ? ? ? ? ? ? 1.339 ? ? 
covale67 covale both ? E PRO 7  C ? ? ? 1_555 E HYP 8  N ? ? E PRO 7  E HYP 8  1_555 ? ? ? ? ? ? ? 1.337 ? ? 
covale68 covale both ? E HYP 8  C ? ? ? 1_555 E GLY 9  N ? ? E HYP 8  E GLY 9  1_555 ? ? ? ? ? ? ? 1.332 ? ? 
covale69 covale both ? E PRO 10 C ? ? ? 1_555 E HYP 11 N ? ? E PRO 10 E HYP 11 1_555 ? ? ? ? ? ? ? 1.339 ? ? 
covale70 covale both ? E HYP 11 C ? ? ? 1_555 E GLY 12 N ? ? E HYP 11 E GLY 12 1_555 ? ? ? ? ? ? ? 1.343 ? ? 
covale71 covale both ? E PRO 19 C ? ? ? 1_555 E HYP 20 N ? ? E PRO 19 E HYP 20 1_555 ? ? ? ? ? ? ? 1.331 ? ? 
covale72 covale both ? E HYP 20 C ? ? ? 1_555 E GLY 21 N ? ? E HYP 20 E GLY 21 1_555 ? ? ? ? ? ? ? 1.335 ? ? 
covale73 covale both ? E PRO 22 C ? ? ? 1_555 E HYP 23 N ? ? E PRO 22 E HYP 23 1_555 ? ? ? ? ? ? ? 1.339 ? ? 
covale74 covale both ? E HYP 23 C ? ? ? 1_555 E GLY 24 N ? ? E HYP 23 E GLY 24 1_555 ? ? ? ? ? ? ? 1.319 ? ? 
covale75 covale both ? E PRO 25 C ? ? ? 1_555 E HYP 26 N ? ? E PRO 25 E HYP 26 1_555 ? ? ? ? ? ? ? 1.341 ? ? 
covale76 covale both ? E HYP 26 C ? ? ? 1_555 E GLY 27 N ? ? E HYP 26 E GLY 27 1_555 ? ? ? ? ? ? ? 1.331 ? ? 
covale77 covale both ? E PRO 28 C ? ? ? 1_555 E HYP 29 N ? ? E PRO 28 E HYP 29 1_555 ? ? ? ? ? ? ? 1.354 ? ? 
covale78 covale both ? E HYP 29 C ? ? ? 1_555 E GLY 30 N ? ? E HYP 29 E GLY 30 1_555 ? ? ? ? ? ? ? 1.332 ? ? 
covale79 covale both ? F PRO 1  C ? ? ? 1_555 F HYP 2  N ? ? F PRO 1  F HYP 2  1_555 ? ? ? ? ? ? ? 1.352 ? ? 
covale80 covale both ? F HYP 2  C ? ? ? 1_555 F GLY 3  N ? ? F HYP 2  F GLY 3  1_555 ? ? ? ? ? ? ? 1.323 ? ? 
covale81 covale both ? F PRO 4  C ? ? ? 1_555 F HYP 5  N ? ? F PRO 4  F HYP 5  1_555 ? ? ? ? ? ? ? 1.346 ? ? 
covale82 covale both ? F HYP 5  C ? ? ? 1_555 F GLY 6  N ? ? F HYP 5  F GLY 6  1_555 ? ? ? ? ? ? ? 1.330 ? ? 
covale83 covale both ? F PRO 7  C ? ? ? 1_555 F HYP 8  N ? ? F PRO 7  F HYP 8  1_555 ? ? ? ? ? ? ? 1.344 ? ? 
covale84 covale both ? F HYP 8  C ? ? ? 1_555 F GLY 9  N ? ? F HYP 8  F GLY 9  1_555 ? ? ? ? ? ? ? 1.324 ? ? 
covale85 covale both ? F PRO 10 C ? ? ? 1_555 F HYP 11 N ? ? F PRO 10 F HYP 11 1_555 ? ? ? ? ? ? ? 1.334 ? ? 
covale86 covale both ? F HYP 11 C ? ? ? 1_555 F GLY 12 N ? ? F HYP 11 F GLY 12 1_555 ? ? ? ? ? ? ? 1.335 ? ? 
covale87 covale both ? F PRO 19 C ? ? ? 1_555 F HYP 20 N ? ? F PRO 19 F HYP 20 1_555 ? ? ? ? ? ? ? 1.338 ? ? 
covale88 covale both ? F HYP 20 C ? ? ? 1_555 F GLY 21 N ? ? F HYP 20 F GLY 21 1_555 ? ? ? ? ? ? ? 1.331 ? ? 
covale89 covale both ? F PRO 22 C ? ? ? 1_555 F HYP 23 N ? ? F PRO 22 F HYP 23 1_555 ? ? ? ? ? ? ? 1.340 ? ? 
covale90 covale both ? F HYP 23 C ? ? ? 1_555 F GLY 24 N ? ? F HYP 23 F GLY 24 1_555 ? ? ? ? ? ? ? 1.337 ? ? 
covale91 covale both ? F PRO 25 C ? ? ? 1_555 F HYP 26 N ? ? F PRO 25 F HYP 26 1_555 ? ? ? ? ? ? ? 1.342 ? ? 
covale92 covale both ? F HYP 26 C ? ? ? 1_555 F GLY 27 N ? ? F HYP 26 F GLY 27 1_555 ? ? ? ? ? ? ? 1.331 ? ? 
covale93 covale both ? F PRO 28 C ? ? ? 1_555 F HYP 29 N ? ? F PRO 28 F HYP 29 1_555 ? ? ? ? ? ? ? 1.358 ? ? 
# 
_struct_conn_type.id          covale 
_struct_conn_type.criteria    ? 
_struct_conn_type.reference   ? 
# 
loop_
_pdbx_validate_close_contact.id 
_pdbx_validate_close_contact.PDB_model_num 
_pdbx_validate_close_contact.auth_atom_id_1 
_pdbx_validate_close_contact.auth_asym_id_1 
_pdbx_validate_close_contact.auth_comp_id_1 
_pdbx_validate_close_contact.auth_seq_id_1 
_pdbx_validate_close_contact.PDB_ins_code_1 
_pdbx_validate_close_contact.label_alt_id_1 
_pdbx_validate_close_contact.auth_atom_id_2 
_pdbx_validate_close_contact.auth_asym_id_2 
_pdbx_validate_close_contact.auth_comp_id_2 
_pdbx_validate_close_contact.auth_seq_id_2 
_pdbx_validate_close_contact.PDB_ins_code_2 
_pdbx_validate_close_contact.label_alt_id_2 
_pdbx_validate_close_contact.dist 
1 1 O D HOH 110 ? ? O E HOH 125 ? ? 1.77 
2 1 O D HOH 110 ? ? O D HOH 139 ? ? 1.92 
# 
loop_
_pdbx_validate_symm_contact.id 
_pdbx_validate_symm_contact.PDB_model_num 
_pdbx_validate_symm_contact.auth_atom_id_1 
_pdbx_validate_symm_contact.auth_asym_id_1 
_pdbx_validate_symm_contact.auth_comp_id_1 
_pdbx_validate_symm_contact.auth_seq_id_1 
_pdbx_validate_symm_contact.PDB_ins_code_1 
_pdbx_validate_symm_contact.label_alt_id_1 
_pdbx_validate_symm_contact.site_symmetry_1 
_pdbx_validate_symm_contact.auth_atom_id_2 
_pdbx_validate_symm_contact.auth_asym_id_2 
_pdbx_validate_symm_contact.auth_comp_id_2 
_pdbx_validate_symm_contact.auth_seq_id_2 
_pdbx_validate_symm_contact.PDB_ins_code_2 
_pdbx_validate_symm_contact.label_alt_id_2 
_pdbx_validate_symm_contact.site_symmetry_2 
_pdbx_validate_symm_contact.dist 
1 1 O A HOH 127 ? ? 1_555 O E HOH 139 ? ? 1_565 2.12 
2 1 O B HOH 101 ? ? 1_555 O F HOH 114 ? ? 1_455 2.13 
# 
_pdbx_entry_details.entry_id                 8ZMO 
_pdbx_entry_details.has_ligand_of_interest   Y 
_pdbx_entry_details.compound_details         ? 
_pdbx_entry_details.source_details           ? 
_pdbx_entry_details.nonpolymer_details       ? 
_pdbx_entry_details.sequence_details         ? 
# 
loop_
_pdbx_unobs_or_zero_occ_residues.id 
_pdbx_unobs_or_zero_occ_residues.PDB_model_num 
_pdbx_unobs_or_zero_occ_residues.polymer_flag 
_pdbx_unobs_or_zero_occ_residues.occupancy_flag 
_pdbx_unobs_or_zero_occ_residues.auth_asym_id 
_pdbx_unobs_or_zero_occ_residues.auth_comp_id 
_pdbx_unobs_or_zero_occ_residues.auth_seq_id 
_pdbx_unobs_or_zero_occ_residues.PDB_ins_code 
_pdbx_unobs_or_zero_occ_residues.label_asym_id 
_pdbx_unobs_or_zero_occ_residues.label_comp_id 
_pdbx_unobs_or_zero_occ_residues.label_seq_id 
1 1 Y 1 B GLY 30 ? B GLY 30 
2 1 Y 1 D PRO 1  ? D PRO 1  
3 1 Y 1 F GLY 30 ? F GLY 30 
# 
loop_
_chem_comp_atom.comp_id 
_chem_comp_atom.atom_id 
_chem_comp_atom.type_symbol 
_chem_comp_atom.pdbx_aromatic_flag 
_chem_comp_atom.pdbx_stereo_config 
_chem_comp_atom.pdbx_ordinal 
ASP N    N N N 1   
ASP CA   C N S 2   
ASP C    C N N 3   
ASP O    O N N 4   
ASP CB   C N N 5   
ASP CG   C N N 6   
ASP OD1  O N N 7   
ASP OD2  O N N 8   
ASP OXT  O N N 9   
ASP H    H N N 10  
ASP H2   H N N 11  
ASP HA   H N N 12  
ASP HB2  H N N 13  
ASP HB3  H N N 14  
ASP HD2  H N N 15  
ASP HXT  H N N 16  
GLN N    N N N 17  
GLN CA   C N S 18  
GLN C    C N N 19  
GLN O    O N N 20  
GLN CB   C N N 21  
GLN CG   C N N 22  
GLN CD   C N N 23  
GLN OE1  O N N 24  
GLN NE2  N N N 25  
GLN OXT  O N N 26  
GLN H    H N N 27  
GLN H2   H N N 28  
GLN HA   H N N 29  
GLN HB2  H N N 30  
GLN HB3  H N N 31  
GLN HG2  H N N 32  
GLN HG3  H N N 33  
GLN HE21 H N N 34  
GLN HE22 H N N 35  
GLN HXT  H N N 36  
GLY N    N N N 37  
GLY CA   C N N 38  
GLY C    C N N 39  
GLY O    O N N 40  
GLY OXT  O N N 41  
GLY H    H N N 42  
GLY H2   H N N 43  
GLY HA2  H N N 44  
GLY HA3  H N N 45  
GLY HXT  H N N 46  
HOH O    O N N 47  
HOH H1   H N N 48  
HOH H2   H N N 49  
HYP N    N N N 50  
HYP CA   C N S 51  
HYP C    C N N 52  
HYP O    O N N 53  
HYP CB   C N N 54  
HYP CG   C N R 55  
HYP CD   C N N 56  
HYP OD1  O N N 57  
HYP OXT  O N N 58  
HYP H    H N N 59  
HYP HA   H N N 60  
HYP HB2  H N N 61  
HYP HB3  H N N 62  
HYP HG   H N N 63  
HYP HD22 H N N 64  
HYP HD23 H N N 65  
HYP HD1  H N N 66  
HYP HXT  H N N 67  
LYS N    N N N 68  
LYS CA   C N S 69  
LYS C    C N N 70  
LYS O    O N N 71  
LYS CB   C N N 72  
LYS CG   C N N 73  
LYS CD   C N N 74  
LYS CE   C N N 75  
LYS NZ   N N N 76  
LYS OXT  O N N 77  
LYS H    H N N 78  
LYS H2   H N N 79  
LYS HA   H N N 80  
LYS HB2  H N N 81  
LYS HB3  H N N 82  
LYS HG2  H N N 83  
LYS HG3  H N N 84  
LYS HD2  H N N 85  
LYS HD3  H N N 86  
LYS HE2  H N N 87  
LYS HE3  H N N 88  
LYS HZ1  H N N 89  
LYS HZ2  H N N 90  
LYS HZ3  H N N 91  
LYS HXT  H N N 92  
PRO N    N N N 93  
PRO CA   C N S 94  
PRO C    C N N 95  
PRO O    O N N 96  
PRO CB   C N N 97  
PRO CG   C N N 98  
PRO CD   C N N 99  
PRO OXT  O N N 100 
PRO H    H N N 101 
PRO HA   H N N 102 
PRO HB2  H N N 103 
PRO HB3  H N N 104 
PRO HG2  H N N 105 
PRO HG3  H N N 106 
PRO HD2  H N N 107 
PRO HD3  H N N 108 
PRO HXT  H N N 109 
# 
loop_
_chem_comp_bond.comp_id 
_chem_comp_bond.atom_id_1 
_chem_comp_bond.atom_id_2 
_chem_comp_bond.value_order 
_chem_comp_bond.pdbx_aromatic_flag 
_chem_comp_bond.pdbx_stereo_config 
_chem_comp_bond.pdbx_ordinal 
ASP N   CA   sing N N 1   
ASP N   H    sing N N 2   
ASP N   H2   sing N N 3   
ASP CA  C    sing N N 4   
ASP CA  CB   sing N N 5   
ASP CA  HA   sing N N 6   
ASP C   O    doub N N 7   
ASP C   OXT  sing N N 8   
ASP CB  CG   sing N N 9   
ASP CB  HB2  sing N N 10  
ASP CB  HB3  sing N N 11  
ASP CG  OD1  doub N N 12  
ASP CG  OD2  sing N N 13  
ASP OD2 HD2  sing N N 14  
ASP OXT HXT  sing N N 15  
GLN N   CA   sing N N 16  
GLN N   H    sing N N 17  
GLN N   H2   sing N N 18  
GLN CA  C    sing N N 19  
GLN CA  CB   sing N N 20  
GLN CA  HA   sing N N 21  
GLN C   O    doub N N 22  
GLN C   OXT  sing N N 23  
GLN CB  CG   sing N N 24  
GLN CB  HB2  sing N N 25  
GLN CB  HB3  sing N N 26  
GLN CG  CD   sing N N 27  
GLN CG  HG2  sing N N 28  
GLN CG  HG3  sing N N 29  
GLN CD  OE1  doub N N 30  
GLN CD  NE2  sing N N 31  
GLN NE2 HE21 sing N N 32  
GLN NE2 HE22 sing N N 33  
GLN OXT HXT  sing N N 34  
GLY N   CA   sing N N 35  
GLY N   H    sing N N 36  
GLY N   H2   sing N N 37  
GLY CA  C    sing N N 38  
GLY CA  HA2  sing N N 39  
GLY CA  HA3  sing N N 40  
GLY C   O    doub N N 41  
GLY C   OXT  sing N N 42  
GLY OXT HXT  sing N N 43  
HOH O   H1   sing N N 44  
HOH O   H2   sing N N 45  
HYP N   CA   sing N N 46  
HYP N   CD   sing N N 47  
HYP N   H    sing N N 48  
HYP CA  C    sing N N 49  
HYP CA  CB   sing N N 50  
HYP CA  HA   sing N N 51  
HYP C   O    doub N N 52  
HYP C   OXT  sing N N 53  
HYP CB  CG   sing N N 54  
HYP CB  HB2  sing N N 55  
HYP CB  HB3  sing N N 56  
HYP CG  CD   sing N N 57  
HYP CG  OD1  sing N N 58  
HYP CG  HG   sing N N 59  
HYP CD  HD22 sing N N 60  
HYP CD  HD23 sing N N 61  
HYP OD1 HD1  sing N N 62  
HYP OXT HXT  sing N N 63  
LYS N   CA   sing N N 64  
LYS N   H    sing N N 65  
LYS N   H2   sing N N 66  
LYS CA  C    sing N N 67  
LYS CA  CB   sing N N 68  
LYS CA  HA   sing N N 69  
LYS C   O    doub N N 70  
LYS C   OXT  sing N N 71  
LYS CB  CG   sing N N 72  
LYS CB  HB2  sing N N 73  
LYS CB  HB3  sing N N 74  
LYS CG  CD   sing N N 75  
LYS CG  HG2  sing N N 76  
LYS CG  HG3  sing N N 77  
LYS CD  CE   sing N N 78  
LYS CD  HD2  sing N N 79  
LYS CD  HD3  sing N N 80  
LYS CE  NZ   sing N N 81  
LYS CE  HE2  sing N N 82  
LYS CE  HE3  sing N N 83  
LYS NZ  HZ1  sing N N 84  
LYS NZ  HZ2  sing N N 85  
LYS NZ  HZ3  sing N N 86  
LYS OXT HXT  sing N N 87  
PRO N   CA   sing N N 88  
PRO N   CD   sing N N 89  
PRO N   H    sing N N 90  
PRO CA  C    sing N N 91  
PRO CA  CB   sing N N 92  
PRO CA  HA   sing N N 93  
PRO C   O    doub N N 94  
PRO C   OXT  sing N N 95  
PRO CB  CG   sing N N 96  
PRO CB  HB2  sing N N 97  
PRO CB  HB3  sing N N 98  
PRO CG  CD   sing N N 99  
PRO CG  HG2  sing N N 100 
PRO CG  HG3  sing N N 101 
PRO CD  HD2  sing N N 102 
PRO CD  HD3  sing N N 103 
PRO OXT HXT  sing N N 104 
# 
_pdbx_audit_support.funding_organization   'Jiangsu Trautec Medical Technology Co.,Ltd' 
_pdbx_audit_support.country                ? 
_pdbx_audit_support.grant_number           CQ20230004/CE20235002/CQ20230005 
_pdbx_audit_support.ordinal                1 
# 
_pdbx_entity_instance_feature.ordinal        1 
_pdbx_entity_instance_feature.comp_id        HYP 
_pdbx_entity_instance_feature.asym_id        ? 
_pdbx_entity_instance_feature.seq_num        ? 
_pdbx_entity_instance_feature.auth_comp_id   HYP 
_pdbx_entity_instance_feature.auth_asym_id   ? 
_pdbx_entity_instance_feature.auth_seq_num   ? 
_pdbx_entity_instance_feature.feature_type   'SUBJECT OF INVESTIGATION' 
_pdbx_entity_instance_feature.details        ? 
# 
_pdbx_initial_refinement_model.id               1 
_pdbx_initial_refinement_model.entity_id_list   ? 
_pdbx_initial_refinement_model.type             'experimental model' 
_pdbx_initial_refinement_model.source_name      PDB 
_pdbx_initial_refinement_model.accession_code   1K6M 
_pdbx_initial_refinement_model.details          ? 
# 
_atom_sites.entry_id                    8ZMO 
_atom_sites.Cartn_transf_matrix[1][1]   ? 
_atom_sites.Cartn_transf_matrix[1][2]   ? 
_atom_sites.Cartn_transf_matrix[1][3]   ? 
_atom_sites.Cartn_transf_matrix[2][1]   ? 
_atom_sites.Cartn_transf_matrix[2][2]   ? 
_atom_sites.Cartn_transf_matrix[2][3]   ? 
_atom_sites.Cartn_transf_matrix[3][1]   ? 
_atom_sites.Cartn_transf_matrix[3][2]   ? 
_atom_sites.Cartn_transf_matrix[3][3]   ? 
_atom_sites.Cartn_transf_vector[1]      ? 
_atom_sites.Cartn_transf_vector[2]      ? 
_atom_sites.Cartn_transf_vector[3]      ? 
_atom_sites.Cartn_transform_axes        ? 
_atom_sites.fract_transf_matrix[1][1]   -0.04567837 
_atom_sites.fract_transf_matrix[1][2]   0.03744798 
_atom_sites.fract_transf_matrix[1][3]   -0.03832587 
_atom_sites.fract_transf_matrix[2][1]   0.02073333 
_atom_sites.fract_transf_matrix[2][2]   -0.00821250 
_atom_sites.fract_transf_matrix[2][3]   -0.03080383 
_atom_sites.fract_transf_matrix[3][1]   -0.00714555 
_atom_sites.fract_transf_matrix[3][2]   -0.01013071 
_atom_sites.fract_transf_matrix[3][3]   -0.00101910 
_atom_sites.fract_transf_vector[1]      0.164883 
_atom_sites.fract_transf_vector[2]      -0.658544 
_atom_sites.fract_transf_vector[3]      -0.448836 
_atom_sites.solution_primary            ? 
_atom_sites.solution_secondary          ? 
_atom_sites.solution_hydrogens          ? 
_atom_sites.special_details             ? 
# 
loop_
_atom_type.symbol 
_atom_type.pdbx_scat_Z 
_atom_type.pdbx_N_electrons 
_atom_type.scat_Cromer_Mann_a1 
_atom_type.scat_Cromer_Mann_b1 
_atom_type.scat_Cromer_Mann_a2 
_atom_type.scat_Cromer_Mann_b2 
_atom_type.scat_Cromer_Mann_a3 
_atom_type.scat_Cromer_Mann_b3 
_atom_type.scat_Cromer_Mann_a4 
_atom_type.scat_Cromer_Mann_b4 
C 6 6 2.3103  20.8439 1.0201 10.2075 1.5888 0.5687  0.8651 51.6512 
H 1 1 0.4930  10.5109 0.3229 26.1257 0.1402 3.1424  0.0408 57.7997 
N 7 7 12.2220 0.0057  3.1346 9.8933  2.0141 28.9975 1.1672 0.5826  
O 8 8 3.0487  13.2771 2.2870 5.7011  1.5464 0.3239  0.8671 32.9089 
# 
loop_
_atom_site.group_PDB 
_atom_site.id 
_atom_site.type_symbol 
_atom_site.label_atom_id 
_atom_site.label_alt_id 
_atom_site.label_comp_id 
_atom_site.label_asym_id 
_atom_site.label_entity_id 
_atom_site.label_seq_id 
_atom_site.pdbx_PDB_ins_code 
_atom_site.Cartn_x 
_atom_site.Cartn_y 
_atom_site.Cartn_z 
_atom_site.occupancy 
_atom_site.B_iso_or_equiv 
_atom_site.pdbx_formal_charge 
_atom_site.auth_seq_id 
_atom_site.auth_comp_id 
_atom_site.auth_asym_id 
_atom_site.auth_atom_id 
_atom_site.pdbx_PDB_model_num 
_atom_site.calc_flag 
ATOM   1    N N   . PRO A 1 1  ? -9.599  -41.910 -19.326 1.000 80.515 0 1   PRO A N   1 ? 
ATOM   2    C CA  . PRO A 1 1  ? -10.291 -40.682 -18.943 1.000 71.048 0 1   PRO A CA  1 ? 
ATOM   3    C C   . PRO A 1 1  ? -9.309  -39.621 -18.447 1.000 48.214 0 1   PRO A C   1 ? 
ATOM   4    O O   . PRO A 1 1  ? -8.182  -39.946 -18.087 1.000 50.345 0 1   PRO A O   1 ? 
ATOM   5    C CB  . PRO A 1 1  ? -11.284 -41.078 -17.857 1.000 78.092 0 1   PRO A CB  1 ? 
ATOM   6    C CG  . PRO A 1 1  ? -10.628 -42.295 -17.235 1.000 87.250 0 1   PRO A CG  1 ? 
ATOM   7    C CD  . PRO A 1 1  ? -9.855  -42.970 -18.366 1.000 85.734 0 1   PRO A CD  1 ? 
HETATM 8    N N   . HYP A 1 2  ? -9.694  -38.330 -18.515 1.000 50.045 0 2   HYP A N   1 ? 
HETATM 9    C CA  . HYP A 1 2  ? -8.741  -37.239 -18.322 1.000 46.551 0 2   HYP A CA  1 ? 
HETATM 10   C C   . HYP A 1 2  ? -8.123  -37.295 -16.932 1.000 29.727 0 2   HYP A C   1 ? 
HETATM 11   O O   . HYP A 1 2  ? -8.774  -37.671 -15.966 1.000 27.422 0 2   HYP A O   1 ? 
HETATM 12   C CB  . HYP A 1 2  ? -9.592  -35.974 -18.502 1.000 58.328 0 2   HYP A CB  1 ? 
HETATM 13   C CG  . HYP A 1 2  ? -11.027 -36.435 -18.272 1.000 62.536 0 2   HYP A CG  1 ? 
HETATM 14   C CD  . HYP A 1 2  ? -11.056 -37.852 -18.810 1.000 60.924 0 2   HYP A CD  1 ? 
HETATM 15   O OD1 . HYP A 1 2  ? -11.920 -35.608 -19.002 1.000 75.745 0 2   HYP A OD1 1 ? 
ATOM   16   N N   . GLY A 1 3  ? -6.860  -36.893 -16.836 1.000 25.085 0 3   GLY A N   1 ? 
ATOM   17   C CA  . GLY A 1 3  ? -6.207  -36.858 -15.542 1.000 23.171 0 3   GLY A CA  1 ? 
ATOM   18   C C   . GLY A 1 3  ? -6.695  -35.676 -14.707 1.000 18.803 0 3   GLY A C   1 ? 
ATOM   19   O O   . GLY A 1 3  ? -7.415  -34.801 -15.181 1.000 21.542 0 3   GLY A O   1 ? 
ATOM   20   N N   . PRO A 1 4  ? -6.297  -35.620 -13.421 1.000 22.979 0 4   PRO A N   1 ? 
ATOM   21   C CA  . PRO A 1 4  ? -6.672  -34.500 -12.565 1.000 22.193 0 4   PRO A CA  1 ? 
ATOM   22   C C   . PRO A 1 4  ? -5.942  -33.228 -12.982 1.000 18.349 0 4   PRO A C   1 ? 
ATOM   23   O O   . PRO A 1 4  ? -4.895  -33.273 -13.631 1.000 14.637 0 4   PRO A O   1 ? 
ATOM   24   C CB  . PRO A 1 4  ? -6.305  -34.871 -11.148 1.000 27.933 0 4   PRO A CB  1 ? 
ATOM   25   C CG  . PRO A 1 4  ? -5.516  -36.176 -11.280 1.000 35.401 0 4   PRO A CG  1 ? 
ATOM   26   C CD  . PRO A 1 4  ? -5.447  -36.609 -12.748 1.000 26.013 0 4   PRO A CD  1 ? 
HETATM 27   N N   . HYP A 1 5  ? -6.488  -32.053 -12.621 1.000 18.123 0 5   HYP A N   1 ? 
HETATM 28   C CA  . HYP A 1 5  ? -5.790  -30.797 -12.863 1.000 16.212 0 5   HYP A CA  1 ? 
HETATM 29   C C   . HYP A 1 5  ? -4.436  -30.805 -12.164 1.000 16.176 0 5   HYP A C   1 ? 
HETATM 30   O O   . HYP A 1 5  ? -4.235  -31.437 -11.125 1.000 16.434 0 5   HYP A O   1 ? 
HETATM 31   C CB  . HYP A 1 5  ? -6.706  -29.744 -12.240 1.000 19.897 0 5   HYP A CB  1 ? 
HETATM 32   C CG  . HYP A 1 5  ? -8.079  -30.397 -12.276 1.000 19.890 0 5   HYP A CG  1 ? 
HETATM 33   C CD  . HYP A 1 5  ? -7.791  -31.854 -11.967 1.000 21.022 0 5   HYP A CD  1 ? 
HETATM 34   O OD1 . HYP A 1 5  ? -8.638  -30.260 -13.570 1.000 20.796 0 5   HYP A OD1 1 ? 
ATOM   35   N N   . GLY A 1 6  ? -3.494  -30.100 -12.771 1.000 11.456 0 6   GLY A N   1 ? 
ATOM   36   C CA  . GLY A 1 6  ? -2.192  -29.870 -12.178 1.000 11.151 0 6   GLY A CA  1 ? 
ATOM   37   C C   . GLY A 1 6  ? -2.241  -29.023 -10.908 1.000 11.064 0 6   GLY A C   1 ? 
ATOM   38   O O   . GLY A 1 6  ? -3.273  -28.461 -10.527 1.000 11.121 0 6   GLY A O   1 ? 
ATOM   39   N N   . PRO A 1 7  ? -1.075  -28.898 -10.265 1.000 12.418 0 7   PRO A N   1 ? 
ATOM   40   C CA  . PRO A 1 7  ? -0.986  -28.120 -9.038  1.000 12.684 0 7   PRO A CA  1 ? 
ATOM   41   C C   . PRO A 1 7  ? -1.006  -26.633 -9.331  1.000 11.991 0 7   PRO A C   1 ? 
ATOM   42   O O   . PRO A 1 7  ? -0.805  -26.211 -10.455 1.000 9.526  0 7   PRO A O   1 ? 
ATOM   43   C CB  . PRO A 1 7  ? 0.338   -28.594 -8.447  1.000 15.608 0 7   PRO A CB  1 ? 
ATOM   44   C CG  . PRO A 1 7  ? 1.161   -28.996 -9.616  1.000 14.896 0 7   PRO A CG  1 ? 
ATOM   45   C CD  . PRO A 1 7  ? 0.213   -29.467 -10.697 1.000 12.706 0 7   PRO A CD  1 ? 
HETATM 46   N N   . HYP A 1 8  ? -1.125  -25.794 -8.294  1.000 10.731 0 8   HYP A N   1 ? 
HETATM 47   C CA  . HYP A 1 8  ? -0.986  -24.361 -8.485  1.000 10.505 0 8   HYP A CA  1 ? 
HETATM 48   C C   . HYP A 1 8  ? 0.362   -23.998 -9.089  1.000 11.510 0 8   HYP A C   1 ? 
HETATM 49   O O   . HYP A 1 8  ? 1.383   -24.647 -8.845  1.000 10.821 0 8   HYP A O   1 ? 
HETATM 50   C CB  . HYP A 1 8  ? -1.154  -23.809 -7.056  1.000 11.790 0 8   HYP A CB  1 ? 
HETATM 51   C CG  . HYP A 1 8  ? -1.920  -24.899 -6.316  1.000 10.830 0 8   HYP A CG  1 ? 
HETATM 52   C CD  . HYP A 1 8  ? -1.376  -26.171 -6.887  1.000 10.382 0 8   HYP A CD  1 ? 
HETATM 53   O OD1 . HYP A 1 8  ? -3.304  -24.775 -6.622  1.000 11.917 0 8   HYP A OD1 1 ? 
ATOM   54   N N   . GLY A 1 9  ? 0.370   -22.912 -9.854  1.000 9.897  0 9   GLY A N   1 ? 
ATOM   55   C CA  . GLY A 1 9  ? 1.581   -22.357 -10.403 1.000 10.059 0 9   GLY A CA  1 ? 
ATOM   56   C C   . GLY A 1 9  ? 2.494   -21.783 -9.339  1.000 9.926  0 9   GLY A C   1 ? 
ATOM   57   O O   . GLY A 1 9  ? 2.143   -21.681 -8.165  1.000 9.151  0 9   GLY A O   1 ? 
ATOM   58   N N   . PRO A 1 10 ? 3.689   -21.324 -9.754  1.000 10.024 0 10  PRO A N   1 ? 
ATOM   59   C CA  . PRO A 1 10 ? 4.612   -20.681 -8.827  1.000 11.038 0 10  PRO A CA  1 ? 
ATOM   60   C C   . PRO A 1 10 ? 4.096   -19.331 -8.361  1.000 11.294 0 10  PRO A C   1 ? 
ATOM   61   O O   . PRO A 1 10 ? 3.215   -18.726 -8.982  1.000 10.964 0 10  PRO A O   1 ? 
ATOM   62   C CB  . PRO A 1 10 ? 5.891   -20.514 -9.591  1.000 15.550 0 10  PRO A CB  1 ? 
ATOM   63   C CG  . PRO A 1 10 ? 5.632   -20.974 -10.964 1.000 15.659 0 10  PRO A CG  1 ? 
ATOM   64   C CD  . PRO A 1 10 ? 4.201   -21.404 -11.116 1.000 12.317 0 10  PRO A CD  1 ? 
HETATM 65   N N   . HYP A 1 11 ? 4.628   -18.816 -7.241  1.000 10.209 0 11  HYP A N   1 ? 
HETATM 66   C CA  . HYP A 1 11 ? 4.244   -17.485 -6.784  1.000 11.166 0 11  HYP A CA  1 ? 
HETATM 67   C C   . HYP A 1 11 ? 4.581   -16.439 -7.849  1.000 8.231  0 11  HYP A C   1 ? 
HETATM 68   O O   . HYP A 1 11 ? 5.538   -16.592 -8.622  1.000 11.330 0 11  HYP A O   1 ? 
HETATM 69   C CB  . HYP A 1 11 ? 5.095   -17.267 -5.540  1.000 11.131 0 11  HYP A CB  1 ? 
HETATM 70   C CG  . HYP A 1 11 ? 5.486   -18.679 -5.098  1.000 13.208 0 11  HYP A CG  1 ? 
HETATM 71   C CD  . HYP A 1 11 ? 5.624   -19.463 -6.369  1.000 12.354 0 11  HYP A CD  1 ? 
HETATM 72   O OD1 . HYP A 1 11 ? 4.455   -19.202 -4.307  1.000 13.794 0 11  HYP A OD1 1 ? 
ATOM   73   N N   . GLY A 1 12 ? 3.809   -15.364 -7.855  1.000 10.643 0 12  GLY A N   1 ? 
ATOM   74   C CA  . GLY A 1 12 ? 4.041   -14.261 -8.759  1.000 9.490  0 12  GLY A CA  1 ? 
ATOM   75   C C   . GLY A 1 12 ? 5.292   -13.476 -8.375  1.000 9.303  0 12  GLY A C   1 ? 
ATOM   76   O O   . GLY A 1 12 ? 5.938   -13.747 -7.364  1.000 9.922  0 12  GLY A O   1 ? 
ATOM   77   N N   . PRO A 1 13 ? 5.641   -12.489 -9.231  1.000 9.303  0 13  PRO A N   1 ? 
ATOM   78   C CA  . PRO A 1 13 ? 6.770   -11.609 -8.975  1.000 10.718 0 13  PRO A CA  1 ? 
ATOM   79   C C   . PRO A 1 13 ? 6.540   -10.758 -7.742  1.000 12.337 0 13  PRO A C   1 ? 
ATOM   80   O O   . PRO A 1 13 ? 5.399   -10.511 -7.322  1.000 10.821 0 13  PRO A O   1 ? 
ATOM   81   C CB  . PRO A 1 13 ? 6.913   -10.755 -10.198 1.000 14.365 0 13  PRO A CB  1 ? 
ATOM   82   C CG  . PRO A 1 13 ? 5.844   -11.137 -11.116 1.000 14.668 0 13  PRO A CG  1 ? 
ATOM   83   C CD  . PRO A 1 13 ? 4.954   -12.183 -10.486 1.000 10.550 0 13  PRO A CD  1 ? 
ATOM   84   N N   . LYS A 1 14 ? 7.633   -10.274 -7.146  1.000 12.606 0 14  LYS A N   1 ? 
ATOM   85   C CA  . LYS A 1 14 ? 7.544   -9.265  -6.105  1.000 12.558 0 14  LYS A CA  1 ? 
ATOM   86   C C   . LYS A 1 14 ? 6.787   -8.034  -6.615  1.000 12.206 0 14  LYS A C   1 ? 
ATOM   87   O O   . LYS A 1 14 ? 6.889   -7.655  -7.773  1.000 12.852 0 14  LYS A O   1 ? 
ATOM   88   C CB  . LYS A 1 14 ? 8.960   -8.923  -5.637  1.000 12.607 0 14  LYS A CB  1 ? 
ATOM   89   C CG  . LYS A 1 14 ? 9.004   -7.955  -4.459  1.000 15.904 0 14  LYS A CG  1 ? 
ATOM   90   C CD  . LYS A 1 14 ? 10.315  -7.972  -3.694  1.000 22.907 0 14  LYS A CD  1 ? 
ATOM   91   C CE  . LYS A 1 14 ? 11.457  -7.441  -4.458  1.000 24.545 0 14  LYS A CE  1 ? 
ATOM   92   N NZ  . LYS A 1 14 ? 12.591  -7.145  -3.559  1.000 23.729 0 14  LYS A NZ  1 ? 
ATOM   93   N N   . GLY A 1 15 ? 6.045   -7.387  -5.704  1.000 12.399 0 15  GLY A N   1 ? 
ATOM   94   C CA  . GLY A 1 15 ? 5.331   -6.173  -6.026  1.000 13.363 0 15  GLY A CA  1 ? 
ATOM   95   C C   . GLY A 1 15 ? 6.248   -5.002  -6.365  1.000 13.030 0 15  GLY A C   1 ? 
ATOM   96   O O   . GLY A 1 15 ? 7.457   -5.047  -6.155  1.000 13.523 0 15  GLY A O   1 ? 
ATOM   97   N N   . ASP A 1 16 ? 5.628   -3.937  -6.856  1.000 13.938 0 16  ASP A N   1 ? 
ATOM   98   C CA  . ASP A 1 16 ? 6.343   -2.727  -7.228  1.000 15.005 0 16  ASP A CA  1 ? 
ATOM   99   C C   . ASP A 1 16 ? 6.842   -2.001  -5.983  1.000 13.173 0 16  ASP A C   1 ? 
ATOM   100  O O   . ASP A 1 16 ? 6.300   -2.137  -4.890  1.000 14.441 0 16  ASP A O   1 ? 
ATOM   101  C CB  . ASP A 1 16 ? 5.454   -1.785  -8.019  1.000 18.670 0 16  ASP A CB  1 ? 
ATOM   102  C CG  . ASP A 1 16 ? 4.917   -2.332  -9.340  1.000 24.788 0 16  ASP A CG  1 ? 
ATOM   103  O OD1 . ASP A 1 16 ? 5.652   -3.146  -9.965  1.000 33.037 0 16  ASP A OD1 1 ? 
ATOM   104  O OD2 . ASP A 1 16 ? 3.806   -1.912  -9.761  1.000 40.515 0 16  ASP A OD2 1 ? 
ATOM   105  N N   . GLN A 1 17 ? 7.883   -1.206  -6.157  1.000 11.761 0 17  GLN A N   1 ? 
ATOM   106  C CA  . GLN A 1 17 ? 8.372   -0.343  -5.095  1.000 12.900 0 17  GLN A CA  1 ? 
ATOM   107  C C   . GLN A 1 17 ? 7.256   0.615   -4.686  1.000 11.580 0 17  GLN A C   1 ? 
ATOM   108  O O   . GLN A 1 17 ? 6.457   1.035   -5.500  1.000 11.719 0 17  GLN A O   1 ? 
ATOM   109  C CB  . GLN A 1 17 ? 9.609   0.424   -5.551  1.000 14.592 0 17  GLN A CB  1 ? 
ATOM   110  C CG  . GLN A 1 17 ? 10.169  1.283   -4.423  1.000 18.372 0 17  GLN A CG  1 ? 
ATOM   111  C CD  . GLN A 1 17 ? 11.541  1.870   -4.688  1.000 22.228 0 17  GLN A CD  1 ? 
ATOM   112  O OE1 . GLN A 1 17 ? 11.940  2.103   -5.840  1.000 25.832 0 17  GLN A OE1 1 ? 
ATOM   113  N NE2 . GLN A 1 17 ? 12.237  2.164   -3.600  1.000 19.484 0 17  GLN A NE2 1 ? 
ATOM   114  N N   . GLY A 1 18 ? 7.207   0.939   -3.393  1.000 11.430 0 18  GLY A N   1 ? 
ATOM   115  C CA  . GLY A 1 18 ? 6.204   1.856   -2.894  1.000 11.202 0 18  GLY A CA  1 ? 
ATOM   116  C C   . GLY A 1 18 ? 6.431   3.292   -3.348  1.000 10.133 0 18  GLY A C   1 ? 
ATOM   117  O O   . GLY A 1 18 ? 7.446   3.654   -3.969  1.000 11.049 0 18  GLY A O   1 ? 
ATOM   118  N N   . PRO A 1 19 ? 5.432   4.158   -3.080  1.000 11.020 0 19  PRO A N   1 ? 
ATOM   119  C CA  . PRO A 1 19 ? 5.535   5.560   -3.441  1.000 12.593 0 19  PRO A CA  1 ? 
ATOM   120  C C   . PRO A 1 19 ? 6.498   6.329   -2.550  1.000 10.307 0 19  PRO A C   1 ? 
ATOM   121  O O   . PRO A 1 19 ? 6.882   5.881   -1.483  1.000 10.288 0 19  PRO A O   1 ? 
ATOM   122  C CB  . PRO A 1 19 ? 4.101   6.048   -3.275  1.000 13.601 0 19  PRO A CB  1 ? 
ATOM   123  C CG  . PRO A 1 19 ? 3.542   5.201   -2.168  1.000 16.962 0 19  PRO A CG  1 ? 
ATOM   124  C CD  . PRO A 1 19 ? 4.177   3.853   -2.371  1.000 13.554 0 19  PRO A CD  1 ? 
HETATM 125  N N   . HYP A 1 20 ? 6.903   7.523   -2.988  1.000 10.736 0 20  HYP A N   1 ? 
HETATM 126  C CA  . HYP A 1 20 ? 7.789   8.345   -2.178  1.000 11.620 0 20  HYP A CA  1 ? 
HETATM 127  C C   . HYP A 1 20 ? 7.143   8.693   -0.848  1.000 11.071 0 20  HYP A C   1 ? 
HETATM 128  O O   . HYP A 1 20 ? 5.919   8.860   -0.712  1.000 11.859 0 20  HYP A O   1 ? 
HETATM 129  C CB  . HYP A 1 20 ? 7.961   9.609   -3.022  1.000 12.785 0 20  HYP A CB  1 ? 
HETATM 130  C CG  . HYP A 1 20 ? 7.706   9.139   -4.439  1.000 12.825 0 20  HYP A CG  1 ? 
HETATM 131  C CD  . HYP A 1 20 ? 6.572   8.164   -4.274  1.000 12.444 0 20  HYP A CD  1 ? 
HETATM 132  O OD1 . HYP A 1 20 ? 8.863   8.500   -4.935  1.000 15.886 0 20  HYP A OD1 1 ? 
ATOM   133  N N   . GLY A 1 21 ? 8.002   8.874   0.135   1.000 10.075 0 21  GLY A N   1 ? 
ATOM   134  C CA  . GLY A 1 21 ? 7.608   9.364   1.429   1.000 11.449 0 21  GLY A CA  1 ? 
ATOM   135  C C   . GLY A 1 21 ? 7.146   10.824  1.397   1.000 8.984  0 21  GLY A C   1 ? 
ATOM   136  O O   . GLY A 1 21 ? 7.296   11.534  0.406   1.000 9.912  0 21  GLY A O   1 ? 
ATOM   137  N N   . PRO A 1 22 ? 6.601   11.289  2.522   1.000 10.463 0 22  PRO A N   1 ? 
ATOM   138  C CA  . PRO A 1 22 ? 6.229   12.692  2.644   1.000 10.311 0 22  PRO A CA  1 ? 
ATOM   139  C C   . PRO A 1 22 ? 7.458   13.589  2.675   1.000 11.549 0 22  PRO A C   1 ? 
ATOM   140  O O   . PRO A 1 22 ? 8.565   13.134  2.966   1.000 9.644  0 22  PRO A O   1 ? 
ATOM   141  C CB  . PRO A 1 22 ? 5.475   12.751  3.970   1.000 14.403 0 22  PRO A CB  1 ? 
ATOM   142  C CG  . PRO A 1 22 ? 5.933   11.551  4.737   1.000 19.065 0 22  PRO A CG  1 ? 
ATOM   143  C CD  . PRO A 1 22 ? 6.385   10.495  3.742   1.000 11.918 0 22  PRO A CD  1 ? 
HETATM 144  N N   . HYP A 1 23 ? 7.295   14.904  2.502   1.000 10.101 0 23  HYP A N   1 ? 
HETATM 145  C CA  . HYP A 1 23 ? 8.380   15.839  2.721   1.000 10.304 0 23  HYP A CA  1 ? 
HETATM 146  C C   . HYP A 1 23 ? 8.925   15.704  4.132   1.000 9.070  0 23  HYP A C   1 ? 
HETATM 147  O O   . HYP A 1 23 ? 8.214   15.387  5.086   1.000 9.695  0 23  HYP A O   1 ? 
HETATM 148  C CB  . HYP A 1 23 ? 7.735   17.210  2.503   1.000 10.745 0 23  HYP A CB  1 ? 
HETATM 149  C CG  . HYP A 1 23 ? 6.579   16.908  1.579   1.000 10.914 0 23  HYP A CG  1 ? 
HETATM 150  C CD  . HYP A 1 23 ? 6.056   15.587  2.069   1.000 11.727 0 23  HYP A CD  1 ? 
HETATM 151  O OD1 . HYP A 1 23 ? 7.079   16.797  0.259   1.000 15.118 0 23  HYP A OD1 1 ? 
ATOM   152  N N   . GLY A 1 24 ? 10.215  15.978  4.278   1.000 9.422  0 24  GLY A N   1 ? 
ATOM   153  C CA  . GLY A 1 24 ? 10.858  16.025  5.568   1.000 7.753  0 24  GLY A CA  1 ? 
ATOM   154  C C   . GLY A 1 24 ? 10.342  17.168  6.442   1.000 9.638  0 24  GLY A C   1 ? 
ATOM   155  O O   . GLY A 1 24 ? 9.569   18.026  6.022   1.000 10.245 0 24  GLY A O   1 ? 
ATOM   156  N N   . PRO A 1 25 ? 10.782  17.190  7.714   1.000 11.989 0 25  PRO A N   1 ? 
ATOM   157  C CA  . PRO A 1 25 ? 10.420  18.285  8.600   1.000 11.777 0 25  PRO A CA  1 ? 
ATOM   158  C C   . PRO A 1 25 ? 11.153  19.562  8.242   1.000 10.982 0 25  PRO A C   1 ? 
ATOM   159  O O   . PRO A 1 25 ? 12.159  19.558  7.540   1.000 10.606 0 25  PRO A O   1 ? 
ATOM   160  C CB  . PRO A 1 25 ? 10.808  17.793  9.976   1.000 15.024 0 25  PRO A CB  1 ? 
ATOM   161  C CG  . PRO A 1 25 ? 11.946  16.867  9.684   1.000 13.684 0 25  PRO A CG  1 ? 
ATOM   162  C CD  . PRO A 1 25 ? 11.671  16.200  8.323   1.000 11.815 0 25  PRO A CD  1 ? 
HETATM 163  N N   . HYP A 1 26 ? 10.657  20.713  8.725   1.000 9.710  0 26  HYP A N   1 ? 
HETATM 164  C CA  . HYP A 1 26 ? 11.363  21.976  8.555   1.000 10.463 0 26  HYP A CA  1 ? 
HETATM 165  C C   . HYP A 1 26 ? 12.793  21.921  9.041   1.000 11.139 0 26  HYP A C   1 ? 
HETATM 166  O O   . HYP A 1 26 ? 13.122  21.166  9.956   1.000 11.742 0 26  HYP A O   1 ? 
HETATM 167  C CB  . HYP A 1 26 ? 10.554  22.934  9.432   1.000 12.201 0 26  HYP A CB  1 ? 
HETATM 168  C CG  . HYP A 1 26 ? 9.162   22.335  9.382   1.000 13.025 0 26  HYP A CG  1 ? 
HETATM 169  C CD  . HYP A 1 26 ? 9.406   20.852  9.498   1.000 11.403 0 26  HYP A CD  1 ? 
HETATM 170  O OD1 . HYP A 1 26 ? 8.537   22.620  8.127   1.000 14.458 0 26  HYP A OD1 1 ? 
ATOM   171  N N   . GLY A 1 27 ? 13.634  22.734  8.404   1.000 11.474 0 27  GLY A N   1 ? 
ATOM   172  C CA  . GLY A 1 27 ? 15.014  22.836  8.812   1.000 12.158 0 27  GLY A CA  1 ? 
ATOM   173  C C   . GLY A 1 27 ? 15.202  23.570  10.134  1.000 13.528 0 27  GLY A C   1 ? 
ATOM   174  O O   . GLY A 1 27 ? 14.241  24.028  10.753  1.000 13.660 0 27  GLY A O   1 ? 
ATOM   175  N N   . PRO A 1 28 ? 16.487  23.738  10.534  1.000 15.913 0 28  PRO A N   1 ? 
ATOM   176  C CA  . PRO A 1 28 ? 16.821  24.464  11.760  1.000 18.426 0 28  PRO A CA  1 ? 
ATOM   177  C C   . PRO A 1 28 ? 16.428  25.936  11.662  1.000 18.834 0 28  PRO A C   1 ? 
ATOM   178  O O   . PRO A 1 28 ? 16.372  26.494  10.566  1.000 15.390 0 28  PRO A O   1 ? 
ATOM   179  C CB  . PRO A 1 28 ? 18.349  24.288  11.855  1.000 22.872 0 28  PRO A CB  1 ? 
ATOM   180  C CG  . PRO A 1 28 ? 18.760  23.264  10.822  1.000 22.790 0 28  PRO A CG  1 ? 
ATOM   181  C CD  . PRO A 1 28 ? 17.657  23.224  9.807   1.000 17.012 0 28  PRO A CD  1 ? 
HETATM 182  N N   . HYP A 1 29 ? 16.242  26.637  12.801  1.000 20.631 0 29  HYP A N   1 ? 
HETATM 183  C CA  . HYP A 1 29 ? 16.110  28.097  12.783  1.000 21.919 0 29  HYP A CA  1 ? 
HETATM 184  C C   . HYP A 1 29 ? 17.327  28.771  12.138  1.000 20.488 0 29  HYP A C   1 ? 
HETATM 185  O O   . HYP A 1 29 ? 18.454  28.293  12.251  1.000 22.967 0 29  HYP A O   1 ? 
HETATM 186  C CB  . HYP A 1 29 ? 16.007  28.443  14.279  1.000 22.973 0 29  HYP A CB  1 ? 
HETATM 187  C CG  . HYP A 1 29 ? 15.494  27.165  14.932  1.000 22.191 0 29  HYP A CG  1 ? 
HETATM 188  C CD  . HYP A 1 29 ? 16.205  26.075  14.166  1.000 27.877 0 29  HYP A CD  1 ? 
HETATM 189  O OD1 . HYP A 1 29 ? 14.090  27.099  14.768  1.000 28.472 0 29  HYP A OD1 1 ? 
ATOM   190  N N   . GLY A 1 30 ? 17.075  29.885  11.438  1.000 21.574 0 30  GLY A N   1 ? 
ATOM   191  C CA  . GLY A 1 30 ? 18.120  30.601  10.718  1.000 27.308 0 30  GLY A CA  1 ? 
ATOM   192  C C   . GLY A 1 30 ? 19.032  31.402  11.642  1.000 45.984 0 30  GLY A C   1 ? 
ATOM   193  O O   . GLY A 1 30 ? 18.873  31.276  12.881  1.000 40.499 0 30  GLY A O   1 ? 
ATOM   194  N N   . PRO B 1 1  ? -2.560  -38.868 -16.166 1.000 40.903 0 1   PRO B N   1 ? 
ATOM   195  C CA  . PRO B 1 1  ? -1.812  -38.321 -15.044 1.000 38.040 0 1   PRO B CA  1 ? 
ATOM   196  C C   . PRO B 1 1  ? -2.181  -36.861 -14.781 1.000 32.230 0 1   PRO B C   1 ? 
ATOM   197  O O   . PRO B 1 1  ? -2.811  -36.221 -15.621 1.000 24.724 0 1   PRO B O   1 ? 
ATOM   198  C CB  . PRO B 1 1  ? -0.349  -38.487 -15.482 1.000 43.134 0 1   PRO B CB  1 ? 
ATOM   199  C CG  . PRO B 1 1  ? -0.397  -38.347 -16.985 1.000 47.882 0 1   PRO B CG  1 ? 
ATOM   200  C CD  . PRO B 1 1  ? -1.713  -39.018 -17.352 1.000 49.428 0 1   PRO B CD  1 ? 
HETATM 201  N N   . HYP B 1 2  ? -1.768  -36.300 -13.626 1.000 32.270 0 2   HYP B N   1 ? 
HETATM 202  C CA  . HYP B 1 2  ? -2.041  -34.905 -13.297 1.000 29.922 0 2   HYP B CA  1 ? 
HETATM 203  C C   . HYP B 1 2  ? -1.495  -33.969 -14.366 1.000 22.824 0 2   HYP B C   1 ? 
HETATM 204  O O   . HYP B 1 2  ? -0.486  -34.232 -15.003 1.000 22.625 0 2   HYP B O   1 ? 
HETATM 205  C CB  . HYP B 1 2  ? -1.282  -34.685 -11.977 1.000 41.345 0 2   HYP B CB  1 ? 
HETATM 206  C CG  . HYP B 1 2  ? -1.207  -36.082 -11.378 1.000 29.714 0 2   HYP B CG  1 ? 
HETATM 207  C CD  . HYP B 1 2  ? -0.981  -36.963 -12.577 1.000 38.287 0 2   HYP B CD  1 ? 
HETATM 208  O OD1 . HYP B 1 2  ? -2.443  -36.347 -10.731 1.000 41.586 0 2   HYP B OD1 1 ? 
ATOM   209  N N   . GLY B 1 3  ? -2.201  -32.856 -14.565 1.000 16.492 0 3   GLY B N   1 ? 
ATOM   210  C CA  . GLY B 1 3  ? -1.759  -31.888 -15.537 1.000 11.967 0 3   GLY B CA  1 ? 
ATOM   211  C C   . GLY B 1 3  ? -0.541  -31.092 -15.064 1.000 10.573 0 3   GLY B C   1 ? 
ATOM   212  O O   . GLY B 1 3  ? -0.020  -31.245 -13.959 1.000 11.402 0 3   GLY B O   1 ? 
ATOM   213  N N   . PRO B 1 4  ? -0.046  -30.201 -15.938 1.000 9.562  0 4   PRO B N   1 ? 
ATOM   214  C CA  . PRO B 1 4  ? 1.084   -29.352 -15.615 1.000 11.396 0 4   PRO B CA  1 ? 
ATOM   215  C C   . PRO B 1 4  ? 0.723   -28.333 -14.554 1.000 11.928 0 4   PRO B C   1 ? 
ATOM   216  O O   . PRO B 1 4  ? -0.451  -27.987 -14.360 1.000 10.430 0 4   PRO B O   1 ? 
ATOM   217  C CB  . PRO B 1 4  ? 1.474   -28.659 -16.919 1.000 13.255 0 4   PRO B CB  1 ? 
ATOM   218  C CG  . PRO B 1 4  ? 0.408   -28.987 -17.904 1.000 17.205 0 4   PRO B CG  1 ? 
ATOM   219  C CD  . PRO B 1 4  ? -0.545  -29.938 -17.288 1.000 10.952 0 4   PRO B CD  1 ? 
HETATM 220  N N   . HYP B 1 5  ? 1.729   -27.760 -13.868 1.000 10.669 0 5   HYP B N   1 ? 
HETATM 221  C CA  . HYP B 1 5  ? 1.476   -26.646 -12.973 1.000 11.358 0 5   HYP B CA  1 ? 
HETATM 222  C C   . HYP B 1 5  ? 0.814   -25.493 -13.718 1.000 10.344 0 5   HYP B C   1 ? 
HETATM 223  O O   . HYP B 1 5  ? 1.013   -25.282 -14.935 1.000 10.348 0 5   HYP B O   1 ? 
HETATM 224  C CB  . HYP B 1 5  ? 2.885   -26.238 -12.516 1.000 11.897 0 5   HYP B CB  1 ? 
HETATM 225  C CG  . HYP B 1 5  ? 3.733   -27.485 -12.720 1.000 11.679 0 5   HYP B CG  1 ? 
HETATM 226  C CD  . HYP B 1 5  ? 3.162   -28.109 -13.979 1.000 12.637 0 5   HYP B CD  1 ? 
HETATM 227  O OD1 . HYP B 1 5  ? 3.529   -28.357 -11.628 1.000 16.145 0 5   HYP B OD1 1 ? 
ATOM   228  N N   . GLY B 1 6  ? 0.031   -24.720 -12.968 1.000 9.794  0 6   GLY B N   1 ? 
ATOM   229  C CA  . GLY B 1 6  ? -0.548  -23.504 -13.494 1.000 10.752 0 6   GLY B CA  1 ? 
ATOM   230  C C   . GLY B 1 6  ? 0.483   -22.428 -13.799 1.000 10.014 0 6   GLY B C   1 ? 
ATOM   231  O O   . GLY B 1 6  ? 1.669   -22.559 -13.507 1.000 10.213 0 6   GLY B O   1 ? 
ATOM   232  N N   . PRO B 1 7  ? 0.023   -21.295 -14.351 1.000 9.894  0 7   PRO B N   1 ? 
ATOM   233  C CA  . PRO B 1 7  ? 0.896   -20.171 -14.624 1.000 10.952 0 7   PRO B CA  1 ? 
ATOM   234  C C   . PRO B 1 7  ? 1.377   -19.529 -13.335 1.000 11.168 0 7   PRO B C   1 ? 
ATOM   235  O O   . PRO B 1 7  ? 0.766   -19.690 -12.278 1.000 10.461 0 7   PRO B O   1 ? 
ATOM   236  C CB  . PRO B 1 7  ? 0.040   -19.215 -15.426 1.000 12.099 0 7   PRO B CB  1 ? 
ATOM   237  C CG  . PRO B 1 7  ? -1.293  -19.869 -15.632 1.000 15.387 0 7   PRO B CG  1 ? 
ATOM   238  C CD  . PRO B 1 7  ? -1.368  -21.063 -14.727 1.000 11.953 0 7   PRO B CD  1 ? 
HETATM 239  N N   . HYP B 1 8  ? 2.435   -18.716 -13.401 1.000 10.376 0 8   HYP B N   1 ? 
HETATM 240  C CA  . HYP B 1 8  ? 2.839   -17.924 -12.251 1.000 11.474 0 8   HYP B CA  1 ? 
HETATM 241  C C   . HYP B 1 8  ? 1.702   -17.037 -11.774 1.000 10.916 0 8   HYP B C   1 ? 
HETATM 242  O O   . HYP B 1 8  ? 0.864   -16.578 -12.564 1.000 11.070 0 8   HYP B O   1 ? 
HETATM 243  C CB  . HYP B 1 8  ? 4.010   -17.104 -12.803 1.000 14.483 0 8   HYP B CB  1 ? 
HETATM 244  C CG  . HYP B 1 8  ? 4.584   -17.990 -13.891 1.000 16.397 0 8   HYP B CG  1 ? 
HETATM 245  C CD  . HYP B 1 8  ? 3.351   -18.578 -14.544 1.000 12.799 0 8   HYP B CD  1 ? 
HETATM 246  O OD1 . HYP B 1 8  ? 5.358   -19.009 -13.285 1.000 16.142 0 8   HYP B OD1 1 ? 
ATOM   247  N N   . GLY B 1 9  ? 1.722   -16.776 -10.465 1.000 9.642  0 9   GLY B N   1 ? 
ATOM   248  C CA  . GLY B 1 9  ? 0.697   -15.957 -9.870  1.000 10.567 0 9   GLY B CA  1 ? 
ATOM   249  C C   . GLY B 1 9  ? 0.850   -14.490 -10.231 1.000 9.271  0 9   GLY B C   1 ? 
ATOM   250  O O   . GLY B 1 9  ? 1.800   -14.067 -10.896 1.000 9.717  0 9   GLY B O   1 ? 
ATOM   251  N N   . PRO B 1 10 ? -0.111  -13.668 -9.773  1.000 10.110 0 10  PRO B N   1 ? 
ATOM   252  C CA  . PRO B 1 10 ? -0.018  -12.230 -9.987  1.000 10.481 0 10  PRO B CA  1 ? 
ATOM   253  C C   . PRO B 1 10 ? 1.084   -11.585 -9.177  1.000 10.885 0 10  PRO B C   1 ? 
ATOM   254  O O   . PRO B 1 10 ? 1.564   -12.158 -8.189  1.000 10.877 0 10  PRO B O   1 ? 
ATOM   255  C CB  . PRO B 1 10 ? -1.352  -11.686 -9.547  1.000 11.696 0 10  PRO B CB  1 ? 
ATOM   256  C CG  . PRO B 1 10 ? -2.151  -12.850 -9.120  1.000 14.149 0 10  PRO B CG  1 ? 
ATOM   257  C CD  . PRO B 1 10 ? -1.290  -14.063 -9.015  1.000 12.391 0 10  PRO B CD  1 ? 
HETATM 258  N N   . HYP B 1 11 ? 1.505   -10.372 -9.557  1.000 12.525 0 11  HYP B N   1 ? 
HETATM 259  C CA  . HYP B 1 11 ? 2.453   -9.629  -8.736  1.000 13.111 0 11  HYP B CA  1 ? 
HETATM 260  C C   . HYP B 1 11 ? 1.942   -9.411  -7.329  1.000 13.252 0 11  HYP B C   1 ? 
HETATM 261  O O   . HYP B 1 11 ? 0.741   -9.298  -7.093  1.000 12.941 0 11  HYP B O   1 ? 
HETATM 262  C CB  . HYP B 1 11 ? 2.581   -8.285  -9.461  1.000 15.254 0 11  HYP B CB  1 ? 
HETATM 263  C CG  . HYP B 1 11 ? 2.230   -8.626  -10.895 1.000 14.616 0 11  HYP B CG  1 ? 
HETATM 264  C CD  . HYP B 1 11 ? 1.116   -9.649  -10.769 1.000 16.668 0 11  HYP B CD  1 ? 
HETATM 265  O OD1 . HYP B 1 11 ? 3.399   -9.176  -11.491 1.000 18.199 0 11  HYP B OD1 1 ? 
ATOM   266  N N   . GLY B 1 12 ? 2.879   -9.327  -6.385  1.000 13.282 0 12  GLY B N   1 ? 
ATOM   267  C CA  . GLY B 1 12 ? 2.555   -9.054  -5.000  1.000 14.513 0 12  GLY B CA  1 ? 
ATOM   268  C C   . GLY B 1 12 ? 2.074   -7.626  -4.801  1.000 13.886 0 12  GLY B C   1 ? 
ATOM   269  O O   . GLY B 1 12 ? 2.078   -6.820  -5.729  1.000 13.860 0 12  GLY B O   1 ? 
ATOM   270  N N   . PRO B 1 13 ? 1.703   -7.308  -3.547  1.000 14.285 0 13  PRO B N   1 ? 
ATOM   271  C CA  . PRO B 1 13 ? 1.261   -5.953  -3.207  1.000 19.289 0 13  PRO B CA  1 ? 
ATOM   272  C C   . PRO B 1 13 ? 2.388   -4.937  -3.361  1.000 17.284 0 13  PRO B C   1 ? 
ATOM   273  O O   . PRO B 1 13 ? 3.565   -5.256  -3.240  1.000 14.342 0 13  PRO B O   1 ? 
ATOM   274  C CB  . PRO B 1 13 ? 0.789   -6.040  -1.772  1.000 19.928 0 13  PRO B CB  1 ? 
ATOM   275  C CG  . PRO B 1 13 ? 1.287   -7.354  -1.231  1.000 24.601 0 13  PRO B CG  1 ? 
ATOM   276  C CD  . PRO B 1 13 ? 1.710   -8.217  -2.398  1.000 21.299 0 13  PRO B CD  1 ? 
ATOM   277  N N   . LYS B 1 14 ? 1.990   -3.696  -3.654  1.000 17.541 0 14  LYS B N   1 ? 
ATOM   278  C CA  . LYS B 1 14 ? 2.932   -2.598  -3.760  1.000 17.715 0 14  LYS B CA  1 ? 
ATOM   279  C C   . LYS B 1 14 ? 3.604   -2.395  -2.413  1.000 13.576 0 14  LYS B C   1 ? 
ATOM   280  O O   . LYS B 1 14 ? 2.986   -2.604  -1.366  1.000 15.991 0 14  LYS B O   1 ? 
ATOM   281  C CB  . LYS B 1 14 ? 2.154   -1.352  -4.208  1.000 26.935 0 14  LYS B CB  1 ? 
ATOM   282  C CG  . LYS B 1 14 ? 2.991   -0.111  -4.443  1.000 36.394 0 14  LYS B CG  1 ? 
ATOM   283  C CD  . LYS B 1 14 ? 2.376   0.821   -5.501  1.000 41.789 0 14  LYS B CD  1 ? 
ATOM   284  C CE  . LYS B 1 14 ? 3.329   1.416   -6.533  1.000 40.973 0 14  LYS B CE  1 ? 
ATOM   285  N NZ  . LYS B 1 14 ? 2.762   1.446   -7.895  1.000 29.057 0 14  LYS B NZ  1 ? 
ATOM   286  N N   . GLY B 1 15 ? 4.861   -1.946  -2.444  1.000 13.066 0 15  GLY B N   1 ? 
ATOM   287  C CA  . GLY B 1 15 ? 5.611   -1.632  -1.243  1.000 11.877 0 15  GLY B CA  1 ? 
ATOM   288  C C   . GLY B 1 15 ? 4.979   -0.488  -0.443  1.000 13.110 0 15  GLY B C   1 ? 
ATOM   289  O O   . GLY B 1 15 ? 4.179   0.283   -0.967  1.000 12.927 0 15  GLY B O   1 ? 
ATOM   290  N N   . ASP B 1 16 ? 5.410   -0.391  0.820   1.000 16.218 0 16  ASP B N   1 ? 
ATOM   291  C CA  . ASP B 1 16 ? 5.013   0.688   1.704   1.000 17.452 0 16  ASP B CA  1 ? 
ATOM   292  C C   . ASP B 1 16 ? 5.538   2.031   1.190   1.000 16.074 0 16  ASP B C   1 ? 
ATOM   293  O O   . ASP B 1 16 ? 6.549   2.120   0.494   1.000 13.367 0 16  ASP B O   1 ? 
ATOM   294  C CB  . ASP B 1 16 ? 5.633   0.483   3.072   1.000 22.490 0 16  ASP B CB  1 ? 
ATOM   295  C CG  . ASP B 1 16 ? 5.126   -0.660  3.924   1.000 25.989 0 16  ASP B CG  1 ? 
ATOM   296  O OD1 . ASP B 1 16 ? 4.021   -1.135  3.642   1.000 39.043 0 16  ASP B OD1 1 ? 
ATOM   297  O OD2 . ASP B 1 16 ? 5.861   -1.023  4.861   1.000 34.817 0 16  ASP B OD2 1 ? 
ATOM   298  N N   . GLN B 1 17 ? 4.808   3.098   1.542   1.000 14.773 0 17  GLN B N   1 ? 
ATOM   299  C CA  . GLN B 1 17 ? 5.249   4.447   1.278   1.000 14.627 0 17  GLN B CA  1 ? 
ATOM   300  C C   . GLN B 1 17 ? 6.610   4.657   1.929   1.000 12.210 0 17  GLN B C   1 ? 
ATOM   301  O O   . GLN B 1 17 ? 6.941   4.070   2.980   1.000 12.195 0 17  GLN B O   1 ? 
ATOM   302  C CB  . GLN B 1 17 ? 4.206   5.372   1.891   1.000 14.742 0 17  GLN B CB  1 ? 
ATOM   303  C CG  . GLN B 1 17 ? 4.549   6.844   1.772   1.000 14.861 0 17  GLN B CG  1 ? 
ATOM   304  C CD  . GLN B 1 17 ? 3.468   7.754   2.324   1.000 20.922 0 17  GLN B CD  1 ? 
ATOM   305  O OE1 . GLN B 1 17 ? 2.866   7.463   3.355   1.000 21.321 0 17  GLN B OE1 1 ? 
ATOM   306  N NE2 . GLN B 1 17 ? 3.262   8.897   1.675   1.000 28.498 0 17  GLN B NE2 1 ? 
ATOM   307  N N   . GLY B 1 18 ? 7.470   5.435   1.253   1.000 9.423  0 18  GLY B N   1 ? 
ATOM   308  C CA  . GLY B 1 18 ? 8.791   5.692   1.803   1.000 10.068 0 18  GLY B CA  1 ? 
ATOM   309  C C   . GLY B 1 18 ? 8.746   6.512   3.094   1.000 10.046 0 18  GLY B C   1 ? 
ATOM   310  O O   . GLY B 1 18 ? 7.708   7.073   3.463   1.000 10.392 0 18  GLY B O   1 ? 
ATOM   311  N N   . PRO B 1 19 ? 9.899   6.592   3.788   1.000 10.847 0 19  PRO B N   1 ? 
ATOM   312  C CA  . PRO B 1 19 ? 9.983   7.389   5.000   1.000 11.043 0 19  PRO B CA  1 ? 
ATOM   313  C C   . PRO B 1 19 ? 9.924   8.874   4.681   1.000 11.241 0 19  PRO B C   1 ? 
ATOM   314  O O   . PRO B 1 19 ? 10.145  9.288   3.547   1.000 9.567  0 19  PRO B O   1 ? 
ATOM   315  C CB  . PRO B 1 19 ? 11.302  6.953   5.606   1.000 14.271 0 19  PRO B CB  1 ? 
ATOM   316  C CG  . PRO B 1 19 ? 12.143  6.583   4.423   1.000 15.277 0 19  PRO B CG  1 ? 
ATOM   317  C CD  . PRO B 1 19 ? 11.186  5.986   3.408   1.000 12.450 0 19  PRO B CD  1 ? 
HETATM 318  N N   . HYP B 1 20 ? 9.741   9.726   5.696   1.000 11.104 0 20  HYP B N   1 ? 
HETATM 319  C CA  . HYP B 1 20 ? 9.876   11.153  5.495   1.000 9.700  0 20  HYP B CA  1 ? 
HETATM 320  C C   . HYP B 1 20 ? 11.229  11.514  4.907   1.000 11.206 0 20  HYP B C   1 ? 
HETATM 321  O O   . HYP B 1 20 ? 12.249  10.867  5.192   1.000 11.406 0 20  HYP B O   1 ? 
HETATM 322  C CB  . HYP B 1 20 ? 9.713   11.731  6.913   1.000 12.578 0 20  HYP B CB  1 ? 
HETATM 323  C CG  . HYP B 1 20 ? 8.894   10.669  7.627   1.000 10.987 0 20  HYP B CG  1 ? 
HETATM 324  C CD  . HYP B 1 20 ? 9.466   9.375   7.102   1.000 11.550 0 20  HYP B CD  1 ? 
HETATM 325  O OD1 . HYP B 1 20 ? 7.526   10.771  7.260   1.000 13.066 0 20  HYP B OD1 1 ? 
ATOM   326  N N   . GLY B 1 21 ? 11.212  12.587  4.121   1.000 10.325 0 21  GLY B N   1 ? 
ATOM   327  C CA  . GLY B 1 21 ? 12.426  13.145  3.577   1.000 9.663  0 21  GLY B CA  1 ? 
ATOM   328  C C   . GLY B 1 21 ? 13.350  13.719  4.644   1.000 11.238 0 21  GLY B C   1 ? 
ATOM   329  O O   . GLY B 1 21 ? 12.995  13.821  5.820   1.000 10.998 0 21  GLY B O   1 ? 
ATOM   330  N N   . PRO B 1 22 ? 14.554  14.135  4.222   1.000 10.849 0 22  PRO B N   1 ? 
ATOM   331  C CA  . PRO B 1 22 ? 15.504  14.757  5.132   1.000 10.755 0 22  PRO B CA  1 ? 
ATOM   332  C C   . PRO B 1 22 ? 14.996  16.093  5.643   1.000 10.900 0 22  PRO B C   1 ? 
ATOM   333  O O   . PRO B 1 22 ? 14.148  16.721  5.018   1.000 10.494 0 22  PRO B O   1 ? 
ATOM   334  C CB  . PRO B 1 22 ? 16.767  14.943  4.302   1.000 14.840 0 22  PRO B CB  1 ? 
ATOM   335  C CG  . PRO B 1 22 ? 16.494  14.377  2.950   1.000 16.291 0 22  PRO B CG  1 ? 
ATOM   336  C CD  . PRO B 1 22 ? 15.036  14.054  2.837   1.000 13.418 0 22  PRO B CD  1 ? 
HETATM 337  N N   . HYP B 1 23 ? 15.556  16.595  6.757   1.000 11.934 0 23  HYP B N   1 ? 
HETATM 338  C CA  . HYP B 1 23 ? 15.206  17.928  7.224   1.000 11.272 0 23  HYP B CA  1 ? 
HETATM 339  C C   . HYP B 1 23 ? 15.524  18.965  6.147   1.000 9.555  0 23  HYP B C   1 ? 
HETATM 340  O O   . HYP B 1 23 ? 16.455  18.810  5.351   1.000 12.042 0 23  HYP B O   1 ? 
HETATM 341  C CB  . HYP B 1 23 ? 16.095  18.101  8.453   1.000 11.447 0 23  HYP B CB  1 ? 
HETATM 342  C CG  . HYP B 1 23 ? 16.425  16.688  8.898   1.000 13.130 0 23  HYP B CG  1 ? 
HETATM 343  C CD  . HYP B 1 23 ? 16.564  15.936  7.615   1.000 12.591 0 23  HYP B CD  1 ? 
HETATM 344  O OD1 . HYP B 1 23 ? 15.345  16.171  9.644   1.000 15.080 0 23  HYP B OD1 1 ? 
ATOM   345  N N   . GLY B 1 24 ? 14.747  20.030  6.143   1.000 10.654 0 24  GLY B N   1 ? 
ATOM   346  C CA  . GLY B 1 24 ? 14.987  21.120  5.233   1.000 10.970 0 24  GLY B CA  1 ? 
ATOM   347  C C   . GLY B 1 24 ? 16.227  21.926  5.613   1.000 11.751 0 24  GLY B C   1 ? 
ATOM   348  O O   . GLY B 1 24 ? 16.905  21.696  6.617   1.000 12.631 0 24  GLY B O   1 ? 
ATOM   349  N N   . PRO B 1 25 ? 16.567  22.901  4.756   1.000 13.004 0 25  PRO B N   1 ? 
ATOM   350  C CA  . PRO B 1 25 ? 17.692  23.789  5.014   1.000 14.730 0 25  PRO B CA  1 ? 
ATOM   351  C C   . PRO B 1 25 ? 17.407  24.762  6.141   1.000 15.984 0 25  PRO B C   1 ? 
ATOM   352  O O   . PRO B 1 25 ? 16.263  24.970  6.542   1.000 13.885 0 25  PRO B O   1 ? 
ATOM   353  C CB  . PRO B 1 25 ? 17.885  24.520  3.708   1.000 17.007 0 25  PRO B CB  1 ? 
ATOM   354  C CG  . PRO B 1 25 ? 16.568  24.524  3.097   1.000 19.065 0 25  PRO B CG  1 ? 
ATOM   355  C CD  . PRO B 1 25 ? 15.871  23.242  3.513   1.000 14.541 0 25  PRO B CD  1 ? 
HETATM 356  N N   . HYP B 1 26 ? 18.462  25.396  6.678   1.000 17.465 0 26  HYP B N   1 ? 
HETATM 357  C CA  . HYP B 1 26 ? 18.272  26.427  7.694   1.000 16.856 0 26  HYP B CA  1 ? 
HETATM 358  C C   . HYP B 1 26 ? 17.373  27.555  7.196   1.000 18.585 0 26  HYP B C   1 ? 
HETATM 359  O O   . HYP B 1 26 ? 17.321  27.861  6.006   1.000 19.801 0 26  HYP B O   1 ? 
HETATM 360  C CB  . HYP B 1 26 ? 19.700  26.958  7.879   1.000 21.569 0 26  HYP B CB  1 ? 
HETATM 361  C CG  . HYP B 1 26 ? 20.595  25.804  7.472   1.000 20.731 0 26  HYP B CG  1 ? 
HETATM 362  C CD  . HYP B 1 26 ? 19.881  25.197  6.304   1.000 21.035 0 26  HYP B CD  1 ? 
HETATM 363  O OD1 . HYP B 1 26 ? 20.646  24.861  8.519   1.000 22.183 0 26  HYP B OD1 1 ? 
ATOM   364  N N   . GLY B 1 27 ? 16.663  28.189  8.123   1.000 17.496 0 27  GLY B N   1 ? 
ATOM   365  C CA  . GLY B 1 27 ? 15.892  29.381  7.799   1.000 20.513 0 27  GLY B CA  1 ? 
ATOM   366  C C   . GLY B 1 27 ? 16.781  30.585  7.483   1.000 22.789 0 27  GLY B C   1 ? 
ATOM   367  O O   . GLY B 1 27 ? 17.991  30.538  7.695   1.000 22.265 0 27  GLY B O   1 ? 
ATOM   368  N N   . PRO B 1 28 ? 16.195  31.675  6.946   1.000 27.711 0 28  PRO B N   1 ? 
ATOM   369  C CA  . PRO B 1 28 ? 16.960  32.875  6.600   1.000 31.624 0 28  PRO B CA  1 ? 
ATOM   370  C C   . PRO B 1 28 ? 17.578  33.535  7.834   1.000 33.016 0 28  PRO B C   1 ? 
ATOM   371  O O   . PRO B 1 28 ? 17.039  33.410  8.928   1.000 24.588 0 28  PRO B O   1 ? 
ATOM   372  C CB  . PRO B 1 28 ? 15.925  33.774  5.919   1.000 37.021 0 28  PRO B CB  1 ? 
ATOM   373  C CG  . PRO B 1 28 ? 14.584  33.279  6.432   1.000 34.667 0 28  PRO B CG  1 ? 
ATOM   374  C CD  . PRO B 1 28 ? 14.758  31.789  6.660   1.000 33.257 0 28  PRO B CD  1 ? 
HETATM 375  N N   . HYP B 1 29 ? 18.717  34.262  7.715   1.000 32.726 0 29  HYP B N   1 ? 
HETATM 376  C CA  . HYP B 1 29 ? 19.333  34.915  8.878   1.000 34.936 0 29  HYP B CA  1 ? 
HETATM 377  C C   . HYP B 1 29 ? 18.489  36.028  9.529   1.000 31.064 0 29  HYP B C   1 ? 
HETATM 378  O O   . HYP B 1 29 ? 17.555  36.508  8.879   1.000 30.281 0 29  HYP B O   1 ? 
HETATM 379  C CB  . HYP B 1 29 ? 20.618  35.520  8.290   1.000 45.027 0 29  HYP B CB  1 ? 
HETATM 380  C CG  . HYP B 1 29 ? 20.879  34.730  7.015   1.000 44.465 0 29  HYP B CG  1 ? 
HETATM 381  C CD  . HYP B 1 29 ? 19.496  34.451  6.479   1.000 43.225 0 29  HYP B CD  1 ? 
HETATM 382  O OD1 . HYP B 1 29 ? 21.551  33.515  7.325   1.000 45.131 0 29  HYP B OD1 1 ? 
ATOM   383  N N   . PRO C 1 1  ? 7.472   37.238  20.078  1.000 26.017 0 1   PRO C N   1 ? 
ATOM   384  C CA  . PRO C 1 1  ? 8.051   35.941  19.746  1.000 24.084 0 1   PRO C CA  1 ? 
ATOM   385  C C   . PRO C 1 1  ? 7.242   35.259  18.647  1.000 22.473 0 1   PRO C C   1 ? 
ATOM   386  O O   . PRO C 1 1  ? 6.086   35.626  18.393  1.000 17.959 0 1   PRO C O   1 ? 
ATOM   387  C CB  . PRO C 1 1  ? 8.037   35.108  21.042  1.000 28.165 0 1   PRO C CB  1 ? 
ATOM   388  C CG  . PRO C 1 1  ? 7.614   36.098  22.119  1.000 32.228 0 1   PRO C CG  1 ? 
ATOM   389  C CD  . PRO C 1 1  ? 6.868   37.206  21.398  1.000 30.897 0 1   PRO C CD  1 ? 
HETATM 390  N N   . HYP C 1 2  ? 7.806   34.218  18.002  1.000 21.960 0 2   HYP C N   1 ? 
HETATM 391  C CA  . HYP C 1 2  ? 7.077   33.443  17.003  1.000 20.824 0 2   HYP C CA  1 ? 
HETATM 392  C C   . HYP C 1 2  ? 5.820   32.837  17.607  1.000 16.763 0 2   HYP C C   1 ? 
HETATM 393  O O   . HYP C 1 2  ? 5.760   32.503  18.779  1.000 17.887 0 2   HYP C O   1 ? 
HETATM 394  C CB  . HYP C 1 2  ? 8.069   32.332  16.609  1.000 24.439 0 2   HYP C CB  1 ? 
HETATM 395  C CG  . HYP C 1 2  ? 9.428   32.919  16.945  1.000 26.559 0 2   HYP C CG  1 ? 
HETATM 396  C CD  . HYP C 1 2  ? 9.171   33.711  18.213  1.000 26.322 0 2   HYP C CD  1 ? 
HETATM 397  O OD1 . HYP C 1 2  ? 9.802   33.752  15.862  1.000 27.707 0 2   HYP C OD1 1 ? 
ATOM   398  N N   . GLY C 1 3  ? 4.795   32.697  16.773  1.000 14.122 0 3   GLY C N   1 ? 
ATOM   399  C CA  . GLY C 1 3  ? 3.579   32.075  17.221  1.000 13.000 0 3   GLY C CA  1 ? 
ATOM   400  C C   . GLY C 1 3  ? 3.721   30.567  17.385  1.000 12.481 0 3   GLY C C   1 ? 
ATOM   401  O O   . GLY C 1 3  ? 4.751   29.944  17.102  1.000 12.823 0 3   GLY C O   1 ? 
ATOM   402  N N   . PRO C 1 4  ? 2.671   29.934  17.923  1.000 12.437 0 4   PRO C N   1 ? 
ATOM   403  C CA  . PRO C 1 4  ? 2.665   28.492  18.128  1.000 12.012 0 4   PRO C CA  1 ? 
ATOM   404  C C   . PRO C 1 4  ? 2.587   27.764  16.785  1.000 12.190 0 4   PRO C C   1 ? 
ATOM   405  O O   . PRO C 1 4  ? 2.218   28.332  15.750  1.000 9.881  0 4   PRO C O   1 ? 
ATOM   406  C CB  . PRO C 1 4  ? 1.415   28.243  18.976  1.000 16.130 0 4   PRO C CB  1 ? 
ATOM   407  C CG  . PRO C 1 4  ? 0.592   29.500  18.941  1.000 18.007 0 4   PRO C CG  1 ? 
ATOM   408  C CD  . PRO C 1 4  ? 1.397   30.575  18.313  1.000 12.793 0 4   PRO C CD  1 ? 
HETATM 409  N N   . HYP C 1 5  ? 2.833   26.443  16.790  1.000 11.141 0 5   HYP C N   1 ? 
HETATM 410  C CA  . HYP C 1 5  ? 2.617   25.646  15.590  1.000 11.823 0 5   HYP C CA  1 ? 
HETATM 411  C C   . HYP C 1 5  ? 1.170   25.742  15.127  1.000 10.276 0 5   HYP C C   1 ? 
HETATM 412  O O   . HYP C 1 5  ? 0.233   25.949  15.921  1.000 10.318 0 5   HYP C O   1 ? 
HETATM 413  C CB  . HYP C 1 5  ? 2.954   24.221  16.035  1.000 11.322 0 5   HYP C CB  1 ? 
HETATM 414  C CG  . HYP C 1 5  ? 3.867   24.406  17.241  1.000 11.757 0 5   HYP C CG  1 ? 
HETATM 415  C CD  . HYP C 1 5  ? 3.309   25.626  17.922  1.000 12.998 0 5   HYP C CD  1 ? 
HETATM 416  O OD1 . HYP C 1 5  ? 5.178   24.669  16.777  1.000 15.389 0 5   HYP C OD1 1 ? 
ATOM   417  N N   . GLY C 1 6  ? 0.999   25.598  13.813  1.000 10.883 0 6   GLY C N   1 ? 
ATOM   418  C CA  . GLY C 1 6  ? -0.321  25.555  13.234  1.000 11.179 0 6   GLY C CA  1 ? 
ATOM   419  C C   . GLY C 1 6  ? -1.082  24.286  13.592  1.000 9.586  0 6   GLY C C   1 ? 
ATOM   420  O O   . GLY C 1 6  ? -0.593  23.396  14.306  1.000 10.331 0 6   GLY C O   1 ? 
ATOM   421  N N   . PRO C 1 7  ? -2.315  24.180  13.070  1.000 9.775  0 7   PRO C N   1 ? 
ATOM   422  C CA  . PRO C 1 7  ? -3.160  23.025  13.317  1.000 10.152 0 7   PRO C CA  1 ? 
ATOM   423  C C   . PRO C 1 7  ? -2.612  21.799  12.631  1.000 9.357  0 7   PRO C C   1 ? 
ATOM   424  O O   . PRO C 1 7  ? -1.828  21.880  11.657  1.000 10.198 0 7   PRO C O   1 ? 
ATOM   425  C CB  . PRO C 1 7  ? -4.503  23.362  12.716  1.000 12.378 0 7   PRO C CB  1 ? 
ATOM   426  C CG  . PRO C 1 7  ? -4.242  24.506  11.825  1.000 15.238 0 7   PRO C CG  1 ? 
ATOM   427  C CD  . PRO C 1 7  ? -2.965  25.199  12.246  1.000 10.389 0 7   PRO C CD  1 ? 
HETATM 428  N N   . HYP C 1 8  ? -2.972  20.594  13.108  1.000 8.540  0 8   HYP C N   1 ? 
HETATM 429  C CA  . HYP C 1 8  ? -2.501  19.377  12.456  1.000 9.053  0 8   HYP C CA  1 ? 
HETATM 430  C C   . HYP C 1 8  ? -3.010  19.338  11.018  1.000 8.146  0 8   HYP C C   1 ? 
HETATM 431  O O   . HYP C 1 8  ? -4.076  19.861  10.695  1.000 10.042 0 8   HYP C O   1 ? 
HETATM 432  C CB  . HYP C 1 8  ? -3.116  18.260  13.319  1.000 11.220 0 8   HYP C CB  1 ? 
HETATM 433  C CG  . HYP C 1 8  ? -3.375  18.933  14.667  1.000 12.053 0 8   HYP C CG  1 ? 
HETATM 434  C CD  . HYP C 1 8  ? -3.838  20.325  14.284  1.000 9.823  0 8   HYP C CD  1 ? 
HETATM 435  O OD1 . HYP C 1 8  ? -2.175  19.041  15.413  1.000 14.156 0 8   HYP C OD1 1 ? 
ATOM   436  N N   . GLY C 1 9  ? -2.254  18.661  10.159  1.000 9.226  0 9   GLY C N   1 ? 
ATOM   437  C CA  . GLY C 1 9  ? -2.665  18.478  8.780   1.000 9.960  0 9   GLY C CA  1 ? 
ATOM   438  C C   . GLY C 1 9  ? -3.850  17.534  8.635   1.000 9.968  0 9   GLY C C   1 ? 
ATOM   439  O O   . GLY C 1 9  ? -4.343  16.933  9.602   1.000 9.846  0 9   GLY C O   1 ? 
ATOM   440  N N   . PRO C 1 10 ? -4.372  17.440  7.396   1.000 12.152 0 10  PRO C N   1 ? 
ATOM   441  C CA  . PRO C 1 10 ? -5.492  16.551  7.129   1.000 13.754 0 10  PRO C CA  1 ? 
ATOM   442  C C   . PRO C 1 10 ? -5.074  15.096  7.203   1.000 11.785 0 10  PRO C C   1 ? 
ATOM   443  O O   . PRO C 1 10 ? -3.894  14.749  7.147   1.000 9.686  0 10  PRO C O   1 ? 
ATOM   444  C CB  . PRO C 1 10 ? -5.924  16.946  5.720   1.000 15.583 0 10  PRO C CB  1 ? 
ATOM   445  C CG  . PRO C 1 10 ? -4.746  17.610  5.100   1.000 18.567 0 10  PRO C CG  1 ? 
ATOM   446  C CD  . PRO C 1 10 ? -3.865  18.144  6.216   1.000 13.264 0 10  PRO C CD  1 ? 
HETATM 447  N N   . HYP C 1 11 ? -6.060  14.196  7.272   1.000 12.833 0 11  HYP C N   1 ? 
HETATM 448  C CA  . HYP C 1 11 ? -5.764  12.760  7.193   1.000 13.462 0 11  HYP C CA  1 ? 
HETATM 449  C C   . HYP C 1 11 ? -5.065  12.421  5.882   1.000 13.575 0 11  HYP C C   1 ? 
HETATM 450  O O   . HYP C 1 11 ? -5.263  13.069  4.852   1.000 14.120 0 11  HYP C O   1 ? 
HETATM 451  C CB  . HYP C 1 11 ? -7.134  12.104  7.222   1.000 14.758 0 11  HYP C CB  1 ? 
HETATM 452  C CG  . HYP C 1 11 ? -8.023  13.137  7.905   1.000 15.610 0 11  HYP C CG  1 ? 
HETATM 453  C CD  . HYP C 1 11 ? -7.502  14.471  7.422   1.000 15.164 0 11  HYP C CD  1 ? 
HETATM 454  O OD1 . HYP C 1 11 ? -7.862  13.067  9.314   1.000 16.461 0 11  HYP C OD1 1 ? 
ATOM   455  N N   . GLY C 1 12 ? -4.229  11.381  5.907   1.000 12.294 0 12  GLY C N   1 ? 
ATOM   456  C CA  . GLY C 1 12 ? -3.517  10.926  4.733   1.000 13.983 0 12  GLY C CA  1 ? 
ATOM   457  C C   . GLY C 1 12 ? -4.483  10.244  3.764   1.000 12.800 0 12  GLY C C   1 ? 
ATOM   458  O O   . GLY C 1 12 ? -5.664  10.042  4.064   1.000 12.303 0 12  GLY C O   1 ? 
ATOM   459  N N   . PRO C 1 13 ? -3.973  9.897   2.561   1.000 16.437 0 13  PRO C N   1 ? 
ATOM   460  C CA  . PRO C 1 13 ? -4.760  9.160   1.575   1.000 15.860 0 13  PRO C CA  1 ? 
ATOM   461  C C   . PRO C 1 13 ? -5.192  7.783   2.064   1.000 14.394 0 13  PRO C C   1 ? 
ATOM   462  O O   . PRO C 1 13 ? -4.522  7.179   2.889   1.000 16.049 0 13  PRO C O   1 ? 
ATOM   463  C CB  . PRO C 1 13 ? -3.832  9.076   0.362   1.000 17.267 0 13  PRO C CB  1 ? 
ATOM   464  C CG  . PRO C 1 13 ? -2.429  9.387   0.854   1.000 23.175 0 13  PRO C CG  1 ? 
ATOM   465  C CD  . PRO C 1 13 ? -2.585  10.124  2.160   1.000 17.217 0 13  PRO C CD  1 ? 
ATOM   466  N N   . LYS C 1 14 ? -6.342  7.324   1.578   1.000 14.384 0 14  LYS C N   1 ? 
ATOM   467  C CA  . LYS C 1 14 ? -6.827  5.984   1.869   1.000 15.334 0 14  LYS C CA  1 ? 
ATOM   468  C C   . LYS C 1 14 ? -5.810  4.965   1.349   1.000 14.454 0 14  LYS C C   1 ? 
ATOM   469  O O   . LYS C 1 14 ? -5.170  5.160   0.310   1.000 17.592 0 14  LYS C O   1 ? 
ATOM   470  C CB  . LYS C 1 14 ? -8.194  5.789   1.207   1.000 16.848 0 14  LYS C CB  1 ? 
ATOM   471  C CG  . LYS C 1 14 ? -8.859  4.456   1.528   1.000 19.513 0 14  LYS C CG  1 ? 
ATOM   472  C CD  . LYS C 1 14 ? -10.289 4.394   1.010   1.000 18.045 0 14  LYS C CD  1 ? 
ATOM   473  C CE  . LYS C 1 14 ? -11.090 3.313   1.631   1.000 18.553 0 14  LYS C CE  1 ? 
ATOM   474  N NZ  . LYS C 1 14 ? -12.411 3.146   1.002   1.000 21.377 0 14  LYS C NZ  1 ? 
ATOM   475  N N   . GLY C 1 15 ? -5.671  3.846   2.077   1.000 11.977 0 15  GLY C N   1 ? 
ATOM   476  C CA  . GLY C 1 15 ? -4.795  2.774   1.653   1.000 12.687 0 15  GLY C CA  1 ? 
ATOM   477  C C   . GLY C 1 15 ? -5.276  2.057   0.389   1.000 13.069 0 15  GLY C C   1 ? 
ATOM   478  O O   . GLY C 1 15 ? -6.385  2.236   -0.060  1.000 16.472 0 15  GLY C O   1 ? 
ATOM   479  N N   . ASP C 1 16 ? -4.369  1.221   -0.130  1.000 14.597 0 16  ASP C N   1 ? 
ATOM   480  C CA  . ASP C 1 16 ? -4.657  0.415   -1.299  1.000 19.570 0 16  ASP C CA  1 ? 
ATOM   481  C C   . ASP C 1 16 ? -5.639  -0.697  -0.957  1.000 15.867 0 16  ASP C C   1 ? 
ATOM   482  O O   . ASP C 1 16 ? -5.708  -1.143  0.172   1.000 14.747 0 16  ASP C O   1 ? 
ATOM   483  C CB  . ASP C 1 16 ? -3.380  -0.174  -1.860  1.000 22.158 0 16  ASP C CB  1 ? 
ATOM   484  C CG  . ASP C 1 16 ? -2.477  0.823   -2.584  1.000 31.059 0 16  ASP C CG  1 ? 
ATOM   485  O OD1 . ASP C 1 16 ? -2.967  1.927   -2.954  1.000 35.723 0 16  ASP C OD1 1 ? 
ATOM   486  O OD2 . ASP C 1 16 ? -1.290  0.481   -2.776  1.000 43.830 0 16  ASP C OD2 1 ? 
ATOM   487  N N   . GLN C 1 17 ? -6.353  -1.161  -1.973  1.000 15.750 0 17  GLN C N   1 ? 
ATOM   488  C CA  . GLN C 1 17 ? -7.181  -2.348  -1.883  1.000 13.728 0 17  GLN C CA  1 ? 
ATOM   489  C C   . GLN C 1 17 ? -6.343  -3.513  -1.351  1.000 13.268 0 17  GLN C C   1 ? 
ATOM   490  O O   . GLN C 1 17 ? -5.156  -3.657  -1.652  1.000 12.708 0 17  GLN C O   1 ? 
ATOM   491  C CB  . GLN C 1 17 ? -7.827  -2.652  -3.234  1.000 18.080 0 17  GLN C CB  1 ? 
ATOM   492  C CG  . GLN C 1 17 ? -6.913  -3.349  -4.233  1.000 19.224 0 17  GLN C CG  1 ? 
ATOM   493  C CD  . GLN C 1 17 ? -7.560  -3.648  -5.561  1.000 20.564 0 17  GLN C CD  1 ? 
ATOM   494  O OE1 . GLN C 1 17 ? -8.785  -3.690  -5.729  1.000 23.214 0 17  GLN C OE1 1 ? 
ATOM   495  N NE2 . GLN C 1 17 ? -6.704  -3.909  -6.533  1.000 18.171 0 17  GLN C NE2 1 ? 
ATOM   496  N N   . GLY C 1 18 ? -7.020  -4.398  -0.614  1.000 10.190 0 18  GLY C N   1 ? 
ATOM   497  C CA  . GLY C 1 18 ? -6.400  -5.587  -0.109  1.000 10.419 0 18  GLY C CA  1 ? 
ATOM   498  C C   . GLY C 1 18 ? -6.015  -6.577  -1.213  1.000 9.989  0 18  GLY C C   1 ? 
ATOM   499  O O   . GLY C 1 18 ? -6.375  -6.417  -2.376  1.000 9.881  0 18  GLY C O   1 ? 
ATOM   500  N N   . PRO C 1 19 ? -5.353  -7.677  -0.823  1.000 10.605 0 19  PRO C N   1 ? 
ATOM   501  C CA  . PRO C 1 19 ? -5.062  -8.756  -1.755  1.000 10.075 0 19  PRO C CA  1 ? 
ATOM   502  C C   . PRO C 1 19 ? -6.323  -9.447  -2.210  1.000 10.499 0 19  PRO C C   1 ? 
ATOM   503  O O   . PRO C 1 19 ? -7.379  -9.358  -1.559  1.000 10.558 0 19  PRO C O   1 ? 
ATOM   504  C CB  . PRO C 1 19 ? -4.181  -9.717  -1.006  1.000 12.647 0 19  PRO C CB  1 ? 
ATOM   505  C CG  . PRO C 1 19 ? -3.862  -9.069  0.337   1.000 17.430 0 19  PRO C CG  1 ? 
ATOM   506  C CD  . PRO C 1 19 ? -4.878  -7.962  0.537   1.000 11.453 0 19  PRO C CD  1 ? 
HETATM 507  N N   . HYP C 1 20 ? -6.300  -10.131 -3.356  1.000 8.579  0 20  HYP C N   1 ? 
HETATM 508  C CA  . HYP C 1 20 ? -7.414  -10.976 -3.752  1.000 9.390  0 20  HYP C CA  1 ? 
HETATM 509  C C   . HYP C 1 20 ? -7.762  -11.956 -2.651  1.000 9.144  0 20  HYP C C   1 ? 
HETATM 510  O O   . HYP C 1 20 ? -6.880  -12.402 -1.879  1.000 8.490  0 20  HYP C O   1 ? 
HETATM 511  C CB  . HYP C 1 20 ? -6.883  -11.706 -4.993  1.000 11.954 0 20  HYP C CB  1 ? 
HETATM 512  C CG  . HYP C 1 20 ? -5.845  -10.750 -5.543  1.000 11.534 0 20  HYP C CG  1 ? 
HETATM 513  C CD  . HYP C 1 20 ? -5.179  -10.200 -4.309  1.000 10.826 0 20  HYP C CD  1 ? 
HETATM 514  O OD1 . HYP C 1 20 ? -6.491  -9.694  -6.240  1.000 12.675 0 20  HYP C OD1 1 ? 
ATOM   515  N N   . GLY C 1 21 ? -9.046  -12.317 -2.604  1.000 9.499  0 21  GLY C N   1 ? 
ATOM   516  C CA  . GLY C 1 21 ? -9.515  -13.308 -1.667  1.000 8.653  0 21  GLY C CA  1 ? 
ATOM   517  C C   . GLY C 1 21 ? -8.932  -14.686 -1.946  1.000 7.999  0 21  GLY C C   1 ? 
ATOM   518  O O   . GLY C 1 21 ? -8.280  -14.909 -2.978  1.000 8.883  0 21  GLY C O   1 ? 
ATOM   519  N N   . PRO C 1 22 ? -9.161  -15.640 -1.039  1.000 8.362  0 22  PRO C N   1 ? 
ATOM   520  C CA  . PRO C 1 22 ? -8.671  -16.998 -1.232  1.000 9.210  0 22  PRO C CA  1 ? 
ATOM   521  C C   . PRO C 1 22 ? -9.358  -17.673 -2.397  1.000 10.511 0 22  PRO C C   1 ? 
ATOM   522  O O   . PRO C 1 22 ? -10.477 -17.287 -2.769  1.000 9.163  0 22  PRO C O   1 ? 
ATOM   523  C CB  . PRO C 1 22 ? -9.013  -17.724 0.071   1.000 11.452 0 22  PRO C CB  1 ? 
ATOM   524  C CG  . PRO C 1 22 ? -9.528  -16.664 1.022   1.000 15.349 0 22  PRO C CG  1 ? 
ATOM   525  C CD  . PRO C 1 22 ? -9.868  -15.437 0.222   1.000 10.272 0 22  PRO C CD  1 ? 
HETATM 526  N N   . HYP C 1 23 ? -8.763  -18.734 -2.958  1.000 11.007 0 23  HYP C N   1 ? 
HETATM 527  C CA  . HYP C 1 23 ? -9.452  -19.544 -3.950  1.000 11.808 0 23  HYP C CA  1 ? 
HETATM 528  C C   . HYP C 1 23 ? -10.776 -20.052 -3.429  1.000 11.113 0 23  HYP C C   1 ? 
HETATM 529  O O   . HYP C 1 23 ? -10.950 -20.329 -2.246  1.000 12.545 0 23  HYP C O   1 ? 
HETATM 530  C CB  . HYP C 1 23 ? -8.472  -20.700 -4.190  1.000 13.909 0 23  HYP C CB  1 ? 
HETATM 531  C CG  . HYP C 1 23 ? -7.128  -20.125 -3.810  1.000 12.628 0 23  HYP C CG  1 ? 
HETATM 532  C CD  . HYP C 1 23 ? -7.410  -19.225 -2.646  1.000 13.193 0 23  HYP C CD  1 ? 
HETATM 533  O OD1 . HYP C 1 23 ? -6.650  -19.396 -4.925  1.000 13.969 0 23  HYP C OD1 1 ? 
ATOM   534  N N   . GLY C 1 24 ? -11.735 -20.198 -4.343  1.000 10.866 0 24  GLY C N   1 ? 
ATOM   535  C CA  . GLY C 1 24 ? -13.008 -20.777 -3.984  1.000 11.766 0 24  GLY C CA  1 ? 
ATOM   536  C C   . GLY C 1 24 ? -12.890 -22.274 -3.679  1.000 8.763  0 24  GLY C C   1 ? 
ATOM   537  O O   . GLY C 1 24 ? -11.872 -22.927 -3.937  1.000 11.484 0 24  GLY C O   1 ? 
ATOM   538  N N   . PRO C 1 25 ? -14.013 -22.855 -3.199  1.000 11.698 0 25  PRO C N   1 ? 
ATOM   539  C CA  . PRO C 1 25 ? -14.058 -24.290 -2.937  1.000 12.986 0 25  PRO C CA  1 ? 
ATOM   540  C C   . PRO C 1 25 ? -14.171 -25.082 -4.222  1.000 14.804 0 25  PRO C C   1 ? 
ATOM   541  O O   . PRO C 1 25 ? -14.466 -24.547 -5.290  1.000 13.642 0 25  PRO C O   1 ? 
ATOM   542  C CB  . PRO C 1 25 ? -15.301 -24.444 -2.098  1.000 14.424 0 25  PRO C CB  1 ? 
ATOM   543  C CG  . PRO C 1 25 ? -16.190 -23.334 -2.563  1.000 17.167 0 25  PRO C CG  1 ? 
ATOM   544  C CD  . PRO C 1 25 ? -15.283 -22.179 -2.936  1.000 14.378 0 25  PRO C CD  1 ? 
HETATM 545  N N   . HYP C 1 26 ? -13.947 -26.399 -4.153  1.000 13.584 0 26  HYP C N   1 ? 
HETATM 546  C CA  . HYP C 1 26 ? -14.153 -27.251 -5.319  1.000 14.861 0 26  HYP C CA  1 ? 
HETATM 547  C C   . HYP C 1 26 ? -15.559 -27.141 -5.875  1.000 13.087 0 26  HYP C C   1 ? 
HETATM 548  O O   . HYP C 1 26 ? -16.519 -26.912 -5.148  1.000 14.904 0 26  HYP C O   1 ? 
HETATM 549  C CB  . HYP C 1 26 ? -13.908 -28.657 -4.753  1.000 15.071 0 26  HYP C CB  1 ? 
HETATM 550  C CG  . HYP C 1 26 ? -12.976 -28.415 -3.588  1.000 16.871 0 26  HYP C CG  1 ? 
HETATM 551  C CD  . HYP C 1 26 ? -13.506 -27.152 -2.967  1.000 15.713 0 26  HYP C CD  1 ? 
HETATM 552  O OD1 . HYP C 1 26 ? -11.671 -28.213 -4.109  1.000 16.892 0 26  HYP C OD1 1 ? 
ATOM   553  N N   . GLY C 1 27 ? -15.676 -27.353 -7.185  1.000 16.575 0 27  GLY C N   1 ? 
ATOM   554  C CA  . GLY C 1 27 ? -16.972 -27.436 -7.824  1.000 16.270 0 27  GLY C CA  1 ? 
ATOM   555  C C   . GLY C 1 27 ? -17.734 -28.705 -7.438  1.000 19.683 0 27  GLY C C   1 ? 
ATOM   556  O O   . GLY C 1 27 ? -17.184 -29.612 -6.810  1.000 18.288 0 27  GLY C O   1 ? 
ATOM   557  N N   . PRO C 1 28 ? -19.023 -28.788 -7.813  1.000 23.151 0 28  PRO C N   1 ? 
ATOM   558  C CA  . PRO C 1 28 ? -19.816 -30.008 -7.601  1.000 27.518 0 28  PRO C CA  1 ? 
ATOM   559  C C   . PRO C 1 28 ? -19.272 -31.175 -8.428  1.000 29.997 0 28  PRO C C   1 ? 
ATOM   560  O O   . PRO C 1 28 ? -18.632 -30.962 -9.455  1.000 26.418 0 28  PRO C O   1 ? 
ATOM   561  C CB  . PRO C 1 28 ? -21.222 -29.571 -8.038  1.000 30.085 0 28  PRO C CB  1 ? 
ATOM   562  C CG  . PRO C 1 28 ? -20.993 -28.424 -9.009  1.000 28.724 0 28  PRO C CG  1 ? 
ATOM   563  C CD  . PRO C 1 28 ? -19.766 -27.706 -8.483  1.000 26.476 0 28  PRO C CD  1 ? 
HETATM 564  N N   . HYP C 1 29 ? -19.548 -32.439 -8.045  1.000 40.918 0 29  HYP C N   1 ? 
HETATM 565  C CA  . HYP C 1 29 ? -19.087 -33.593 -8.820  1.000 41.795 0 29  HYP C CA  1 ? 
HETATM 566  C C   . HYP C 1 29 ? -19.521 -33.592 -10.284 1.000 44.950 0 29  HYP C C   1 ? 
HETATM 567  O O   . HYP C 1 29 ? -18.837 -34.188 -11.110 1.000 49.281 0 29  HYP C O   1 ? 
HETATM 568  C CB  . HYP C 1 29 ? -19.696 -34.789 -8.074  1.000 44.250 0 29  HYP C CB  1 ? 
HETATM 569  C CG  . HYP C 1 29 ? -19.878 -34.275 -6.657  1.000 43.178 0 29  HYP C CG  1 ? 
HETATM 570  C CD  . HYP C 1 29 ? -20.337 -32.848 -6.872  1.000 42.183 0 29  HYP C CD  1 ? 
HETATM 571  O OD1 . HYP C 1 29 ? -18.634 -34.332 -5.973  1.000 42.228 0 29  HYP C OD1 1 ? 
ATOM   572  N N   . GLY C 1 30 ? -20.629 -32.916 -10.617 1.000 45.699 0 30  GLY C N   1 ? 
ATOM   573  C CA  . GLY C 1 30 ? -21.017 -32.734 -12.008 1.000 43.076 0 30  GLY C CA  1 ? 
ATOM   574  C C   . GLY C 1 30 ? -22.298 -31.933 -12.146 1.000 46.462 0 30  GLY C C   1 ? 
ATOM   575  O O   . GLY C 1 30 ? -22.845 -31.537 -11.093 1.000 47.640 0 30  GLY C O   1 ? 
HETATM 576  N N   . HYP D 1 2  ? 3.171   38.186  20.772  1.000 41.835 0 2   HYP D N   1 ? 
HETATM 577  C CA  . HYP D 1 2  ? 3.295   36.790  20.316  1.000 40.642 0 2   HYP D CA  1 ? 
HETATM 578  C C   . HYP D 1 2  ? 2.576   36.572  18.987  1.000 32.764 0 2   HYP D C   1 ? 
HETATM 579  O O   . HYP D 1 2  ? 1.511   37.142  18.745  1.000 32.997 0 2   HYP D O   1 ? 
HETATM 580  C CB  . HYP D 1 2  ? 2.654   35.941  21.411  1.000 47.561 0 2   HYP D CB  1 ? 
HETATM 581  C CG  . HYP D 1 2  ? 2.746   36.828  22.645  1.000 51.551 0 2   HYP D CG  1 ? 
HETATM 582  C CD  . HYP D 1 2  ? 2.534   38.226  22.097  1.000 51.770 0 2   HYP D CD  1 ? 
HETATM 583  O OD1 . HYP D 1 2  ? 4.045   36.712  23.201  1.000 64.071 0 2   HYP D OD1 1 ? 
ATOM   584  N N   . GLY D 1 3  ? 3.227   35.834  18.101  1.000 22.076 0 3   GLY D N   1 ? 
ATOM   585  C CA  . GLY D 1 3  ? 2.770   35.812  16.724  1.000 18.893 0 3   GLY D CA  1 ? 
ATOM   586  C C   . GLY D 1 3  ? 1.586   34.864  16.559  1.000 15.082 0 3   GLY D C   1 ? 
ATOM   587  O O   . GLY D 1 3  ? 1.197   34.134  17.464  1.000 16.046 0 3   GLY D O   1 ? 
ATOM   588  N N   . PRO D 1 4  ? 0.931   34.902  15.383  1.000 14.891 0 4   PRO D N   1 ? 
ATOM   589  C CA  . PRO D 1 4  ? -0.209  34.037  15.131  1.000 14.298 0 4   PRO D CA  1 ? 
ATOM   590  C C   . PRO D 1 4  ? 0.215   32.588  14.962  1.000 13.181 0 4   PRO D C   1 ? 
ATOM   591  O O   . PRO D 1 4  ? 1.371   32.279  14.679  1.000 10.319 0 4   PRO D O   1 ? 
ATOM   592  C CB  . PRO D 1 4  ? -0.871  34.579  13.857  1.000 19.006 0 4   PRO D CB  1 ? 
ATOM   593  C CG  . PRO D 1 4  ? 0.106   35.566  13.279  1.000 21.859 0 4   PRO D CG  1 ? 
ATOM   594  C CD  . PRO D 1 4  ? 1.271   35.747  14.235  1.000 16.817 0 4   PRO D CD  1 ? 
HETATM 595  N N   . HYP D 1 5  ? -0.752  31.667  15.047  1.000 12.729 0 5   HYP D N   1 ? 
HETATM 596  C CA  . HYP D 1 5  ? -0.514  30.267  14.723  1.000 12.659 0 5   HYP D CA  1 ? 
HETATM 597  C C   . HYP D 1 5  ? 0.053   30.118  13.334  1.000 10.767 0 5   HYP D C   1 ? 
HETATM 598  O O   . HYP D 1 5  ? -0.290  30.878  12.419  1.000 12.152 0 5   HYP D O   1 ? 
HETATM 599  C CB  . HYP D 1 5  ? -1.915  29.642  14.786  1.000 14.435 0 5   HYP D CB  1 ? 
HETATM 600  C CG  . HYP D 1 5  ? -2.582  30.484  15.863  1.000 13.962 0 5   HYP D CG  1 ? 
HETATM 601  C CD  . HYP D 1 5  ? -2.130  31.870  15.521  1.000 14.094 0 5   HYP D CD  1 ? 
HETATM 602  O OD1 . HYP D 1 5  ? -2.122  30.106  17.139  1.000 14.766 0 5   HYP D OD1 1 ? 
ATOM   603  N N   . GLY D 1 6  ? 0.910   29.100  13.185  1.000 10.260 0 6   GLY D N   1 ? 
ATOM   604  C CA  . GLY D 1 6  ? 1.450   28.786  11.890  1.000 10.364 0 6   GLY D CA  1 ? 
ATOM   605  C C   . GLY D 1 6  ? 0.403   28.156  10.969  1.000 9.621  0 6   GLY D C   1 ? 
ATOM   606  O O   . GLY D 1 6  ? -0.755  27.943  11.312  1.000 9.289  0 6   GLY D O   1 ? 
ATOM   607  N N   . PRO D 1 7  ? 0.825   27.867  9.725   1.000 10.418 0 7   PRO D N   1 ? 
ATOM   608  C CA  . PRO D 1 7  ? -0.028  27.230  8.743   1.000 8.590  0 7   PRO D CA  1 ? 
ATOM   609  C C   . PRO D 1 7  ? -0.396  25.811  9.113   1.000 8.970  0 7   PRO D C   1 ? 
ATOM   610  O O   . PRO D 1 7  ? 0.258   25.177  9.940   1.000 9.140  0 7   PRO D O   1 ? 
ATOM   611  C CB  . PRO D 1 7  ? 0.872   27.209  7.492   1.000 9.367  0 7   PRO D CB  1 ? 
ATOM   612  C CG  . PRO D 1 7  ? 1.892   28.283  7.716   1.000 11.340 0 7   PRO D CG  1 ? 
ATOM   613  C CD  . PRO D 1 7  ? 2.167   28.152  9.214   1.000 11.128 0 7   PRO D CD  1 ? 
HETATM 614  N N   . HYP D 1 8  ? -1.441  25.250  8.490   1.000 8.659  0 8   HYP D N   1 ? 
HETATM 615  C CA  . HYP D 1 8  ? -1.796  23.859  8.693   1.000 9.016  0 8   HYP D CA  1 ? 
HETATM 616  C C   . HYP D 1 8  ? -0.627  22.936  8.354   1.000 8.454  0 8   HYP D C   1 ? 
HETATM 617  O O   . HYP D 1 8  ? 0.180   23.204  7.453   1.000 9.821  0 8   HYP D O   1 ? 
HETATM 618  C CB  . HYP D 1 8  ? -2.969  23.648  7.733   1.000 10.469 0 8   HYP D CB  1 ? 
HETATM 619  C CG  . HYP D 1 8  ? -3.555  25.028  7.562   1.000 11.549 0 8   HYP D CG  1 ? 
HETATM 620  C CD  . HYP D 1 8  ? -2.343  25.917  7.531   1.000 10.759 0 8   HYP D CD  1 ? 
HETATM 621  O OD1 . HYP D 1 8  ? -4.375  25.287  8.680   1.000 11.686 0 8   HYP D OD1 1 ? 
ATOM   622  N N   . GLY D 1 9  ? -0.591  21.812  9.055   1.000 9.095  0 9   GLY D N   1 ? 
ATOM   623  C CA  . GLY D 1 9  ? 0.398   20.802  8.798   1.000 8.845  0 9   GLY D CA  1 ? 
ATOM   624  C C   . GLY D 1 9  ? 0.162   20.046  7.501   1.000 8.818  0 9   GLY D C   1 ? 
ATOM   625  O O   . GLY D 1 9  ? -0.873  20.162  6.872   1.000 10.780 0 9   GLY D O   1 ? 
ATOM   626  N N   . PRO D 1 10 ? 1.141   19.208  7.112   1.000 9.124  0 10  PRO D N   1 ? 
ATOM   627  C CA  . PRO D 1 10 ? 0.999   18.412  5.902   1.000 10.024 0 10  PRO D CA  1 ? 
ATOM   628  C C   . PRO D 1 10 ? 0.059   17.250  6.104   1.000 9.469  0 10  PRO D C   1 ? 
ATOM   629  O O   . PRO D 1 10 ? -0.246  16.868  7.240   1.000 10.139 0 10  PRO D O   1 ? 
ATOM   630  C CB  . PRO D 1 10 ? 2.404   17.923  5.613   1.000 13.438 0 10  PRO D CB  1 ? 
ATOM   631  C CG  . PRO D 1 10 ? 3.253   18.251  6.821   1.000 13.647 0 10  PRO D CG  1 ? 
ATOM   632  C CD  . PRO D 1 10 ? 2.443   19.078  7.769   1.000 10.296 0 10  PRO D CD  1 ? 
HETATM 633  N N   . HYP D 1 11 ? -0.419  16.642  5.010   1.000 10.401 0 11  HYP D N   1 ? 
HETATM 634  C CA  . HYP D 1 11 ? -1.239  15.442  5.110   1.000 11.011 0 11  HYP D CA  1 ? 
HETATM 635  C C   . HYP D 1 11 ? -0.517  14.319  5.847   1.000 10.328 0 11  HYP D C   1 ? 
HETATM 636  O O   . HYP D 1 11 ? 0.697   14.204  5.788   1.000 11.895 0 11  HYP D O   1 ? 
HETATM 637  C CB  . HYP D 1 11 ? -1.452  15.040  3.640   1.000 11.923 0 11  HYP D CB  1 ? 
HETATM 638  C CG  . HYP D 1 11 ? -1.290  16.342  2.879   1.000 12.054 0 11  HYP D CG  1 ? 
HETATM 639  C CD  . HYP D 1 11 ? -0.204  17.064  3.618   1.000 11.951 0 11  HYP D CD  1 ? 
HETATM 640  O OD1 . HYP D 1 11 ? -2.486  17.098  2.955   1.000 14.449 0 11  HYP D OD1 1 ? 
ATOM   641  N N   . GLY D 1 12 ? -1.311  13.465  6.514   1.000 10.523 0 12  GLY D N   1 ? 
ATOM   642  C CA  . GLY D 1 12 ? -0.786  12.274  7.153   1.000 12.324 0 12  GLY D CA  1 ? 
ATOM   643  C C   . GLY D 1 12 ? -0.332  11.233  6.130   1.000 12.865 0 12  GLY D C   1 ? 
ATOM   644  O O   . GLY D 1 12 ? -0.523  11.373  4.922   1.000 11.702 0 12  GLY D O   1 ? 
ATOM   645  N N   . PRO D 1 13 ? 0.262   10.133  6.637   1.000 12.262 0 13  PRO D N   1 ? 
ATOM   646  C CA  . PRO D 1 13 ? 0.696   9.030   5.795   1.000 14.375 0 13  PRO D CA  1 ? 
ATOM   647  C C   . PRO D 1 13 ? -0.483  8.283   5.197   1.000 12.540 0 13  PRO D C   1 ? 
ATOM   648  O O   . PRO D 1 13 ? -1.585  8.318   5.712   1.000 12.033 0 13  PRO D O   1 ? 
ATOM   649  C CB  . PRO D 1 13 ? 1.546   8.150   6.692   1.000 16.874 0 13  PRO D CB  1 ? 
ATOM   650  C CG  . PRO D 1 13 ? 1.246   8.575   8.091   1.000 16.853 0 13  PRO D CG  1 ? 
ATOM   651  C CD  . PRO D 1 13 ? 0.582   9.940   8.058   1.000 15.525 0 13  PRO D CD  1 ? 
ATOM   652  N N   . LYS D 1 14 ? -0.197  7.604   4.080   1.000 15.258 0 14  LYS D N   1 ? 
ATOM   653  C CA  . LYS D 1 14 ? -1.170  6.764   3.421   1.000 15.640 0 14  LYS D CA  1 ? 
ATOM   654  C C   . LYS D 1 14 ? -1.593  5.630   4.360   1.000 11.765 0 14  LYS D C   1 ? 
ATOM   655  O O   . LYS D 1 14 ? -0.790  5.118   5.148   1.000 12.715 0 14  LYS D O   1 ? 
ATOM   656  C CB  . LYS D 1 14 ? -0.512  6.186   2.161   1.000 18.697 0 14  LYS D CB  1 ? 
ATOM   657  C CG  . LYS D 1 14 ? -1.418  5.347   1.281   1.000 20.165 0 14  LYS D CG  1 ? 
ATOM   658  C CD  . LYS D 1 14 ? -0.707  4.972   -0.004  1.000 22.853 0 14  LYS D CD  1 ? 
ATOM   659  C CE  . LYS D 1 14 ? -1.471  3.959   -0.787  1.000 19.285 0 14  LYS D CE  1 ? 
ATOM   660  N NZ  . LYS D 1 14 ? -2.812  4.356   -1.229  1.000 25.873 0 14  LYS D NZ  1 ? 
ATOM   661  N N   . GLY D 1 15 ? -2.877  5.274   4.269   1.000 13.789 0 15  GLY D N   1 ? 
ATOM   662  C CA  . GLY D 1 15 ? -3.407  4.191   5.079   1.000 12.504 0 15  GLY D CA  1 ? 
ATOM   663  C C   . GLY D 1 15 ? -2.817  2.831   4.709   1.000 13.535 0 15  GLY D C   1 ? 
ATOM   664  O O   . GLY D 1 15 ? -2.218  2.661   3.654   1.000 12.637 0 15  GLY D O   1 ? 
ATOM   665  N N   . ASP D 1 16 ? -3.063  1.875   5.591   1.000 12.764 0 16  ASP D N   1 ? 
ATOM   666  C CA  . ASP D 1 16 ? -2.630  0.496   5.448   1.000 13.162 0 16  ASP D CA  1 ? 
ATOM   667  C C   . ASP D 1 16 ? -3.425  -0.167  4.327   1.000 13.721 0 16  ASP D C   1 ? 
ATOM   668  O O   . ASP D 1 16 ? -4.555  0.211   4.039   1.000 11.429 0 16  ASP D O   1 ? 
ATOM   669  C CB  . ASP D 1 16 ? -2.885  -0.295  6.725   1.000 15.815 0 16  ASP D CB  1 ? 
ATOM   670  C CG  . ASP D 1 16 ? -2.374  0.294   8.036   1.000 22.789 0 16  ASP D CG  1 ? 
ATOM   671  O OD1 . ASP D 1 16 ? -1.302  0.884   7.975   1.000 26.236 0 16  ASP D OD1 1 ? 
ATOM   672  O OD2 . ASP D 1 16 ? -3.056  0.116   9.090   1.000 30.230 0 16  ASP D OD2 1 ? 
ATOM   673  N N   . GLN D 1 17 ? -2.821  -1.173  3.701   1.000 14.718 0 17  GLN D N   1 ? 
ATOM   674  C CA  . GLN D 1 17 ? -3.525  -1.993  2.730   1.000 14.229 0 17  GLN D CA  1 ? 
ATOM   675  C C   . GLN D 1 17 ? -4.775  -2.604  3.357   1.000 12.169 0 17  GLN D C   1 ? 
ATOM   676  O O   . GLN D 1 17 ? -4.787  -2.945  4.534   1.000 12.288 0 17  GLN D O   1 ? 
ATOM   677  C CB  . GLN D 1 17 ? -2.591  -3.078  2.186   1.000 20.413 0 17  GLN D CB  1 ? 
ATOM   678  C CG  . GLN D 1 17 ? -3.267  -3.891  1.098   1.000 21.003 0 17  GLN D CG  1 ? 
ATOM   679  C CD  . GLN D 1 17 ? -2.376  -4.847  0.337   1.000 25.841 0 17  GLN D CD  1 ? 
ATOM   680  O OE1 . GLN D 1 17 ? -1.436  -5.417  0.900   1.000 24.453 0 17  GLN D OE1 1 ? 
ATOM   681  N NE2 . GLN D 1 17 ? -2.749  -5.089  -0.921  1.000 24.167 0 17  GLN D NE2 1 ? 
ATOM   682  N N   . GLY D 1 18 ? -5.840  -2.720  2.554   1.000 11.458 0 18  GLY D N   1 ? 
ATOM   683  C CA  . GLY D 1 18 ? -7.064  -3.325  3.036   1.000 10.382 0 18  GLY D CA  1 ? 
ATOM   684  C C   . GLY D 1 18 ? -6.945  -4.828  3.258   1.000 8.783  0 18  GLY D C   1 ? 
ATOM   685  O O   . GLY D 1 18 ? -5.937  -5.461  2.956   1.000 9.996  0 18  GLY D O   1 ? 
ATOM   686  N N   . PRO D 1 19 ? -7.981  -5.436  3.855   1.000 10.535 0 19  PRO D N   1 ? 
ATOM   687  C CA  . PRO D 1 19 ? -8.005  -6.873  4.098   1.000 10.221 0 19  PRO D CA  1 ? 
ATOM   688  C C   . PRO D 1 19 ? -8.215  -7.642  2.792   1.000 11.408 0 19  PRO D C   1 ? 
ATOM   689  O O   . PRO D 1 19 ? -8.606  -7.080  1.767   1.000 10.065 0 19  PRO D O   1 ? 
ATOM   690  C CB  . PRO D 1 19 ? -9.147  -7.047  5.064   1.000 12.181 0 19  PRO D CB  1 ? 
ATOM   691  C CG  . PRO D 1 19 ? -10.062 -5.929  4.787   1.000 14.283 0 19  PRO D CG  1 ? 
ATOM   692  C CD  . PRO D 1 19 ? -9.220  -4.778  4.313   1.000 10.425 0 19  PRO D CD  1 ? 
HETATM 693  N N   . HYP D 1 20 ? -8.023  -8.969  2.811   1.000 11.669 0 20  HYP D N   1 ? 
HETATM 694  C CA  . HYP D 1 20 ? -8.259  -9.779  1.635   1.000 11.321 0 20  HYP D CA  1 ? 
HETATM 695  C C   . HYP D 1 20 ? -9.686  -9.654  1.154   1.000 9.089  0 20  HYP D C   1 ? 
HETATM 696  O O   . HYP D 1 20 ? -10.624 -9.446  1.932   1.000 9.493  0 20  HYP D O   1 ? 
HETATM 697  C CB  . HYP D 1 20 ? -7.955  -11.205 2.110   1.000 10.554 0 20  HYP D CB  1 ? 
HETATM 698  C CG  . HYP D 1 20 ? -7.020  -11.014 3.290   1.000 13.456 0 20  HYP D CG  1 ? 
HETATM 699  C CD  . HYP D 1 20 ? -7.540  -9.768  3.953   1.000 12.669 0 20  HYP D CD  1 ? 
HETATM 700  O OD1 . HYP D 1 20 ? -5.728  -10.794 2.798   1.000 15.862 0 20  HYP D OD1 1 ? 
ATOM   701  N N   . GLY D 1 21 ? -9.856  -9.839  -0.144  1.000 10.101 0 21  GLY D N   1 ? 
ATOM   702  C CA  . GLY D 1 21 ? -11.183 -9.886  -0.716  1.000 9.686  0 21  GLY D CA  1 ? 
ATOM   703  C C   . GLY D 1 21 ? -11.945 -11.153 -0.330  1.000 8.959  0 21  GLY D C   1 ? 
ATOM   704  O O   . GLY D 1 21 ? -11.460 -12.040 0.387   1.000 9.434  0 21  GLY D O   1 ? 
ATOM   705  N N   . PRO D 1 22 ? -13.179 -11.256 -0.829  1.000 9.479  0 22  PRO D N   1 ? 
ATOM   706  C CA  . PRO D 1 22 ? -14.006 -12.439 -0.574  1.000 9.448  0 22  PRO D CA  1 ? 
ATOM   707  C C   . PRO D 1 22 ? -13.435 -13.668 -1.253  1.000 9.879  0 22  PRO D C   1 ? 
ATOM   708  O O   . PRO D 1 22 ? -12.723 -13.569 -2.259  1.000 10.175 0 22  PRO D O   1 ? 
ATOM   709  C CB  . PRO D 1 22 ? -15.378 -12.096 -1.149  1.000 12.253 0 22  PRO D CB  1 ? 
ATOM   710  C CG  . PRO D 1 22 ? -15.150 -10.942 -2.041  1.000 13.402 0 22  PRO D CG  1 ? 
ATOM   711  C CD  . PRO D 1 22 ? -13.855 -10.245 -1.644  1.000 11.601 0 22  PRO D CD  1 ? 
HETATM 712  N N   . HYP D 1 23 ? -13.805 -14.870 -0.789  1.000 9.447  0 23  HYP D N   1 ? 
HETATM 713  C CA  . HYP D 1 23 ? -13.336 -16.084 -1.448  1.000 9.277  0 23  HYP D CA  1 ? 
HETATM 714  C C   . HYP D 1 23 ? -13.878 -16.101 -2.879  1.000 8.472  0 23  HYP D C   1 ? 
HETATM 715  O O   . HYP D 1 23 ? -14.966 -15.570 -3.169  1.000 9.359  0 23  HYP D O   1 ? 
HETATM 716  C CB  . HYP D 1 23 ? -13.950 -17.209 -0.595  1.000 11.062 0 23  HYP D CB  1 ? 
HETATM 717  C CG  . HYP D 1 23 ? -14.191 -16.547 0.760   1.000 10.965 0 23  HYP D CG  1 ? 
HETATM 718  C CD  . HYP D 1 23 ? -14.672 -15.160 0.385   1.000 9.582  0 23  HYP D CD  1 ? 
HETATM 719  O OD1 . HYP D 1 23 ? -12.971 -16.498 1.485   1.000 12.800 0 23  HYP D OD1 1 ? 
ATOM   720  N N   . GLY D 1 24 ? -13.139 -16.750 -3.762  1.000 10.348 0 24  GLY D N   1 ? 
ATOM   721  C CA  . GLY D 1 24 ? -13.601 -16.921 -5.124  1.000 11.521 0 24  GLY D CA  1 ? 
ATOM   722  C C   . GLY D 1 24 ? -14.787 -17.873 -5.215  1.000 11.416 0 24  GLY D C   1 ? 
ATOM   723  O O   . GLY D 1 24 ? -15.192 -18.520 -4.233  1.000 10.430 0 24  GLY D O   1 ? 
ATOM   724  N N   . PRO D 1 25 ? -15.374 -17.987 -6.414  1.000 11.356 0 25  PRO D N   1 ? 
ATOM   725  C CA  . PRO D 1 25 ? -16.553 -18.833 -6.573  1.000 13.362 0 25  PRO D CA  1 ? 
ATOM   726  C C   . PRO D 1 25 ? -16.156 -20.305 -6.544  1.000 12.245 0 25  PRO D C   1 ? 
ATOM   727  O O   . PRO D 1 25 ? -14.982 -20.677 -6.754  1.000 10.537 0 25  PRO D O   1 ? 
ATOM   728  C CB  . PRO D 1 25 ? -17.114 -18.420 -7.918  1.000 14.677 0 25  PRO D CB  1 ? 
ATOM   729  C CG  . PRO D 1 25 ? -15.906 -18.008 -8.680  1.000 14.984 0 25  PRO D CG  1 ? 
ATOM   730  C CD  . PRO D 1 25 ? -14.949 -17.326 -7.657  1.000 13.256 0 25  PRO D CD  1 ? 
HETATM 731  N N   . HYP D 1 26 ? -17.148 -21.192 -6.375  1.000 12.144 0 26  HYP D N   1 ? 
HETATM 732  C CA  . HYP D 1 26 ? -16.910 -22.618 -6.565  1.000 14.702 0 26  HYP D CA  1 ? 
HETATM 733  C C   . HYP D 1 26 ? -16.305 -22.893 -7.933  1.000 14.898 0 26  HYP D C   1 ? 
HETATM 734  O O   . HYP D 1 26 ? -16.581 -22.174 -8.920  1.000 14.148 0 26  HYP D O   1 ? 
HETATM 735  C CB  . HYP D 1 26 ? -18.339 -23.178 -6.525  1.000 16.560 0 26  HYP D CB  1 ? 
HETATM 736  C CG  . HYP D 1 26 ? -19.077 -22.204 -5.621  1.000 17.153 0 26  HYP D CG  1 ? 
HETATM 737  C CD  . HYP D 1 26 ? -18.540 -20.871 -6.029  1.000 15.582 0 26  HYP D CD  1 ? 
HETATM 738  O OD1 . HYP D 1 26 ? -18.730 -22.398 -4.259  1.000 17.768 0 26  HYP D OD1 1 ? 
ATOM   739  N N   . GLY D 1 27 ? -15.525 -23.977 -7.997  1.000 11.924 0 27  GLY D N   1 ? 
ATOM   740  C CA  . GLY D 1 27 ? -14.928 -24.391 -9.243  1.000 13.688 0 27  GLY D CA  1 ? 
ATOM   741  C C   . GLY D 1 27 ? -15.965 -24.934 -10.215 1.000 12.328 0 27  GLY D C   1 ? 
ATOM   742  O O   . GLY D 1 27 ? -17.139 -25.087 -9.893  1.000 14.818 0 27  GLY D O   1 ? 
ATOM   743  N N   . PRO D 1 28 ? -15.534 -25.205 -11.473 1.000 14.227 0 28  PRO D N   1 ? 
ATOM   744  C CA  . PRO D 1 28 ? -16.428 -25.809 -12.469 1.000 16.117 0 28  PRO D CA  1 ? 
ATOM   745  C C   . PRO D 1 28 ? -16.873 -27.202 -12.047 1.000 20.548 0 28  PRO D C   1 ? 
ATOM   746  O O   . PRO D 1 28 ? -16.180 -27.869 -11.280 1.000 20.777 0 28  PRO D O   1 ? 
ATOM   747  C CB  . PRO D 1 28 ? -15.560 -25.845 -13.721 1.000 18.059 0 28  PRO D CB  1 ? 
ATOM   748  C CG  . PRO D 1 28 ? -14.478 -24.836 -13.477 1.000 19.624 0 28  PRO D CG  1 ? 
ATOM   749  C CD  . PRO D 1 28 ? -14.185 -24.944 -11.986 1.000 16.072 0 28  PRO D CD  1 ? 
HETATM 750  N N   . HYP D 1 29 ? -18.024 -27.696 -12.570 1.000 19.710 0 29  HYP D N   1 ? 
HETATM 751  C CA  . HYP D 1 29 ? -18.437 -29.082 -12.340 1.000 19.882 0 29  HYP D CA  1 ? 
HETATM 752  C C   . HYP D 1 29 ? -17.360 -30.059 -12.824 1.000 21.257 0 29  HYP D C   1 ? 
HETATM 753  O O   . HYP D 1 29 ? -16.646 -29.799 -13.803 1.000 23.154 0 29  HYP D O   1 ? 
HETATM 754  C CB  . HYP D 1 29 ? -19.726 -29.176 -13.166 1.000 21.235 0 29  HYP D CB  1 ? 
HETATM 755  C CG  . HYP D 1 29 ? -20.242 -27.745 -13.242 1.000 21.936 0 29  HYP D CG  1 ? 
HETATM 756  C CD  . HYP D 1 29 ? -18.973 -26.959 -13.426 1.000 25.774 0 29  HYP D CD  1 ? 
HETATM 757  O OD1 . HYP D 1 29 ? -20.895 -27.381 -12.028 1.000 26.740 0 29  HYP D OD1 1 ? 
ATOM   758  N N   . GLY D 1 30 ? -17.235 -31.175 -12.102 1.000 25.255 0 30  GLY D N   1 ? 
ATOM   759  C CA  . GLY D 1 30 ? -16.266 -32.211 -12.440 1.000 27.463 0 30  GLY D CA  1 ? 
ATOM   760  C C   . GLY D 1 30 ? -16.683 -33.002 -13.670 1.000 36.347 0 30  GLY D C   1 ? 
ATOM   761  O O   . GLY D 1 30 ? -17.910 -33.117 -13.879 1.000 38.081 0 30  GLY D O   1 ? 
ATOM   762  N N   . PRO E 1 1  ? 7.733   44.925  15.985  1.000 47.023 0 1   PRO E N   1 ? 
ATOM   763  C CA  . PRO E 1 1  ? 6.695   44.476  15.064  1.000 45.235 0 1   PRO E CA  1 ? 
ATOM   764  C C   . PRO E 1 1  ? 5.915   43.307  15.657  1.000 39.131 0 1   PRO E C   1 ? 
ATOM   765  O O   . PRO E 1 1  ? 6.329   42.720  16.656  1.000 31.851 0 1   PRO E O   1 ? 
ATOM   766  C CB  . PRO E 1 1  ? 7.452   44.083  13.780  1.000 49.616 0 1   PRO E CB  1 ? 
ATOM   767  C CG  . PRO E 1 1  ? 8.913   44.398  14.039  1.000 50.433 0 1   PRO E CG  1 ? 
ATOM   768  C CD  . PRO E 1 1  ? 9.065   44.521  15.538  1.000 49.985 0 1   PRO E CD  1 ? 
HETATM 769  N N   . HYP E 1 2  ? 4.787   42.889  15.034  1.000 40.847 0 2   HYP E N   1 ? 
HETATM 770  C CA  . HYP E 1 2  ? 4.075   41.686  15.463  1.000 36.920 0 2   HYP E CA  1 ? 
HETATM 771  C C   . HYP E 1 2  ? 4.996   40.476  15.412  1.000 26.899 0 2   HYP E C   1 ? 
HETATM 772  O O   . HYP E 1 2  ? 5.884   40.382  14.566  1.000 27.799 0 2   HYP E O   1 ? 
HETATM 773  C CB  . HYP E 1 2  ? 2.949   41.552  14.426  1.000 46.763 0 2   HYP E CB  1 ? 
HETATM 774  C CG  . HYP E 1 2  ? 2.748   42.969  13.914  1.000 46.452 0 2   HYP E CG  1 ? 
HETATM 775  C CD  . HYP E 1 2  ? 4.157   43.530  13.866  1.000 46.832 0 2   HYP E CD  1 ? 
HETATM 776  O OD1 . HYP E 1 2  ? 1.933   43.678  14.842  1.000 44.150 0 2   HYP E OD1 1 ? 
ATOM   777  N N   . GLY E 1 3  ? 4.781   39.523  16.322  1.000 27.366 0 3   GLY E N   1 ? 
ATOM   778  C CA  . GLY E 1 3  ? 5.543   38.279  16.260  1.000 22.767 0 3   GLY E CA  1 ? 
ATOM   779  C C   . GLY E 1 3  ? 5.267   37.515  14.966  1.000 23.483 0 3   GLY E C   1 ? 
ATOM   780  O O   . GLY E 1 3  ? 4.168   37.618  14.430  1.000 23.127 0 3   GLY E O   1 ? 
ATOM   781  N N   . PRO E 1 4  ? 6.260   36.812  14.390  1.000 20.923 0 4   PRO E N   1 ? 
ATOM   782  C CA  . PRO E 1 4  ? 6.044   36.098  13.140  1.000 21.982 0 4   PRO E CA  1 ? 
ATOM   783  C C   . PRO E 1 4  ? 5.111   34.913  13.344  1.000 16.101 0 4   PRO E C   1 ? 
ATOM   784  O O   . PRO E 1 4  ? 4.966   34.398  14.462  1.000 15.554 0 4   PRO E O   1 ? 
ATOM   785  C CB  . PRO E 1 4  ? 7.398   35.616  12.666  1.000 23.397 0 4   PRO E CB  1 ? 
ATOM   786  C CG  . PRO E 1 4  ? 8.362   35.931  13.820  1.000 28.070 0 4   PRO E CG  1 ? 
ATOM   787  C CD  . PRO E 1 4  ? 7.605   36.656  14.941  1.000 24.465 0 4   PRO E CD  1 ? 
HETATM 788  N N   . HYP E 1 5  ? 4.476   34.424  12.259  1.000 15.459 0 5   HYP E N   1 ? 
HETATM 789  C CA  . HYP E 1 5  ? 3.683   33.205  12.359  1.000 15.398 0 5   HYP E CA  1 ? 
HETATM 790  C C   . HYP E 1 5  ? 4.557   32.053  12.851  1.000 14.057 0 5   HYP E C   1 ? 
HETATM 791  O O   . HYP E 1 5  ? 5.769   31.984  12.574  1.000 16.128 0 5   HYP E O   1 ? 
HETATM 792  C CB  . HYP E 1 5  ? 3.206   32.959  10.927  1.000 19.032 0 5   HYP E CB  1 ? 
HETATM 793  C CG  . HYP E 1 5  ? 3.280   34.338  10.276  1.000 18.272 0 5   HYP E CG  1 ? 
HETATM 794  C CD  . HYP E 1 5  ? 4.499   34.986  10.901  1.000 18.088 0 5   HYP E CD  1 ? 
HETATM 795  O OD1 . HYP E 1 5  ? 2.108   35.056  10.629  1.000 21.333 0 5   HYP E OD1 1 ? 
ATOM   796  N N   . GLY E 1 6  ? 3.913   31.122  13.565  1.000 11.385 0 6   GLY E N   1 ? 
ATOM   797  C CA  . GLY E 1 6  ? 4.587   29.932  14.022  1.000 10.367 0 6   GLY E CA  1 ? 
ATOM   798  C C   . GLY E 1 6  ? 4.916   28.980  12.877  1.000 10.528 0 6   GLY E C   1 ? 
ATOM   799  O O   . GLY E 1 6  ? 4.536   29.206  11.725  1.000 10.709 0 6   GLY E O   1 ? 
ATOM   800  N N   . PRO E 1 7  ? 5.531   27.837  13.219  1.000 11.668 0 7   PRO E N   1 ? 
ATOM   801  C CA  . PRO E 1 7  ? 5.806   26.783  12.264  1.000 11.215 0 7   PRO E CA  1 ? 
ATOM   802  C C   . PRO E 1 7  ? 4.527   26.143  11.760  1.000 11.710 0 7   PRO E C   1 ? 
ATOM   803  O O   . PRO E 1 7  ? 3.467   26.223  12.407  1.000 10.898 0 7   PRO E O   1 ? 
ATOM   804  C CB  . PRO E 1 7  ? 6.594   25.738  13.050  1.000 13.118 0 7   PRO E CB  1 ? 
ATOM   805  C CG  . PRO E 1 7  ? 6.998   26.382  14.313  1.000 17.014 0 7   PRO E CG  1 ? 
ATOM   806  C CD  . PRO E 1 7  ? 5.986   27.495  14.559  1.000 11.603 0 7   PRO E CD  1 ? 
HETATM 807  N N   . HYP E 1 8  ? 4.564   25.444  10.622  1.000 10.138 0 8   HYP E N   1 ? 
HETATM 808  C CA  . HYP E 1 8  ? 3.470   24.580  10.236  1.000 8.524  0 8   HYP E CA  1 ? 
HETATM 809  C C   . HYP E 1 8  ? 3.129   23.601  11.349  1.000 9.815  0 8   HYP E C   1 ? 
HETATM 810  O O   . HYP E 1 8  ? 4.002   23.159  12.120  1.000 10.597 0 8   HYP E O   1 ? 
HETATM 811  C CB  . HYP E 1 8  ? 4.032   23.867  8.992   1.000 10.003 0 8   HYP E CB  1 ? 
HETATM 812  C CG  . HYP E 1 8  ? 5.054   24.823  8.437   1.000 12.141 0 8   HYP E CG  1 ? 
HETATM 813  C CD  . HYP E 1 8  ? 5.701   25.375  9.683   1.000 10.218 0 8   HYP E CD  1 ? 
HETATM 814  O OD1 . HYP E 1 8  ? 4.425   25.872  7.717   1.000 12.206 0 8   HYP E OD1 1 ? 
ATOM   815  N N   . GLY E 1 9  ? 1.859   23.201  11.373  1.000 9.763  0 9   GLY E N   1 ? 
ATOM   816  C CA  . GLY E 1 9  ? 1.399   22.192  12.301  1.000 8.891  0 9   GLY E CA  1 ? 
ATOM   817  C C   . GLY E 1 9  ? 2.002   20.827  12.003  1.000 9.703  0 9   GLY E C   1 ? 
ATOM   818  O O   . GLY E 1 9  ? 2.674   20.604  10.983  1.000 9.773  0 9   GLY E O   1 ? 
ATOM   819  N N   . PRO E 1 10 ? 1.745   19.871  12.893  1.000 9.016  0 10  PRO E N   1 ? 
ATOM   820  C CA  . PRO E 1 10 ? 2.242   18.514  12.705  1.000 9.566  0 10  PRO E CA  1 ? 
ATOM   821  C C   . PRO E 1 10 ? 1.521   17.831  11.570  1.000 10.741 0 10  PRO E C   1 ? 
ATOM   822  O O   . PRO E 1 10 ? 0.415   18.229  11.176  1.000 10.268 0 10  PRO E O   1 ? 
ATOM   823  C CB  . PRO E 1 10 ? 1.965   17.801  14.002  1.000 11.886 0 10  PRO E CB  1 ? 
ATOM   824  C CG  . PRO E 1 10 ? 1.244   18.768  14.899  1.000 17.690 0 10  PRO E CG  1 ? 
ATOM   825  C CD  . PRO E 1 10 ? 1.046   20.060  14.163  1.000 12.070 0 10  PRO E CD  1 ? 
HETATM 826  N N   . HYP E 1 11 ? 2.114   16.765  11.016  1.000 12.003 0 11  HYP E N   1 ? 
HETATM 827  C CA  . HYP E 1 11 ? 1.437   15.974  10.000  1.000 12.130 0 11  HYP E CA  1 ? 
HETATM 828  C C   . HYP E 1 11 ? 0.103   15.449  10.515  1.000 11.394 0 11  HYP E C   1 ? 
HETATM 829  O O   . HYP E 1 11 ? -0.069  15.187  11.721  1.000 11.291 0 11  HYP E O   1 ? 
HETATM 830  C CB  . HYP E 1 11 ? 2.396   14.796  9.797   1.000 13.477 0 11  HYP E CB  1 ? 
HETATM 831  C CG  . HYP E 1 11 ? 3.753   15.368  10.190  1.000 13.308 0 11  HYP E CG  1 ? 
HETATM 832  C CD  . HYP E 1 11 ? 3.463   16.273  11.334  1.000 13.653 0 11  HYP E CD  1 ? 
HETATM 833  O OD1 . HYP E 1 11 ? 4.280   16.127  9.105   1.000 14.110 0 11  HYP E OD1 1 ? 
ATOM   834  N N   . GLY E 1 12 ? -0.852  15.276  9.587   1.000 10.838 0 12  GLY E N   1 ? 
ATOM   835  C CA  . GLY E 1 12 ? -2.146  14.747  9.959   1.000 10.803 0 12  GLY E CA  1 ? 
ATOM   836  C C   . GLY E 1 12 ? -2.070  13.260  10.289  1.000 9.778  0 12  GLY E C   1 ? 
ATOM   837  O O   . GLY E 1 12 ? -1.013  12.623  10.160  1.000 11.419 0 12  GLY E O   1 ? 
ATOM   838  N N   . PRO E 1 13 ? -3.217  12.706  10.737  1.000 11.256 0 13  PRO E N   1 ? 
ATOM   839  C CA  . PRO E 1 13 ? -3.319  11.283  11.028  1.000 13.963 0 13  PRO E CA  1 ? 
ATOM   840  C C   . PRO E 1 13 ? -3.182  10.447  9.766   1.000 12.738 0 13  PRO E C   1 ? 
ATOM   841  O O   . PRO E 1 13 ? -3.427  10.915  8.664   1.000 11.812 0 13  PRO E O   1 ? 
ATOM   842  C CB  . PRO E 1 13 ? -4.676  11.123  11.690  1.000 16.941 0 13  PRO E CB  1 ? 
ATOM   843  C CG  . PRO E 1 13 ? -5.446  12.376  11.388  1.000 17.768 0 13  PRO E CG  1 ? 
ATOM   844  C CD  . PRO E 1 13 ? -4.458  13.438  10.993  1.000 12.715 0 13  PRO E CD  1 ? 
ATOM   845  N N   . LYS E 1 14 ? -2.859  9.180   9.967   1.000 11.449 0 14  LYS E N   1 ? 
ATOM   846  C CA  . LYS E 1 14 ? -2.799  8.200   8.897   1.000 13.035 0 14  LYS E CA  1 ? 
ATOM   847  C C   . LYS E 1 14 ? -4.164  8.091   8.244   1.000 11.893 0 14  LYS E C   1 ? 
ATOM   848  O O   . LYS E 1 14 ? -5.213  8.185   8.904   1.000 11.726 0 14  LYS E O   1 ? 
ATOM   849  C CB  . LYS E 1 14 ? -2.316  6.871   9.490   1.000 14.465 0 14  LYS E CB  1 ? 
ATOM   850  C CG  . LYS E 1 14 ? -2.133  5.763   8.479   1.000 16.922 0 14  LYS E CG  1 ? 
ATOM   851  C CD  . LYS E 1 14 ? -1.344  4.580   8.999   1.000 19.550 0 14  LYS E CD  1 ? 
ATOM   852  C CE  . LYS E 1 14 ? -2.069  3.733   9.981   1.000 28.909 0 14  LYS E CE  1 ? 
ATOM   853  N NZ  . LYS E 1 14 ? -1.231  2.592   10.377  1.000 38.615 0 14  LYS E NZ  1 ? 
ATOM   854  N N   . GLY E 1 15 ? -4.175  7.861   6.922   1.000 11.297 0 15  GLY E N   1 ? 
ATOM   855  C CA  . GLY E 1 15 ? -5.432  7.671   6.212   1.000 11.645 0 15  GLY E CA  1 ? 
ATOM   856  C C   . GLY E 1 15 ? -6.130  6.372   6.619   1.000 11.625 0 15  GLY E C   1 ? 
ATOM   857  O O   . GLY E 1 15 ? -5.549  5.506   7.301   1.000 11.920 0 15  GLY E O   1 ? 
ATOM   858  N N   . ASP E 1 16 ? -7.364  6.227   6.137   1.000 11.370 0 16  ASP E N   1 ? 
ATOM   859  C CA  . ASP E 1 16 ? -8.147  5.018   6.349   1.000 13.292 0 16  ASP E CA  1 ? 
ATOM   860  C C   . ASP E 1 16 ? -7.490  3.821   5.648   1.000 13.563 0 16  ASP E C   1 ? 
ATOM   861  O O   . ASP E 1 16 ? -6.822  3.966   4.625   1.000 12.456 0 16  ASP E O   1 ? 
ATOM   862  C CB  . ASP E 1 16 ? -9.565  5.171   5.839   1.000 14.900 0 16  ASP E CB  1 ? 
ATOM   863  C CG  . ASP E 1 16 ? -10.543 4.058   6.203   1.000 17.008 0 16  ASP E CG  1 ? 
ATOM   864  O OD1 . ASP E 1 16 ? -10.296 3.350   7.211   1.000 17.717 0 16  ASP E OD1 1 ? 
ATOM   865  O OD2 . ASP E 1 16 ? -11.544 3.867   5.456   1.000 20.429 0 16  ASP E OD2 1 ? 
ATOM   866  N N   . GLN E 1 17 ? -7.711  2.633   6.199   1.000 12.337 0 17  GLN E N   1 ? 
ATOM   867  C CA  . GLN E 1 17 ? -7.260  1.417   5.553   1.000 12.413 0 17  GLN E CA  1 ? 
ATOM   868  C C   . GLN E 1 17 ? -7.946  1.337   4.184   1.000 12.627 0 17  GLN E C   1 ? 
ATOM   869  O O   . GLN E 1 17 ? -9.052  1.837   3.981   1.000 13.054 0 17  GLN E O   1 ? 
ATOM   870  C CB  . GLN E 1 17 ? -7.544  0.205   6.434   1.000 16.478 0 17  GLN E CB  1 ? 
ATOM   871  C CG  . GLN E 1 17 ? -9.023  -0.148  6.483   1.000 25.042 0 17  GLN E CG  1 ? 
ATOM   872  C CD  . GLN E 1 17 ? -9.348  -1.468  7.145   1.000 28.862 0 17  GLN E CD  1 ? 
ATOM   873  O OE1 . GLN E 1 17 ? -8.588  -2.428  7.044   1.000 23.974 0 17  GLN E OE1 1 ? 
ATOM   874  N NE2 . GLN E 1 17 ? -10.494 -1.519  7.806   1.000 34.220 0 17  GLN E NE2 1 ? 
ATOM   875  N N   . GLY E 1 18 ? -7.304  0.644   3.272   1.000 11.667 0 18  GLY E N   1 ? 
ATOM   876  C CA  . GLY E 1 18 ? -7.863  0.401   1.967   1.000 12.319 0 18  GLY E CA  1 ? 
ATOM   877  C C   . GLY E 1 18 ? -9.098  -0.497  2.016   1.000 11.273 0 18  GLY E C   1 ? 
ATOM   878  O O   . GLY E 1 18 ? -9.431  -1.128  3.031   1.000 11.248 0 18  GLY E O   1 ? 
ATOM   879  N N   . PRO E 1 19 ? -9.843  -0.542  0.892   1.000 13.114 0 19  PRO E N   1 ? 
ATOM   880  C CA  . PRO E 1 19 ? -11.004 -1.404  0.823   1.000 12.094 0 19  PRO E CA  1 ? 
ATOM   881  C C   . PRO E 1 19 ? -10.610 -2.867  0.785   1.000 11.127 0 19  PRO E C   1 ? 
ATOM   882  O O   . PRO E 1 19 ? -9.482  -3.223  0.455   1.000 9.557  0 19  PRO E O   1 ? 
ATOM   883  C CB  . PRO E 1 19 ? -11.676 -0.932  -0.478  1.000 14.373 0 19  PRO E CB  1 ? 
ATOM   884  C CG  . PRO E 1 19 ? -10.550 -0.470  -1.336  1.000 16.469 0 19  PRO E CG  1 ? 
ATOM   885  C CD  . PRO E 1 19 ? -9.574  0.185   -0.351  1.000 14.077 0 19  PRO E CD  1 ? 
HETATM 886  N N   . HYP E 1 20 ? -11.567 -3.768  1.002   1.000 10.655 0 20  HYP E N   1 ? 
HETATM 887  C CA  . HYP E 1 20 ? -11.357 -5.190  0.767   1.000 12.149 0 20  HYP E CA  1 ? 
HETATM 888  C C   . HYP E 1 20 ? -10.861 -5.429  -0.650  1.000 10.310 0 20  HYP E C   1 ? 
HETATM 889  O O   . HYP E 1 20 ? -11.215 -4.705  -1.585  1.000 11.028 0 20  HYP E O   1 ? 
HETATM 890  C CB  . HYP E 1 20 ? -12.753 -5.788  0.961   1.000 14.518 0 20  HYP E CB  1 ? 
HETATM 891  C CG  . HYP E 1 20 ? -13.389 -4.818  1.951   1.000 12.819 0 20  HYP E CG  1 ? 
HETATM 892  C CD  . HYP E 1 20 ? -12.938 -3.482  1.453   1.000 12.205 0 20  HYP E CD  1 ? 
HETATM 893  O OD1 . HYP E 1 20 ? -12.890 -5.067  3.261   1.000 15.724 0 20  HYP E OD1 1 ? 
ATOM   894  N N   . GLY E 1 21 ? -10.019 -6.459  -0.771  1.000 8.161  0 21  GLY E N   1 ? 
ATOM   895  C CA  . GLY E 1 21 ? -9.444  -6.785  -2.050  1.000 8.276  0 21  GLY E CA  1 ? 
ATOM   896  C C   . GLY E 1 21 ? -10.465 -7.381  -3.005  1.000 7.722  0 21  GLY E C   1 ? 
ATOM   897  O O   . GLY E 1 21 ? -11.641 -7.609  -2.691  1.000 8.724  0 21  GLY E O   1 ? 
ATOM   898  N N   . PRO E 1 22 ? -10.040 -7.611  -4.269  1.000 8.385  0 22  PRO E N   1 ? 
ATOM   899  C CA  . PRO E 1 22 ? -10.879 -8.288  -5.235  1.000 7.317  0 22  PRO E CA  1 ? 
ATOM   900  C C   . PRO E 1 22 ? -11.281 -9.688  -4.833  1.000 7.676  0 22  PRO E C   1 ? 
ATOM   901  O O   . PRO E 1 22 ? -10.612 -10.320 -4.004  1.000 8.680  0 22  PRO E O   1 ? 
ATOM   902  C CB  . PRO E 1 22 ? -9.975  -8.352  -6.476  1.000 9.656  0 22  PRO E CB  1 ? 
ATOM   903  C CG  . PRO E 1 22 ? -8.962  -7.301  -6.269  1.000 10.260 0 22  PRO E CG  1 ? 
ATOM   904  C CD  . PRO E 1 22 ? -8.701  -7.349  -4.779  1.000 10.992 0 22  PRO E CD  1 ? 
HETATM 905  N N   . HYP E 1 23 ? -12.348 -10.232 -5.432  1.000 8.380  0 23  HYP E N   1 ? 
HETATM 906  C CA  . HYP E 1 23 ? -12.692 -11.634 -5.235  1.000 9.092  0 23  HYP E CA  1 ? 
HETATM 907  C C   . HYP E 1 23 ? -11.513 -12.538 -5.580  1.000 8.732  0 23  HYP E C   1 ? 
HETATM 908  O O   . HYP E 1 23 ? -10.746 -12.266 -6.496  1.000 9.240  0 23  HYP E O   1 ? 
HETATM 909  C CB  . HYP E 1 23 ? -13.864 -11.841 -6.200  1.000 10.047 0 23  HYP E CB  1 ? 
HETATM 910  C CG  . HYP E 1 23 ? -14.458 -10.452 -6.335  1.000 10.959 0 23  HYP E CG  1 ? 
HETATM 911  C CD  . HYP E 1 23 ? -13.258 -9.558  -6.371  1.000 9.594  0 23  HYP E CD  1 ? 
HETATM 912  O OD1 . HYP E 1 23 ? -15.277 -10.146 -5.224  1.000 11.461 0 23  HYP E OD1 1 ? 
ATOM   913  N N   . GLY E 1 24 ? -11.449 -13.660 -4.890  1.000 8.783  0 24  GLY E N   1 ? 
ATOM   914  C CA  . GLY E 1 24 ? -10.452 -14.662 -5.170  1.000 9.303  0 24  GLY E CA  1 ? 
ATOM   915  C C   . GLY E 1 24 ? -10.757 -15.435 -6.445  1.000 9.152  0 24  GLY E C   1 ? 
ATOM   916  O O   . GLY E 1 24 ? -11.811 -15.298 -7.045  1.000 10.361 0 24  GLY E O   1 ? 
ATOM   917  N N   . PRO E 1 25 ? -9.789  -16.269 -6.878  1.000 9.102  0 25  PRO E N   1 ? 
ATOM   918  C CA  . PRO E 1 25 ? -9.961  -17.060 -8.080  1.000 10.715 0 25  PRO E CA  1 ? 
ATOM   919  C C   . PRO E 1 25 ? -10.927 -18.203 -7.885  1.000 9.463  0 25  PRO E C   1 ? 
ATOM   920  O O   . PRO E 1 25 ? -11.240 -18.599 -6.754  1.000 9.955  0 25  PRO E O   1 ? 
ATOM   921  C CB  . PRO E 1 25 ? -8.576  -17.612 -8.379  1.000 14.315 0 25  PRO E CB  1 ? 
ATOM   922  C CG  . PRO E 1 25 ? -7.613  -17.040 -7.329  1.000 16.245 0 25  PRO E CG  1 ? 
ATOM   923  C CD  . PRO E 1 25 ? -8.475  -16.434 -6.265  1.000 10.261 0 25  PRO E CD  1 ? 
HETATM 924  N N   . HYP E 1 26 ? -11.465 -18.762 -8.979  1.000 10.940 0 26  HYP E N   1 ? 
HETATM 925  C CA  . HYP E 1 26 ? -12.338 -19.932 -8.869  1.000 10.943 0 26  HYP E CA  1 ? 
HETATM 926  C C   . HYP E 1 26 ? -11.638 -21.094 -8.168  1.000 12.722 0 26  HYP E C   1 ? 
HETATM 927  O O   . HYP E 1 26 ? -10.428 -21.256 -8.265  1.000 12.760 0 26  HYP E O   1 ? 
HETATM 928  C CB  . HYP E 1 26 ? -12.550 -20.301 -10.348 1.000 12.770 0 26  HYP E CB  1 ? 
HETATM 929  C CG  . HYP E 1 26 ? -12.351 -18.999 -11.105 1.000 11.022 0 26  HYP E CG  1 ? 
HETATM 930  C CD  . HYP E 1 26 ? -11.234 -18.305 -10.371 1.000 10.942 0 26  HYP E CD  1 ? 
HETATM 931  O OD1 . HYP E 1 26 ? -13.535 -18.248 -10.962 1.000 14.338 0 26  HYP E OD1 1 ? 
ATOM   932  N N   . GLY E 1 27 ? -12.432 -21.928 -7.500  1.000 11.567 0 27  GLY E N   1 ? 
ATOM   933  C CA  . GLY E 1 27 ? -11.913 -23.154 -6.915  1.000 12.714 0 27  GLY E CA  1 ? 
ATOM   934  C C   . GLY E 1 27 ? -11.590 -24.205 -7.968  1.000 11.939 0 27  GLY E C   1 ? 
ATOM   935  O O   . GLY E 1 27 ? -11.868 -24.029 -9.138  1.000 11.826 0 27  GLY E O   1 ? 
ATOM   936  N N   . PRO E 1 28 ? -11.030 -25.360 -7.539  1.000 14.979 0 28  PRO E N   1 ? 
ATOM   937  C CA  . PRO E 1 28 ? -10.733 -26.463 -8.456  1.000 16.600 0 28  PRO E CA  1 ? 
ATOM   938  C C   . PRO E 1 28 ? -12.006 -27.067 -9.043  1.000 15.889 0 28  PRO E C   1 ? 
ATOM   939  O O   . PRO E 1 28 ? -13.065 -26.998 -8.422  1.000 14.209 0 28  PRO E O   1 ? 
ATOM   940  C CB  . PRO E 1 28 ? -9.975  -27.460 -7.591  1.000 19.895 0 28  PRO E CB  1 ? 
ATOM   941  C CG  . PRO E 1 28 ? -9.592  -26.725 -6.325  1.000 17.703 0 28  PRO E CG  1 ? 
ATOM   942  C CD  . PRO E 1 28 ? -10.598 -25.602 -6.166  1.000 17.711 0 28  PRO E CD  1 ? 
HETATM 943  N N   . HYP E 1 29 ? -11.937 -27.701 -10.237 1.000 17.637 0 29  HYP E N   1 ? 
HETATM 944  C CA  . HYP E 1 29 ? -13.065 -28.470 -10.763 1.000 21.453 0 29  HYP E CA  1 ? 
HETATM 945  C C   . HYP E 1 29 ? -13.483 -29.575 -9.790  1.000 19.128 0 29  HYP E C   1 ? 
HETATM 946  O O   . HYP E 1 29 ? -12.652 -30.141 -9.064  1.000 20.860 0 29  HYP E O   1 ? 
HETATM 947  C CB  . HYP E 1 29 ? -12.503 -29.054 -12.070 1.000 22.615 0 29  HYP E CB  1 ? 
HETATM 948  C CG  . HYP E 1 29 ? -11.387 -28.103 -12.462 1.000 24.222 0 29  HYP E CG  1 ? 
HETATM 949  C CD  . HYP E 1 29 ? -10.768 -27.734 -11.131 1.000 21.974 0 29  HYP E CD  1 ? 
HETATM 950  O OD1 . HYP E 1 29 ? -11.941 -26.958 -13.099 1.000 29.355 0 29  HYP E OD1 1 ? 
ATOM   951  N N   . GLY E 1 30 ? -14.777 -29.890 -9.776  1.000 22.544 0 30  GLY E N   1 ? 
ATOM   952  C CA  . GLY E 1 30 ? -15.316 -30.951 -8.940  1.000 23.343 0 30  GLY E CA  1 ? 
ATOM   953  C C   . GLY E 1 30 ? -15.020 -32.337 -9.501  1.000 35.979 0 30  GLY E C   1 ? 
ATOM   954  O O   . GLY E 1 30 ? -14.246 -32.419 -10.488 1.000 36.156 0 30  GLY E O   1 ? 
ATOM   955  N N   . PRO F 1 1  ? -5.317  -39.421 -20.646 1.000 40.776 0 1   PRO F N   1 ? 
ATOM   956  C CA  . PRO F 1 1  ? -4.460  -38.326 -21.078 1.000 41.055 0 1   PRO F CA  1 ? 
ATOM   957  C C   . PRO F 1 1  ? -4.059  -37.453 -19.894 1.000 35.699 0 1   PRO F C   1 ? 
ATOM   958  O O   . PRO F 1 1  ? -4.654  -37.538 -18.820 1.000 32.136 0 1   PRO F O   1 ? 
ATOM   959  C CB  . PRO F 1 1  ? -5.306  -37.546 -22.098 1.000 48.288 0 1   PRO F CB  1 ? 
ATOM   960  C CG  . PRO F 1 1  ? -6.722  -37.780 -21.632 1.000 54.663 0 1   PRO F CG  1 ? 
ATOM   961  C CD  . PRO F 1 1  ? -6.685  -39.208 -21.106 1.000 56.242 0 1   PRO F CD  1 ? 
HETATM 962  N N   . HYP F 1 2  ? -3.066  -36.553 -20.064 1.000 31.660 0 2   HYP F N   1 ? 
HETATM 963  C CA  . HYP F 1 2  ? -2.697  -35.608 -19.013 1.000 35.348 0 2   HYP F CA  1 ? 
HETATM 964  C C   . HYP F 1 2  ? -3.895  -34.741 -18.626 1.000 22.999 0 2   HYP F C   1 ? 
HETATM 965  O O   . HYP F 1 2  ? -4.760  -34.428 -19.439 1.000 25.243 0 2   HYP F O   1 ? 
HETATM 966  C CB  . HYP F 1 2  ? -1.606  -34.750 -19.665 1.000 45.548 0 2   HYP F CB  1 ? 
HETATM 967  C CG  . HYP F 1 2  ? -1.070  -35.608 -20.802 1.000 56.977 0 2   HYP F CG  1 ? 
HETATM 968  C CD  . HYP F 1 2  ? -2.275  -36.374 -21.296 1.000 50.331 0 2   HYP F CD  1 ? 
HETATM 969  O OD1 . HYP F 1 2  ? -0.115  -36.508 -20.269 1.000 70.718 0 2   HYP F OD1 1 ? 
ATOM   970  N N   . GLY F 1 3  ? -3.962  -34.361 -17.361 1.000 20.344 0 3   GLY F N   1 ? 
ATOM   971  C CA  . GLY F 1 3  ? -4.999  -33.461 -16.921 1.000 16.015 0 3   GLY F CA  1 ? 
ATOM   972  C C   . GLY F 1 3  ? -4.763  -32.029 -17.404 1.000 12.113 0 3   GLY F C   1 ? 
ATOM   973  O O   . GLY F 1 3  ? -3.745  -31.670 -17.988 1.000 14.992 0 3   GLY F O   1 ? 
ATOM   974  N N   . PRO F 1 4  ? -5.732  -31.141 -17.143 1.000 13.340 0 4   PRO F N   1 ? 
ATOM   975  C CA  . PRO F 1 4  ? -5.587  -29.725 -17.473 1.000 12.411 0 4   PRO F CA  1 ? 
ATOM   976  C C   . PRO F 1 4  ? -4.554  -29.053 -16.593 1.000 10.354 0 4   PRO F C   1 ? 
ATOM   977  O O   . PRO F 1 4  ? -4.200  -29.541 -15.522 1.000 10.293 0 4   PRO F O   1 ? 
ATOM   978  C CB  . PRO F 1 4  ? -6.947  -29.087 -17.196 1.000 16.212 0 4   PRO F CB  1 ? 
ATOM   979  C CG  . PRO F 1 4  ? -7.828  -30.197 -16.816 1.000 18.153 0 4   PRO F CG  1 ? 
ATOM   980  C CD  . PRO F 1 4  ? -7.006  -31.414 -16.490 1.000 15.046 0 4   PRO F CD  1 ? 
HETATM 981  N N   . HYP F 1 5  ? -4.036  -27.889 -17.026 1.000 11.084 0 5   HYP F N   1 ? 
HETATM 982  C CA  . HYP F 1 5  ? -3.133  -27.121 -16.189 1.000 11.392 0 5   HYP F CA  1 ? 
HETATM 983  C C   . HYP F 1 5  ? -3.781  -26.769 -14.860 1.000 9.846  0 5   HYP F C   1 ? 
HETATM 984  O O   . HYP F 1 5  ? -5.004  -26.591 -14.760 1.000 10.785 0 5   HYP F O   1 ? 
HETATM 985  C CB  . HYP F 1 5  ? -2.863  -25.865 -17.006 1.000 13.199 0 5   HYP F CB  1 ? 
HETATM 986  C CG  . HYP F 1 5  ? -3.103  -26.304 -18.428 1.000 12.109 0 5   HYP F CG  1 ? 
HETATM 987  C CD  . HYP F 1 5  ? -4.294  -27.224 -18.321 1.000 12.914 0 5   HYP F CD  1 ? 
HETATM 988  O OD1 . HYP F 1 5  ? -1.937  -26.981 -18.883 1.000 14.834 0 5   HYP F OD1 1 ? 
ATOM   989  N N   . GLY F 1 6  ? -2.952  -26.667 -13.825 1.000 9.043  0 6   GLY F N   1 ? 
ATOM   990  C CA  . GLY F 1 6  ? -3.378  -26.139 -12.554 1.000 9.077  0 6   GLY F CA  1 ? 
ATOM   991  C C   . GLY F 1 6  ? -3.759  -24.663 -12.614 1.000 8.548  0 6   GLY F C   1 ? 
ATOM   992  O O   . GLY F 1 6  ? -3.574  -23.980 -13.599 1.000 9.190  0 6   GLY F O   1 ? 
ATOM   993  N N   . PRO F 1 7  ? -4.259  -24.126 -11.487 1.000 9.681  0 7   PRO F N   1 ? 
ATOM   994  C CA  . PRO F 1 7  ? -4.632  -22.717 -11.418 1.000 10.331 0 7   PRO F CA  1 ? 
ATOM   995  C C   . PRO F 1 7  ? -3.405  -21.835 -11.362 1.000 10.064 0 7   PRO F C   1 ? 
ATOM   996  O O   . PRO F 1 7  ? -2.314  -22.316 -11.018 1.000 9.589  0 7   PRO F O   1 ? 
ATOM   997  C CB  . PRO F 1 7  ? -5.444  -22.647 -10.140 1.000 11.395 0 7   PRO F CB  1 ? 
ATOM   998  C CG  . PRO F 1 7  ? -4.855  -23.740 -9.283  1.000 13.364 0 7   PRO F CG  1 ? 
ATOM   999  C CD  . PRO F 1 7  ? -4.531  -24.870 -10.244 1.000 10.816 0 7   PRO F CD  1 ? 
HETATM 1000 N N   . HYP F 1 8  ? -3.569  -20.509 -11.506 1.000 8.822  0 8   HYP F N   1 ? 
HETATM 1001 C CA  . HYP F 1 8  ? -2.466  -19.598 -11.290 1.000 9.255  0 8   HYP F CA  1 ? 
HETATM 1002 C C   . HYP F 1 8  ? -1.922  -19.742 -9.876  1.000 9.515  0 8   HYP F C   1 ? 
HETATM 1003 O O   . HYP F 1 8  ? -2.664  -20.026 -8.941  1.000 9.663  0 8   HYP F O   1 ? 
HETATM 1004 C CB  . HYP F 1 8  ? -3.122  -18.232 -11.517 1.000 11.461 0 8   HYP F CB  1 ? 
HETATM 1005 C CG  . HYP F 1 8  ? -4.275  -18.505 -12.456 1.000 10.523 0 8   HYP F CG  1 ? 
HETATM 1006 C CD  . HYP F 1 8  ? -4.791  -19.804 -11.934 1.000 10.061 0 8   HYP F CD  1 ? 
HETATM 1007 O OD1 . HYP F 1 8  ? -3.748  -18.616 -13.767 1.000 14.290 0 8   HYP F OD1 1 ? 
ATOM   1008 N N   . GLY F 1 9  ? -0.637  -19.460 -9.722  1.000 8.377  0 9   GLY F N   1 ? 
ATOM   1009 C CA  . GLY F 1 9  ? 0.011   -19.421 -8.427  1.000 7.754  0 9   GLY F CA  1 ? 
ATOM   1010 C C   . GLY F 1 9  ? -0.520  -18.298 -7.547  1.000 9.293  0 9   GLY F C   1 ? 
ATOM   1011 O O   . GLY F 1 9  ? -1.272  -17.439 -7.968  1.000 9.667  0 9   GLY F O   1 ? 
ATOM   1012 N N   . PRO F 1 10 ? -0.074  -18.300 -6.283  1.000 10.438 0 10  PRO F N   1 ? 
ATOM   1013 C CA  . PRO F 1 10 ? -0.427  -17.215 -5.381  1.000 9.652  0 10  PRO F CA  1 ? 
ATOM   1014 C C   . PRO F 1 10 ? 0.271   -15.924 -5.757  1.000 10.888 0 10  PRO F C   1 ? 
ATOM   1015 O O   . PRO F 1 10 ? 1.277   -15.924 -6.474  1.000 12.027 0 10  PRO F O   1 ? 
ATOM   1016 C CB  . PRO F 1 10 ? 0.049   -17.698 -4.013  1.000 14.156 0 10  PRO F CB  1 ? 
ATOM   1017 C CG  . PRO F 1 10 ? 1.016   -18.826 -4.287  1.000 14.476 0 10  PRO F CG  1 ? 
ATOM   1018 C CD  . PRO F 1 10 ? 0.806   -19.320 -5.695  1.000 9.689  0 10  PRO F CD  1 ? 
HETATM 1019 N N   . HYP F 1 11 ? -0.228  -14.795 -5.252  1.000 9.653  0 11  HYP F N   1 ? 
HETATM 1020 C CA  . HYP F 1 11 ? 0.452   -13.518 -5.389  1.000 10.079 0 11  HYP F CA  1 ? 
HETATM 1021 C C   . HYP F 1 11 ? 1.884   -13.577 -4.891  1.000 11.410 0 11  HYP F C   1 ? 
HETATM 1022 O O   . HYP F 1 11 ? 2.215   -14.311 -3.971  1.000 11.749 0 11  HYP F O   1 ? 
HETATM 1023 C CB  . HYP F 1 11 ? -0.368  -12.580 -4.509  1.000 12.673 0 11  HYP F CB  1 ? 
HETATM 1024 C CG  . HYP F 1 11 ? -1.748  -13.193 -4.566  1.000 12.275 0 11  HYP F CG  1 ? 
HETATM 1025 C CD  . HYP F 1 11 ? -1.477  -14.674 -4.484  1.000 10.931 0 11  HYP F CD  1 ? 
HETATM 1026 O OD1 . HYP F 1 11 ? -2.363  -12.830 -5.802  1.000 13.832 0 11  HYP F OD1 1 ? 
ATOM   1027 N N   . GLY F 1 12 ? 2.750   -12.780 -5.521  1.000 12.592 0 12  GLY F N   1 ? 
ATOM   1028 C CA  . GLY F 1 12 ? 4.120   -12.662 -5.075  1.000 11.633 0 12  GLY F CA  1 ? 
ATOM   1029 C C   . GLY F 1 12 ? 4.220   -11.867 -3.776  1.000 10.604 0 12  GLY F C   1 ? 
ATOM   1030 O O   . GLY F 1 12 ? 3.224   -11.386 -3.231  1.000 12.022 0 12  GLY F O   1 ? 
ATOM   1031 N N   . PRO F 1 13 ? 5.461   -11.683 -3.305  1.000 11.845 0 13  PRO F N   1 ? 
ATOM   1032 C CA  . PRO F 1 13 ? 5.702   -10.952 -2.067  1.000 12.634 0 13  PRO F CA  1 ? 
ATOM   1033 C C   . PRO F 1 13 ? 5.519   -9.449  -2.241  1.000 13.279 0 13  PRO F C   1 ? 
ATOM   1034 O O   . PRO F 1 13 ? 5.520   -8.942  -3.349  1.000 11.632 0 13  PRO F O   1 ? 
ATOM   1035 C CB  . PRO F 1 13 ? 7.114   -11.373 -1.677  1.000 16.075 0 13  PRO F CB  1 ? 
ATOM   1036 C CG  . PRO F 1 13 ? 7.780   -11.810 -2.972  1.000 14.846 0 13  PRO F CG  1 ? 
ATOM   1037 C CD  . PRO F 1 13 ? 6.668   -12.276 -3.908  1.000 11.952 0 13  PRO F CD  1 ? 
ATOM   1038 N N   . LYS F 1 14 ? 5.442   -8.761  -1.125  1.000 14.393 0 14  LYS F N   1 ? 
ATOM   1039 C CA  . LYS F 1 14 ? 5.284   -7.314  -1.132  1.000 16.323 0 14  LYS F CA  1 ? 
ATOM   1040 C C   . LYS F 1 14 ? 6.542   -6.651  -1.682  1.000 12.967 0 14  LYS F C   1 ? 
ATOM   1041 O O   . LYS F 1 14 ? 7.652   -7.075  -1.398  1.000 13.712 0 14  LYS F O   1 ? 
ATOM   1042 C CB  . LYS F 1 14 ? 4.905   -6.833  0.266   1.000 16.303 0 14  LYS F CB  1 ? 
ATOM   1043 C CG  . LYS F 1 14 ? 4.626   -5.357  0.396   1.000 18.257 0 14  LYS F CG  1 ? 
ATOM   1044 C CD  . LYS F 1 14 ? 4.094   -5.047  1.789   1.000 19.417 0 14  LYS F CD  1 ? 
ATOM   1045 C CE  . LYS F 1 14 ? 4.012   -3.607  2.101   1.000 27.381 0 14  LYS F CE  1 ? 
ATOM   1046 N NZ  . LYS F 1 14 ? 3.493   -3.437  3.464   1.000 33.265 0 14  LYS F NZ  1 ? 
ATOM   1047 N N   . GLY F 1 15 ? 6.344   -5.554  -2.403  1.000 13.463 0 15  GLY F N   1 ? 
ATOM   1048 C CA  . GLY F 1 15 ? 7.439   -4.771  -2.936  1.000 13.756 0 15  GLY F CA  1 ? 
ATOM   1049 C C   . GLY F 1 15 ? 8.258   -4.053  -1.867  1.000 13.745 0 15  GLY F C   1 ? 
ATOM   1050 O O   . GLY F 1 15 ? 7.855   -3.962  -0.706  1.000 13.902 0 15  GLY F O   1 ? 
ATOM   1051 N N   . ASP F 1 16 ? 9.353   -3.469  -2.343  1.000 14.890 0 16  ASP F N   1 ? 
ATOM   1052 C CA  . ASP F 1 16 ? 10.281  -2.714  -1.510  1.000 14.184 0 16  ASP F CA  1 ? 
ATOM   1053 C C   . ASP F 1 16 ? 9.631   -1.406  -1.067  1.000 14.681 0 16  ASP F C   1 ? 
ATOM   1054 O O   . ASP F 1 16 ? 8.769   -0.838  -1.735  1.000 12.941 0 16  ASP F O   1 ? 
ATOM   1055 C CB  . ASP F 1 16 ? 11.537  -2.357  -2.287  1.000 15.743 0 16  ASP F CB  1 ? 
ATOM   1056 C CG  . ASP F 1 16 ? 12.467  -3.504  -2.675  1.000 19.479 0 16  ASP F CG  1 ? 
ATOM   1057 O OD1 . ASP F 1 16 ? 12.326  -4.608  -2.109  1.000 20.637 0 16  ASP F OD1 1 ? 
ATOM   1058 O OD2 . ASP F 1 16 ? 13.284  -3.301  -3.614  1.000 18.372 0 16  ASP F OD2 1 ? 
ATOM   1059 N N   . GLN F 1 17 ? 10.066  -0.929  0.099   1.000 14.422 0 17  GLN F N   1 ? 
ATOM   1060 C CA  . GLN F 1 17 ? 9.637   0.369   0.607   1.000 15.180 0 17  GLN F CA  1 ? 
ATOM   1061 C C   . GLN F 1 17 ? 9.989   1.442   -0.411  1.000 14.089 0 17  GLN F C   1 ? 
ATOM   1062 O O   . GLN F 1 17 ? 10.989  1.350   -1.114  1.000 14.275 0 17  GLN F O   1 ? 
ATOM   1063 C CB  . GLN F 1 17 ? 10.397  0.589   1.912   1.000 19.026 0 17  GLN F CB  1 ? 
ATOM   1064 C CG  . GLN F 1 17 ? 10.188  1.919   2.600   1.000 21.381 0 17  GLN F CG  1 ? 
ATOM   1065 C CD  . GLN F 1 17 ? 11.098  1.992   3.815   1.000 21.033 0 17  GLN F CD  1 ? 
ATOM   1066 O OE1 . GLN F 1 17 ? 12.215  2.510   3.752   1.000 24.730 0 17  GLN F OE1 1 ? 
ATOM   1067 N NE2 . GLN F 1 17 ? 10.679  1.340   4.881   1.000 27.868 0 17  GLN F NE2 1 ? 
ATOM   1068 N N   . GLY F 1 18 ? 9.128   2.455   -0.521  1.000 11.875 0 18  GLY F N   1 ? 
ATOM   1069 C CA  . GLY F 1 18 ? 9.371   3.541   -1.444  1.000 9.950  0 18  GLY F CA  1 ? 
ATOM   1070 C C   . GLY F 1 18 ? 10.568  4.405   -1.040  1.000 10.256 0 18  GLY F C   1 ? 
ATOM   1071 O O   . GLY F 1 18 ? 11.100  4.290   0.071   1.000 9.950  0 18  GLY F O   1 ? 
ATOM   1072 N N   . PRO F 1 19 ? 10.984  5.303   -1.961  1.000 9.410  0 19  PRO F N   1 ? 
ATOM   1073 C CA  . PRO F 1 19 ? 12.056  6.225   -1.680  1.000 9.100  0 19  PRO F CA  1 ? 
ATOM   1074 C C   . PRO F 1 19 ? 11.702  7.216   -0.592  1.000 11.187 0 19  PRO F C   1 ? 
ATOM   1075 O O   . PRO F 1 19 ? 10.540  7.502   -0.331  1.000 9.690  0 19  PRO F O   1 ? 
ATOM   1076 C CB  . PRO F 1 19 ? 12.313  6.944   -2.993  1.000 12.315 0 19  PRO F CB  1 ? 
ATOM   1077 C CG  . PRO F 1 19 ? 11.385  6.351   -4.020  1.000 15.726 0 19  PRO F CG  1 ? 
ATOM   1078 C CD  . PRO F 1 19 ? 10.377  5.544   -3.268  1.000 10.566 0 19  PRO F CD  1 ? 
HETATM 1079 N N   . HYP F 1 20 ? 12.712  7.805   0.059   1.000 10.240 0 20  HYP F N   1 ? 
HETATM 1080 C CA  . HYP F 1 20 ? 12.454  8.892   0.991   1.000 10.246 0 20  HYP F CA  1 ? 
HETATM 1081 C C   . HYP F 1 20 ? 11.740  10.029  0.285   1.000 9.730  0 20  HYP F C   1 ? 
HETATM 1082 O O   . HYP F 1 20 ? 11.910  10.250  -0.936  1.000 10.527 0 20  HYP F O   1 ? 
HETATM 1083 C CB  . HYP F 1 20 ? 13.860  9.329   1.421   1.000 10.666 0 20  HYP F CB  1 ? 
HETATM 1084 C CG  . HYP F 1 20 ? 14.701  8.082   1.205   1.000 10.669 0 20  HYP F CG  1 ? 
HETATM 1085 C CD  . HYP F 1 20 ? 14.144  7.476   -0.061  1.000 12.509 0 20  HYP F CD  1 ? 
HETATM 1086 O OD1 . HYP F 1 20 ? 14.495  7.176   2.278   1.000 15.631 0 20  HYP F OD1 1 ? 
ATOM   1087 N N   . GLY F 1 21 ? 10.949  10.778  1.049   1.000 10.266 0 21  GLY F N   1 ? 
ATOM   1088 C CA  . GLY F 1 21 ? 10.342  11.980  0.519   1.000 10.963 0 21  GLY F CA  1 ? 
ATOM   1089 C C   . GLY F 1 21 ? 11.360  13.070  0.203   1.000 10.397 0 21  GLY F C   1 ? 
ATOM   1090 O O   . GLY F 1 21 ? 12.548  12.975  0.475   1.000 11.120 0 21  GLY F O   1 ? 
ATOM   1091 N N   . PRO F 1 22 ? 10.863  14.184  -0.383  1.000 9.904  0 22  PRO F N   1 ? 
ATOM   1092 C CA  . PRO F 1 22 ? 11.716  15.333  -0.655  1.000 12.266 0 22  PRO F CA  1 ? 
ATOM   1093 C C   . PRO F 1 22 ? 12.223  15.953  0.641   1.000 12.700 0 22  PRO F C   1 ? 
ATOM   1094 O O   . PRO F 1 22 ? 11.613  15.786  1.703   1.000 11.766 0 22  PRO F O   1 ? 
ATOM   1095 C CB  . PRO F 1 22 ? 10.822  16.300  -1.413  1.000 14.001 0 22  PRO F CB  1 ? 
ATOM   1096 C CG  . PRO F 1 22 ? 9.552   15.568  -1.674  1.000 15.353 0 22  PRO F CG  1 ? 
ATOM   1097 C CD  . PRO F 1 22 ? 9.465   14.381  -0.766  1.000 11.300 0 22  PRO F CD  1 ? 
HETATM 1098 N N   . HYP F 1 23 ? 13.277  16.778  0.568   1.000 10.580 0 23  HYP F N   1 ? 
HETATM 1099 C CA  . HYP F 1 23 ? 13.703  17.566  1.708   1.000 11.850 0 23  HYP F CA  1 ? 
HETATM 1100 C C   . HYP F 1 23 ? 12.556  18.408  2.237   1.000 9.985  0 23  HYP F C   1 ? 
HETATM 1101 O O   . HYP F 1 23 ? 11.720  18.880  1.479   1.000 10.951 0 23  HYP F O   1 ? 
HETATM 1102 C CB  . HYP F 1 23 ? 14.837  18.424  1.146   1.000 13.899 0 23  HYP F CB  1 ? 
HETATM 1103 C CG  . HYP F 1 23 ? 15.387  17.565  0.021   1.000 16.082 0 23  HYP F CG  1 ? 
HETATM 1104 C CD  . HYP F 1 23 ? 14.164  16.953  -0.593  1.000 12.186 0 23  HYP F CD  1 ? 
HETATM 1105 O OD1 . HYP F 1 23 ? 16.220  16.553  0.578   1.000 18.677 0 23  HYP F OD1 1 ? 
ATOM   1106 N N   . GLY F 1 24 ? 12.594  18.654  3.551   1.000 10.061 0 24  GLY F N   1 ? 
ATOM   1107 C CA  . GLY F 1 24 ? 11.593  19.502  4.157   1.000 10.605 0 24  GLY F CA  1 ? 
ATOM   1108 C C   . GLY F 1 24 ? 11.746  20.963  3.757   1.000 10.818 0 24  GLY F C   1 ? 
ATOM   1109 O O   . GLY F 1 24 ? 12.713  21.359  3.098   1.000 12.052 0 24  GLY F O   1 ? 
ATOM   1110 N N   . PRO F 1 25 ? 10.791  21.810  4.195   1.000 9.949  0 25  PRO F N   1 ? 
ATOM   1111 C CA  . PRO F 1 25 ? 10.875  23.241  3.951   1.000 11.167 0 25  PRO F CA  1 ? 
ATOM   1112 C C   . PRO F 1 25 ? 11.998  23.892  4.728   1.000 11.364 0 25  PRO F C   1 ? 
ATOM   1113 O O   . PRO F 1 25 ? 12.482  23.334  5.726   1.000 11.342 0 25  PRO F O   1 ? 
ATOM   1114 C CB  . PRO F 1 25 ? 9.533   23.805  4.404   1.000 12.084 0 25  PRO F CB  1 ? 
ATOM   1115 C CG  . PRO F 1 25 ? 8.669   22.630  4.719   1.000 14.902 0 25  PRO F CG  1 ? 
ATOM   1116 C CD  . PRO F 1 25 ? 9.606   21.447  4.968   1.000 11.825 0 25  PRO F CD  1 ? 
HETATM 1117 N N   . HYP F 1 26 ? 12.431  25.095  4.320   1.000 12.718 0 26  HYP F N   1 ? 
HETATM 1118 C CA  . HYP F 1 26 ? 13.366  25.859  5.148   1.000 13.986 0 26  HYP F CA  1 ? 
HETATM 1119 C C   . HYP F 1 26 ? 12.853  26.051  6.559   1.000 14.520 0 26  HYP F C   1 ? 
HETATM 1120 O O   . HYP F 1 26 ? 11.647  26.124  6.800   1.000 13.720 0 26  HYP F O   1 ? 
HETATM 1121 C CB  . HYP F 1 26 ? 13.452  27.204  4.428   1.000 16.129 0 26  HYP F CB  1 ? 
HETATM 1122 C CG  . HYP F 1 26 ? 13.095  26.851  2.990   1.000 17.148 0 26  HYP F CG  1 ? 
HETATM 1123 C CD  . HYP F 1 26 ? 11.994  25.807  3.112   1.000 15.654 0 26  HYP F CD  1 ? 
HETATM 1124 O OD1 . HYP F 1 26 ? 14.242  26.281  2.376   1.000 20.330 0 26  HYP F OD1 1 ? 
ATOM   1125 N N   . GLY F 1 27 ? 13.788  26.178  7.497   1.000 13.575 0 27  GLY F N   1 ? 
ATOM   1126 C CA  . GLY F 1 27 ? 13.450  26.418  8.881   1.000 15.393 0 27  GLY F CA  1 ? 
ATOM   1127 C C   . GLY F 1 27 ? 12.936  27.839  9.122   1.000 17.093 0 27  GLY F C   1 ? 
ATOM   1128 O O   . GLY F 1 27 ? 12.864  28.654  8.199   1.000 17.179 0 27  GLY F O   1 ? 
ATOM   1129 N N   . PRO F 1 28 ? 12.592  28.134  10.399  1.000 16.971 0 28  PRO F N   1 ? 
ATOM   1130 C CA  . PRO F 1 28 ? 12.099  29.456  10.788  1.000 22.585 0 28  PRO F CA  1 ? 
ATOM   1131 C C   . PRO F 1 28 ? 13.134  30.556  10.547  1.000 25.448 0 28  PRO F C   1 ? 
ATOM   1132 O O   . PRO F 1 28 ? 14.330  30.293  10.580  1.000 21.042 0 28  PRO F O   1 ? 
ATOM   1133 C CB  . PRO F 1 28 ? 11.816  29.283  12.292  1.000 19.955 0 28  PRO F CB  1 ? 
ATOM   1134 C CG  . PRO F 1 28 ? 11.755  27.813  12.543  1.000 24.658 0 28  PRO F CG  1 ? 
ATOM   1135 C CD  . PRO F 1 28 ? 12.698  27.211  11.530  1.000 19.546 0 28  PRO F CD  1 ? 
HETATM 1136 N N   . HYP F 1 29 ? 12.723  31.830  10.316  1.000 31.332 0 29  HYP F N   1 ? 
HETATM 1137 C CA  . HYP F 1 29 ? 13.679  32.916  10.078  1.000 36.765 0 29  HYP F CA  1 ? 
HETATM 1138 C C   . HYP F 1 29 ? 14.600  33.265  11.261  1.000 38.671 0 29  HYP F C   1 ? 
HETATM 1139 O O   . HYP F 1 29 ? 14.316  32.844  12.374  1.000 36.403 0 29  HYP F O   1 ? 
HETATM 1140 C CB  . HYP F 1 29 ? 12.772  34.113  9.757   1.000 40.403 0 29  HYP F CB  1 ? 
HETATM 1141 C CG  . HYP F 1 29 ? 11.449  33.497  9.327   1.000 37.803 0 29  HYP F CG  1 ? 
HETATM 1142 C CD  . HYP F 1 29 ? 11.327  32.284  10.223  1.000 37.557 0 29  HYP F CD  1 ? 
HETATM 1143 O OD1 . HYP F 1 29 ? 11.490  33.118  7.956   1.000 42.661 0 29  HYP F OD1 1 ? 
HETATM 1144 O O   . HOH G 2 .  ? 5.761   12.702  -1.344  1.000 24.416 0 101 HOH A O   1 ? 
HETATM 1145 O O   . HOH G 2 .  ? 8.386   -14.120 -6.510  1.000 23.657 0 102 HOH A O   1 ? 
HETATM 1146 O O   . HOH G 2 .  ? -4.863  -26.890 -6.598  1.000 17.742 0 103 HOH A O   1 ? 
HETATM 1147 O O   . HOH G 2 .  ? 8.123   -3.632  -10.730 1.000 39.612 0 104 HOH A O   1 ? 
HETATM 1148 O O   . HOH G 2 .  ? -5.364  -32.246 -8.877  1.000 24.630 0 105 HOH A O   1 ? 
HETATM 1149 O O   . HOH G 2 .  ? 3.774   -18.333 -1.905  1.000 14.487 0 106 HOH A O   1 ? 
HETATM 1150 O O   . HOH G 2 .  ? 6.985   18.629  6.159   1.000 16.711 0 107 HOH A O   1 ? 
HETATM 1151 O O   . HOH G 2 .  ? 7.213   2.057   -7.837  1.000 29.808 0 108 HOH A O   1 ? 
HETATM 1152 O O   . HOH G 2 .  ? 5.700   16.227  5.390   1.000 17.910 0 109 HOH A O   1 ? 
HETATM 1153 O O   . HOH G 2 .  ? 6.105   -5.925  -9.649  1.000 24.084 0 110 HOH A O   1 ? 
HETATM 1154 O O   . HOH G 2 .  ? -4.288  -22.449 -5.739  1.000 15.505 0 111 HOH A O   1 ? 
HETATM 1155 O O   . HOH G 2 .  ? 5.793   15.260  -1.518  1.000 25.483 0 112 HOH A O   1 ? 
HETATM 1156 O O   . HOH G 2 .  ? 8.013   4.685   -6.376  1.000 21.687 0 113 HOH A O   1 ? 
HETATM 1157 O O   . HOH G 2 .  ? 8.713   7.331   -7.374  1.000 25.943 0 114 HOH A O   1 ? 
HETATM 1158 O O   . HOH G 2 .  ? 8.613   25.315  7.773   1.000 23.831 0 115 HOH A O   1 ? 
HETATM 1159 O O   . HOH G 2 .  ? 14.024  -5.485  -5.191  1.000 18.212 0 116 HOH A O   1 ? 
HETATM 1160 O O   . HOH G 2 .  ? 2.914   -22.784 -5.760  1.000 18.422 0 117 HOH A O   1 ? 
HETATM 1161 O O   . HOH G 2 .  ? 2.257   -25.978 -6.581  1.000 17.204 0 118 HOH A O   1 ? 
HETATM 1162 O O   . HOH G 2 .  ? 2.878   -4.295  -6.896  1.000 18.975 0 119 HOH A O   1 ? 
HETATM 1163 O O   . HOH G 2 .  ? 5.125   -21.895 -4.222  1.000 19.228 0 120 HOH A O   1 ? 
HETATM 1164 O O   . HOH G 2 .  ? 15.377  20.348  11.371  1.000 25.076 0 121 HOH A O   1 ? 
HETATM 1165 O O   . HOH G 2 .  ? 12.563  23.369  12.881  1.000 16.691 0 122 HOH A O   1 ? 
HETATM 1166 O O   . HOH G 2 .  ? 8.275   15.085  7.868   1.000 17.028 0 123 HOH A O   1 ? 
HETATM 1167 O O   . HOH G 2 .  ? -5.572  -28.176 -8.937  1.000 18.329 0 124 HOH A O   1 ? 
HETATM 1168 O O   . HOH G 2 .  ? 6.271   21.027  7.634   1.000 13.595 0 125 HOH A O   1 ? 
HETATM 1169 O O   . HOH G 2 .  ? 11.684  20.645  12.340  1.000 14.418 0 126 HOH A O   1 ? 
HETATM 1170 O O   . HOH G 2 .  ? 4.087   -2.986  -12.371 1.000 36.586 0 127 HOH A O   1 ? 
HETATM 1171 O O   . HOH G 2 .  ? 6.803   -15.344 -10.833 1.000 17.747 0 128 HOH A O   1 ? 
HETATM 1172 O O   . HOH G 2 .  ? 7.632   19.029  -1.418  1.000 24.172 0 129 HOH A O   1 ? 
HETATM 1173 O O   . HOH G 2 .  ? 4.207   -24.601 -9.275  1.000 18.811 0 130 HOH A O   1 ? 
HETATM 1174 O O   . HOH G 2 .  ? 9.821   -3.762  -5.168  1.000 17.933 0 131 HOH A O   1 ? 
HETATM 1175 O O   . HOH G 2 .  ? 13.112  24.467  15.403  1.000 21.711 0 132 HOH A O   1 ? 
HETATM 1176 O O   . HOH G 2 .  ? 9.195   -1.218  -8.809  1.000 21.991 0 133 HOH A O   1 ? 
HETATM 1177 O O   . HOH G 2 .  ? 9.858   -5.916  -7.784  1.000 28.887 0 134 HOH A O   1 ? 
HETATM 1178 O O   . HOH G 2 .  ? 14.280  4.259   -4.726  1.000 31.315 0 135 HOH A O   1 ? 
HETATM 1179 O O   . HOH G 2 .  ? -3.239  -30.926 -7.950  1.000 42.077 0 136 HOH A O   1 ? 
HETATM 1180 O O   . HOH G 2 .  ? 12.847  4.744   -7.852  1.000 30.884 0 137 HOH A O   1 ? 
HETATM 1181 O O   . HOH G 2 .  ? 2.412   -4.812  -11.225 1.000 32.970 0 138 HOH A O   1 ? 
HETATM 1182 O O   . HOH G 2 .  ? 10.435  5.107   -7.367  1.000 34.604 0 139 HOH A O   1 ? 
HETATM 1183 O O   . HOH G 2 .  ? 16.214  21.348  13.643  1.000 42.455 0 140 HOH A O   1 ? 
HETATM 1184 O O   . HOH G 2 .  ? 5.303   4.952   -7.253  1.000 42.211 0 141 HOH A O   1 ? 
HETATM 1185 O O   . HOH G 2 .  ? 17.846  19.832  10.918  1.000 24.507 0 142 HOH A O   1 ? 
HETATM 1186 O O   . HOH G 2 .  ? 6.596   8.450   -8.592  1.000 30.677 0 143 HOH A O   1 ? 
HETATM 1187 O O   . HOH G 2 .  ? 13.838  5.952   -6.270  1.000 34.302 0 144 HOH A O   1 ? 
HETATM 1188 O O   . HOH G 2 .  ? 3.806   -22.738 -1.913  1.000 16.421 0 145 HOH A O   1 ? 
HETATM 1189 O O   . HOH G 2 .  ? -7.252  -30.186 -8.124  1.000 19.107 0 146 HOH A O   1 ? 
HETATM 1190 O O   . HOH G 2 .  ? 8.369   19.768  12.424  1.000 30.047 0 147 HOH A O   1 ? 
HETATM 1191 O O   . HOH G 2 .  ? 5.803   -14.433 -13.267 1.000 22.722 0 148 HOH A O   1 ? 
HETATM 1192 O O   . HOH G 2 .  ? 16.057  30.192  17.356  1.000 30.807 0 149 HOH A O   1 ? 
HETATM 1193 O O   . HOH G 2 .  ? -2.967  -29.270 -5.862  1.000 25.388 0 150 HOH A O   1 ? 
HETATM 1194 O O   . HOH G 2 .  ? 10.027  24.438  12.973  1.000 18.289 0 151 HOH A O   1 ? 
HETATM 1195 O O   . HOH G 2 .  ? 1.583   -23.302 -3.541  1.000 22.296 0 152 HOH A O   1 ? 
HETATM 1196 O O   . HOH H 2 .  ? 4.872   -27.465 -9.600  1.000 27.615 0 101 HOH B O   1 ? 
HETATM 1197 O O   . HOH H 2 .  ? 6.207   3.240   5.323   1.000 27.058 0 102 HOH B O   1 ? 
HETATM 1198 O O   . HOH H 2 .  ? 5.628   8.984   7.267   1.000 21.665 0 103 HOH B O   1 ? 
HETATM 1199 O O   . HOH H 2 .  ? 1.998   -32.469 -12.795 1.000 28.211 0 104 HOH B O   1 ? 
HETATM 1200 O O   . HOH H 2 .  ? 22.012  25.647  10.666  1.000 30.650 0 105 HOH B O   1 ? 
HETATM 1201 O O   . HOH H 2 .  ? 6.550   13.018  8.316   1.000 15.897 0 106 HOH B O   1 ? 
HETATM 1202 O O   . HOH H 2 .  ? 5.379   -7.388  -11.749 1.000 25.688 0 107 HOH B O   1 ? 
HETATM 1203 O O   . HOH H 2 .  ? 1.422   -15.783 -15.076 1.000 21.648 0 108 HOH B O   1 ? 
HETATM 1204 O O   . HOH H 2 .  ? 13.181  9.580   7.371   1.000 17.523 0 109 HOH B O   1 ? 
HETATM 1205 O O   . HOH H 2 .  ? 0.122   -23.814 -17.028 1.000 19.258 0 110 HOH B O   1 ? 
HETATM 1206 O O   . HOH H 2 .  ? 1.852   1.674   -0.844  1.000 25.293 0 111 HOH B O   1 ? 
HETATM 1207 O O   . HOH H 2 .  ? 2.883   -13.710 -13.370 1.000 15.993 0 112 HOH B O   1 ? 
HETATM 1208 O O   . HOH H 2 .  ? 0.367   -2.502  -0.585  1.000 27.279 0 113 HOH B O   1 ? 
HETATM 1209 O O   . HOH H 2 .  ? 3.489   -25.252 -16.116 1.000 18.060 0 114 HOH B O   1 ? 
HETATM 1210 O O   . HOH H 2 .  ? 15.982  13.493  9.799   1.000 19.188 0 115 HOH B O   1 ? 
HETATM 1211 O O   . HOH H 2 .  ? 14.638  17.201  12.110  1.000 16.019 0 116 HOH B O   1 ? 
HETATM 1212 O O   . HOH H 2 .  ? 3.878   -22.682 -15.171 1.000 21.905 0 117 HOH B O   1 ? 
HETATM 1213 O O   . HOH H 2 .  ? 5.468   7.199   5.099   1.000 22.262 0 118 HOH B O   1 ? 
HETATM 1214 O O   . HOH H 2 .  ? 13.783  12.553  8.170   1.000 18.011 0 119 HOH B O   1 ? 
HETATM 1215 O O   . HOH H 2 .  ? -0.615  -7.096  -8.154  1.000 41.043 0 120 HOH B O   1 ? 
HETATM 1216 O O   . HOH H 2 .  ? 17.709  20.087  3.182   1.000 17.463 0 121 HOH B O   1 ? 
HETATM 1217 O O   . HOH H 2 .  ? 19.134  28.022  3.862   1.000 35.894 0 122 HOH B O   1 ? 
HETATM 1218 O O   . HOH H 2 .  ? 6.182   -21.453 -14.498 1.000 19.341 0 123 HOH B O   1 ? 
HETATM 1219 O O   . HOH H 2 .  ? -1.326  -14.769 -12.815 1.000 17.518 0 124 HOH B O   1 ? 
HETATM 1220 O O   . HOH H 2 .  ? 15.115  10.868  4.832   1.000 17.928 0 125 HOH B O   1 ? 
HETATM 1221 O O   . HOH H 2 .  ? 7.677   1.080   5.791   1.000 34.806 0 126 HOH B O   1 ? 
HETATM 1222 O O   . HOH H 2 .  ? 2.412   2.773   3.237   1.000 30.884 0 127 HOH B O   1 ? 
HETATM 1223 O O   . HOH H 2 .  ? 15.937  29.939  4.193   1.000 31.075 0 128 HOH B O   1 ? 
HETATM 1224 O O   . HOH H 2 .  ? -0.942  -2.922  -2.916  1.000 27.237 0 129 HOH B O   1 ? 
HETATM 1225 O O   . HOH H 2 .  ? 19.100  20.383  8.453   1.000 27.405 0 130 HOH B O   1 ? 
HETATM 1226 O O   . HOH H 2 .  ? 1.058   -33.095 -17.825 1.000 32.757 0 131 HOH B O   1 ? 
HETATM 1227 O O   . HOH H 2 .  ? 4.007   5.261   6.032   1.000 37.246 0 132 HOH B O   1 ? 
HETATM 1228 O O   . HOH H 2 .  ? 0.304   -13.336 -14.214 1.000 48.572 0 133 HOH B O   1 ? 
HETATM 1229 O O   . HOH H 2 .  ? 3.143   -31.840 -17.198 1.000 31.603 0 134 HOH B O   1 ? 
HETATM 1230 O O   . HOH H 2 .  ? 3.547   12.461  0.286   1.000 30.514 0 135 HOH B O   1 ? 
HETATM 1231 O O   . HOH H 2 .  ? -1.628  -9.301  -3.411  1.000 17.933 0 136 HOH B O   1 ? 
HETATM 1232 O O   . HOH H 2 .  ? 22.346  23.345  11.794  1.000 27.664 0 137 HOH B O   1 ? 
HETATM 1233 O O   . HOH H 2 .  ? 7.274   -27.018 -10.891 1.000 23.165 0 138 HOH B O   1 ? 
HETATM 1234 O O   . HOH H 2 .  ? -0.691  -15.299 -16.103 1.000 52.446 0 139 HOH B O   1 ? 
HETATM 1235 O O   . HOH H 2 .  ? 4.581   -31.878 -13.483 1.000 26.768 0 140 HOH B O   1 ? 
HETATM 1236 O O   . HOH H 2 .  ? 5.828   -24.899 -11.478 1.000 34.650 0 141 HOH B O   1 ? 
HETATM 1237 O O   . HOH H 2 .  ? 1.268   -32.932 -10.298 1.000 22.160 0 142 HOH B O   1 ? 
HETATM 1238 O O   . HOH H 2 .  ? -1.777  -5.132  -6.520  1.000 32.902 0 143 HOH B O   1 ? 
HETATM 1239 O O   . HOH H 2 .  ? 14.740  12.736  12.143  1.000 16.539 0 144 HOH B O   1 ? 
HETATM 1240 O O   . HOH H 2 .  ? 20.170  17.992  7.537   1.000 34.841 0 145 HOH B O   1 ? 
HETATM 1241 O O   . HOH H 2 .  ? 17.169  20.971  0.812   1.000 27.032 0 146 HOH B O   1 ? 
HETATM 1242 O O   . HOH H 2 .  ? 12.473  12.202  10.350  1.000 20.672 0 147 HOH B O   1 ? 
HETATM 1243 O O   . HOH I 2 .  ? -6.472  14.394  3.100   1.000 31.066 0 101 HOH C O   1 ? 
HETATM 1244 O O   . HOH I 2 .  ? -9.951  -27.042 -2.622  1.000 29.373 0 102 HOH C O   1 ? 
HETATM 1245 O O   . HOH I 2 .  ? -0.937  22.723  16.754  1.000 36.864 0 103 HOH C O   1 ? 
HETATM 1246 O O   . HOH I 2 .  ? -10.781 -30.487 -5.004  1.000 25.055 0 104 HOH C O   1 ? 
HETATM 1247 O O   . HOH I 2 .  ? 9.882   32.520  13.568  1.000 31.601 0 105 HOH C O   1 ? 
HETATM 1248 O O   . HOH I 2 .  ? -1.844  16.874  16.851  1.000 16.144 0 106 HOH C O   1 ? 
HETATM 1249 O O   . HOH I 2 .  ? -4.589  13.470  2.337   1.000 27.767 0 107 HOH C O   1 ? 
HETATM 1250 O O   . HOH I 2 .  ? -5.679  6.875   -1.638  1.000 42.351 0 108 HOH C O   1 ? 
HETATM 1251 O O   . HOH I 2 .  ? -6.363  -21.007 -7.016  1.000 14.928 0 109 HOH C O   1 ? 
HETATM 1252 O O   . HOH I 2 .  ? 7.303   30.704  20.026  1.000 26.528 0 110 HOH C O   1 ? 
HETATM 1253 O O   . HOH I 2 .  ? -4.356  -13.043 -2.528  1.000 16.001 0 111 HOH C O   1 ? 
HETATM 1254 O O   . HOH I 2 .  ? -5.189  -7.472  -7.061  1.000 25.342 0 112 HOH C O   1 ? 
HETATM 1255 O O   . HOH I 2 .  ? -9.884  -24.123 -2.547  1.000 20.043 0 113 HOH C O   1 ? 
HETATM 1256 O O   . HOH I 2 .  ? -0.165  25.031  18.445  1.000 19.482 0 114 HOH C O   1 ? 
HETATM 1257 O O   . HOH I 2 .  ? -5.474  21.131  8.739   1.000 13.329 0 115 HOH C O   1 ? 
HETATM 1258 O O   . HOH I 2 .  ? -11.059 -4.135  -4.305  1.000 17.755 0 116 HOH C O   1 ? 
HETATM 1259 O O   . HOH I 2 .  ? 6.456   28.619  18.799  1.000 19.684 0 117 HOH C O   1 ? 
HETATM 1260 O O   . HOH I 2 .  ? -9.217  -21.936 -0.830  1.000 18.444 0 118 HOH C O   1 ? 
HETATM 1261 O O   . HOH I 2 .  ? -12.666 -21.264 -0.285  1.000 30.984 0 119 HOH C O   1 ? 
HETATM 1262 O O   . HOH I 2 .  ? -4.759  -6.315  -4.633  1.000 24.356 0 120 HOH C O   1 ? 
HETATM 1263 O O   . HOH I 2 .  ? -5.619  -0.183  -4.476  1.000 37.406 0 121 HOH C O   1 ? 
HETATM 1264 O O   . HOH I 2 .  ? -8.053  11.284  3.334   1.000 34.519 0 122 HOH C O   1 ? 
HETATM 1265 O O   . HOH I 2 .  ? -6.619  15.597  10.538  1.000 21.490 0 123 HOH C O   1 ? 
HETATM 1266 O O   . HOH I 2 .  ? -7.679  -10.034 -8.755  1.000 11.714 0 124 HOH C O   1 ? 
HETATM 1267 O O   . HOH I 2 .  ? -1.960  0.962   1.308   1.000 22.501 0 125 HOH C O   1 ? 
HETATM 1268 O O   . HOH I 2 .  ? -6.326  -14.303 0.134   1.000 12.961 0 126 HOH C O   1 ? 
HETATM 1269 O O   . HOH I 2 .  ? -5.642  -15.265 -3.930  1.000 15.572 0 127 HOH C O   1 ? 
HETATM 1270 O O   . HOH I 2 .  ? -1.098  20.628  17.498  1.000 33.253 0 128 HOH C O   1 ? 
HETATM 1271 O O   . HOH I 2 .  ? 7.107   22.721  16.021  1.000 16.985 0 129 HOH C O   1 ? 
HETATM 1272 O O   . HOH I 2 .  ? -6.606  19.115  11.875  1.000 18.711 0 130 HOH C O   1 ? 
HETATM 1273 O O   . HOH I 2 .  ? -3.889  -18.462 -4.660  1.000 20.591 0 131 HOH C O   1 ? 
HETATM 1274 O O   . HOH I 2 .  ? 3.963   31.776  21.068  1.000 31.401 0 132 HOH C O   1 ? 
HETATM 1275 O O   . HOH I 2 .  ? -13.243 0.717   2.580   1.000 27.478 0 133 HOH C O   1 ? 
HETATM 1276 O O   . HOH I 2 .  ? -19.063 -25.531 -4.018  1.000 32.956 0 134 HOH C O   1 ? 
HETATM 1277 O O   . HOH I 2 .  ? -3.729  26.254  15.064  1.000 27.030 0 135 HOH C O   1 ? 
HETATM 1278 O O   . HOH I 2 .  ? -14.571 1.457   -0.689  1.000 24.531 0 136 HOH C O   1 ? 
HETATM 1279 O O   . HOH I 2 .  ? -3.661  -9.373  -8.288  1.000 26.596 0 137 HOH C O   1 ? 
HETATM 1280 O O   . HOH I 2 .  ? -9.980  -3.659  -9.129  1.000 22.200 0 138 HOH C O   1 ? 
HETATM 1281 O O   . HOH I 2 .  ? -5.198  -16.397 -1.467  1.000 16.371 0 139 HOH C O   1 ? 
HETATM 1282 O O   . HOH I 2 .  ? 11.757  30.564  15.640  1.000 41.568 0 140 HOH C O   1 ? 
HETATM 1283 O O   . HOH I 2 .  ? -9.177  2.930   -2.568  1.000 36.343 0 141 HOH C O   1 ? 
HETATM 1284 O O   . HOH I 2 .  ? -6.302  12.522  0.812   1.000 28.977 0 142 HOH C O   1 ? 
HETATM 1285 O O   . HOH I 2 .  ? -11.149 -23.860 0.228   1.000 28.598 0 143 HOH C O   1 ? 
HETATM 1286 O O   . HOH I 2 .  ? -6.142  -13.457 -8.412  1.000 15.198 0 144 HOH C O   1 ? 
HETATM 1287 O O   . HOH I 2 .  ? -6.809  -21.092 0.201   1.000 13.289 0 145 HOH C O   1 ? 
HETATM 1288 O O   . HOH I 2 .  ? -10.406 -20.141 2.122   1.000 16.366 0 146 HOH C O   1 ? 
HETATM 1289 O O   . HOH I 2 .  ? -2.520  -13.064 -0.632  1.000 20.215 0 147 HOH C O   1 ? 
HETATM 1290 O O   . HOH J 2 .  ? 3.905   34.428  23.712  1.000 33.823 0 101 HOH D O   1 ? 
HETATM 1291 O O   . HOH J 2 .  ? -15.012 -29.189 -15.492 1.000 39.958 0 102 HOH D O   1 ? 
HETATM 1292 O O   . HOH J 2 .  ? -0.552  37.309  17.262  1.000 26.690 0 103 HOH D O   1 ? 
HETATM 1293 O O   . HOH J 2 .  ? -16.623 -21.342 -11.370 1.000 26.027 0 104 HOH D O   1 ? 
HETATM 1294 O O   . HOH J 2 .  ? 1.161   1.682   7.964   1.000 34.751 0 105 HOH D O   1 ? 
HETATM 1295 O O   . HOH J 2 .  ? -17.276 -19.617 -3.100  1.000 22.539 0 106 HOH D O   1 ? 
HETATM 1296 O O   . HOH J 2 .  ? -12.541 -18.693 2.873   1.000 17.622 0 107 HOH D O   1 ? 
HETATM 1297 O O   . HOH J 2 .  ? -12.034 -12.569 2.915   1.000 28.126 0 108 HOH D O   1 ? 
HETATM 1298 O O   . HOH J 2 .  ? -19.658 -24.624 -10.567 1.000 32.037 0 109 HOH D O   1 ? 
HETATM 1299 O O   . HOH J 2 .  ? -13.245 -9.259  2.313   1.000 32.114 0 110 HOH D O   1 ? 
HETATM 1300 O O   . HOH J 2 .  ? -4.633  16.260  1.588   1.000 16.487 0 111 HOH D O   1 ? 
HETATM 1301 O O   . HOH J 2 .  ? -16.411 -14.477 -5.168  1.000 14.207 0 112 HOH D O   1 ? 
HETATM 1302 O O   . HOH J 2 .  ? 0.476   24.613  5.171   1.000 17.329 0 113 HOH D O   1 ? 
HETATM 1303 O O   . HOH J 2 .  ? -2.755  19.784  2.727   1.000 23.165 0 114 HOH D O   1 ? 
HETATM 1304 O O   . HOH J 2 .  ? -4.917  -1.885  9.260   1.000 28.584 0 115 HOH D O   1 ? 
HETATM 1305 O O   . HOH J 2 .  ? -2.993  31.626  19.249  1.000 17.670 0 116 HOH D O   1 ? 
HETATM 1306 O O   . HOH J 2 .  ? -4.877  27.976  8.908   1.000 17.335 0 117 HOH D O   1 ? 
HETATM 1307 O O   . HOH J 2 .  ? 1.896   4.806   4.665   1.000 24.668 0 118 HOH D O   1 ? 
HETATM 1308 O O   . HOH J 2 .  ? -3.348  28.820  11.043  1.000 16.000 0 119 HOH D O   1 ? 
HETATM 1309 O O   . HOH J 2 .  ? -4.338  -6.703  4.819   1.000 17.092 0 120 HOH D O   1 ? 
HETATM 1310 O O   . HOH J 2 .  ? -10.897 -10.314 4.562   1.000 18.358 0 121 HOH D O   1 ? 
HETATM 1311 O O   . HOH J 2 .  ? -2.499  21.300  4.901   1.000 13.437 0 122 HOH D O   1 ? 
HETATM 1312 O O   . HOH J 2 .  ? -2.863  31.716  11.661  1.000 20.317 0 123 HOH D O   1 ? 
HETATM 1313 O O   . HOH J 2 .  ? -6.500  23.539  9.315   1.000 12.996 0 124 HOH D O   1 ? 
HETATM 1314 O O   . HOH J 2 .  ? -17.371 -16.243 -1.847  1.000 17.357 0 125 HOH D O   1 ? 
HETATM 1315 O O   . HOH J 2 .  ? -2.063  27.282  16.949  1.000 22.302 0 126 HOH D O   1 ? 
HETATM 1316 O O   . HOH J 2 .  ? -0.114  -1.923  4.340   1.000 27.158 0 127 HOH D O   1 ? 
HETATM 1317 O O   . HOH J 2 .  ? -2.755  -4.378  6.024   1.000 24.042 0 128 HOH D O   1 ? 
HETATM 1318 O O   . HOH J 2 .  ? -0.165  31.157  9.526   1.000 19.517 0 129 HOH D O   1 ? 
HETATM 1319 O O   . HOH J 2 .  ? 1.374   10.898  2.765   1.000 26.685 0 130 HOH D O   1 ? 
HETATM 1320 O O   . HOH J 2 .  ? 2.158   21.976  5.696   1.000 23.452 0 131 HOH D O   1 ? 
HETATM 1321 O O   . HOH J 2 .  ? -11.608 -14.864 3.526   1.000 28.156 0 132 HOH D O   1 ? 
HETATM 1322 O O   . HOH J 2 .  ? 2.515   14.687  3.487   1.000 33.226 0 133 HOH D O   1 ? 
HETATM 1323 O O   . HOH J 2 .  ? -3.528  -9.012  3.779   1.000 29.879 0 134 HOH D O   1 ? 
HETATM 1324 O O   . HOH J 2 .  ? -3.632  -12.760 1.938   1.000 17.312 0 135 HOH D O   1 ? 
HETATM 1325 O O   . HOH J 2 .  ? 2.934   12.539  6.925   1.000 26.702 0 136 HOH D O   1 ? 
HETATM 1326 O O   . HOH J 2 .  ? 1.620   4.186   6.917   1.000 33.366 0 137 HOH D O   1 ? 
HETATM 1327 O O   . HOH J 2 .  ? -2.376  -6.587  -3.805  1.000 28.916 0 138 HOH D O   1 ? 
HETATM 1328 O O   . HOH J 2 .  ? -14.664 -9.022  1.048   1.000 31.401 0 139 HOH D O   1 ? 
HETATM 1329 O O   . HOH J 2 .  ? -1.934  35.016  18.196  1.000 28.726 0 140 HOH D O   1 ? 
HETATM 1330 O O   . HOH J 2 .  ? -15.268 -15.641 4.101   1.000 23.468 0 141 HOH D O   1 ? 
HETATM 1331 O O   . HOH J 2 .  ? -17.331 -22.705 -13.713 1.000 21.641 0 142 HOH D O   1 ? 
HETATM 1332 O O   . HOH J 2 .  ? -5.794  18.741  1.636   1.000 20.538 0 143 HOH D O   1 ? 
HETATM 1333 O O   . HOH J 2 .  ? 1.143   20.836  3.463   1.000 24.545 0 144 HOH D O   1 ? 
HETATM 1334 O O   . HOH J 2 .  ? -18.765 -15.783 -5.986  1.000 30.228 0 145 HOH D O   1 ? 
HETATM 1335 O O   . HOH J 2 .  ? -1.360  23.287  3.540   1.000 26.636 0 146 HOH D O   1 ? 
HETATM 1336 O O   . HOH J 2 .  ? -5.809  -8.719  6.611   1.000 21.270 0 147 HOH D O   1 ? 
HETATM 1337 O O   . HOH J 2 .  ? -1.638  13.639  0.438   1.000 30.053 0 148 HOH D O   1 ? 
HETATM 1338 O O   . HOH J 2 .  ? -24.095 -24.509 -10.777 1.000 35.950 0 149 HOH D O   1 ? 
HETATM 1339 O O   . HOH J 2 .  ? 2.654   16.977  1.671   1.000 21.538 0 150 HOH D O   1 ? 
HETATM 1340 O O   . HOH J 2 .  ? -7.370  28.436  10.103  1.000 21.491 0 151 HOH D O   1 ? 
HETATM 1341 O O   . HOH K 2 .  ? -6.219  -3.238  6.836   1.000 21.571 0 101 HOH E O   1 ? 
HETATM 1342 O O   . HOH K 2 .  ? -12.667 5.965   4.437   1.000 20.412 0 102 HOH E O   1 ? 
HETATM 1343 O O   . HOH K 2 .  ? -9.990  -4.151  8.436   1.000 26.444 0 103 HOH E O   1 ? 
HETATM 1344 O O   . HOH K 2 .  ? -15.483 -19.189 -12.467 1.000 17.602 0 104 HOH E O   1 ? 
HETATM 1345 O O   . HOH K 2 .  ? 4.678   14.594  6.990   1.000 19.094 0 105 HOH E O   1 ? 
HETATM 1346 O O   . HOH K 2 .  ? 6.491   22.571  11.433  1.000 15.571 0 106 HOH E O   1 ? 
HETATM 1347 O O   . HOH K 2 .  ? -11.688 1.497   8.495   1.000 24.490 0 107 HOH E O   1 ? 
HETATM 1348 O O   . HOH K 2 .  ? -13.819 -3.573  5.297   1.000 18.165 0 108 HOH E O   1 ? 
HETATM 1349 O O   . HOH K 2 .  ? -8.459  -22.870 -7.380  1.000 22.229 0 109 HOH E O   1 ? 
HETATM 1350 O O   . HOH K 2 .  ? 1.032   11.389  11.408  1.000 17.348 0 110 HOH E O   1 ? 
HETATM 1351 O O   . HOH K 2 .  ? -13.278 -15.574 -11.205 1.000 23.914 0 111 HOH E O   1 ? 
HETATM 1352 O O   . HOH K 2 .  ? -12.435 -31.817 -6.960  1.000 27.762 0 112 HOH E O   1 ? 
HETATM 1353 O O   . HOH K 2 .  ? -5.851  7.172   11.334  1.000 30.994 0 113 HOH E O   1 ? 
HETATM 1354 O O   . HOH K 2 .  ? 5.193   20.292  10.028  1.000 14.886 0 114 HOH E O   1 ? 
HETATM 1355 O O   . HOH K 2 .  ? -11.685 1.347   4.462   1.000 25.756 0 115 HOH E O   1 ? 
HETATM 1356 O O   . HOH K 2 .  ? 8.019   30.538  13.048  1.000 21.466 0 116 HOH E O   1 ? 
HETATM 1357 O O   . HOH K 2 .  ? -1.901  14.539  13.621  1.000 25.839 0 117 HOH E O   1 ? 
HETATM 1358 O O   . HOH K 2 .  ? -10.328 -10.830 -8.798  1.000 22.661 0 118 HOH E O   1 ? 
HETATM 1359 O O   . HOH K 2 .  ? -14.194 -6.621  -2.918  1.000 13.722 0 119 HOH E O   1 ? 
HETATM 1360 O O   . HOH K 2 .  ? 5.770   28.263  7.361   1.000 23.735 0 120 HOH E O   1 ? 
HETATM 1361 O O   . HOH K 2 .  ? -15.845 -7.439  -5.078  1.000 15.925 0 121 HOH E O   1 ? 
HETATM 1362 O O   . HOH K 2 .  ? 1.603   13.553  13.234  1.000 20.823 0 122 HOH E O   1 ? 
HETATM 1363 O O   . HOH K 2 .  ? 3.181   25.466  5.258   1.000 13.061 0 123 HOH E O   1 ? 
HETATM 1364 O O   . HOH K 2 .  ? -9.948  -30.754 -9.358  1.000 25.719 0 124 HOH E O   1 ? 
HETATM 1365 O O   . HOH K 2 .  ? -12.878 -7.869  3.340   1.000 29.427 0 125 HOH E O   1 ? 
HETATM 1366 O O   . HOH K 2 .  ? 6.894   17.127  9.301   1.000 23.517 0 126 HOH E O   1 ? 
HETATM 1367 O O   . HOH K 2 .  ? -13.421 -14.130 -9.040  1.000 13.207 0 127 HOH E O   1 ? 
HETATM 1368 O O   . HOH K 2 .  ? 4.538   21.185  14.086  1.000 12.515 0 128 HOH E O   1 ? 
HETATM 1369 O O   . HOH K 2 .  ? -17.390 -11.948 -4.631  1.000 11.417 0 129 HOH E O   1 ? 
HETATM 1370 O O   . HOH K 2 .  ? 5.237   30.213  9.164   1.000 21.727 0 130 HOH E O   1 ? 
HETATM 1371 O O   . HOH K 2 .  ? -11.485 -2.039  4.774   1.000 32.667 0 131 HOH E O   1 ? 
HETATM 1372 O O   . HOH K 2 .  ? -8.081  8.298   4.319   1.000 19.495 0 132 HOH E O   1 ? 
HETATM 1373 O O   . HOH K 2 .  ? -4.757  2.785   7.782   1.000 16.941 0 133 HOH E O   1 ? 
HETATM 1374 O O   . HOH K 2 .  ? -13.887 -3.841  -2.257  1.000 20.760 0 134 HOH E O   1 ? 
HETATM 1375 O O   . HOH K 2 .  ? 7.349   32.969  10.297  1.000 35.922 0 135 HOH E O   1 ? 
HETATM 1376 O O   . HOH K 2 .  ? -8.816  -13.490 -8.370  1.000 24.892 0 136 HOH E O   1 ? 
HETATM 1377 O O   . HOH K 2 .  ? -3.071  8.357   12.815  1.000 27.853 0 137 HOH E O   1 ? 
HETATM 1378 O O   . HOH K 2 .  ? -8.514  -20.724 -10.512 1.000 22.837 0 138 HOH E O   1 ? 
HETATM 1379 O O   . HOH K 2 .  ? -7.934  1.962   9.138   1.000 33.861 0 139 HOH E O   1 ? 
HETATM 1380 O O   . HOH K 2 .  ? -12.868 -3.674  7.780   1.000 25.332 0 140 HOH E O   1 ? 
HETATM 1381 O O   . HOH K 2 .  ? -13.360 -27.325 -16.124 1.000 30.862 0 141 HOH E O   1 ? 
HETATM 1382 O O   . HOH K 2 .  ? -10.891 -32.828 -10.897 1.000 39.521 0 142 HOH E O   1 ? 
HETATM 1383 O O   . HOH K 2 .  ? -0.824  4.814   12.997  1.000 35.221 0 143 HOH E O   1 ? 
HETATM 1384 O O   . HOH K 2 .  ? -8.278  -24.570 -9.494  1.000 23.473 0 144 HOH E O   1 ? 
HETATM 1385 O O   . HOH K 2 .  ? -13.778 -1.728  9.059   1.000 30.499 0 145 HOH E O   1 ? 
HETATM 1386 O O   . HOH K 2 .  ? 0.280   8.683   11.736  1.000 22.698 0 146 HOH E O   1 ? 
HETATM 1387 O O   . HOH K 2 .  ? 5.655   19.151  12.557  1.000 18.344 0 147 HOH E O   1 ? 
HETATM 1388 O O   . HOH K 2 .  ? 8.391   28.839  10.828  1.000 23.718 0 148 HOH E O   1 ? 
HETATM 1389 O O   . HOH K 2 .  ? -9.845  -14.755 -10.505 1.000 23.738 0 149 HOH E O   1 ? 
HETATM 1390 O O   . HOH K 2 .  ? -16.761 -16.770 -12.704 1.000 24.073 0 150 HOH E O   1 ? 
HETATM 1391 O O   . HOH K 2 .  ? -12.572 -11.667 -10.067 1.000 24.060 0 151 HOH E O   1 ? 
HETATM 1392 O O   . HOH K 2 .  ? 0.478   39.132  13.230  1.000 26.748 0 152 HOH E O   1 ? 
HETATM 1393 O O   . HOH K 2 .  ? 1.348   32.366  7.518   1.000 21.969 0 153 HOH E O   1 ? 
HETATM 1394 O O   . HOH K 2 .  ? 0.272   36.545  7.082   1.000 34.160 0 154 HOH E O   1 ? 
HETATM 1395 O O   . HOH K 2 .  ? 4.755   22.059  5.576   1.000 15.475 0 155 HOH E O   1 ? 
HETATM 1396 O O   . HOH K 2 .  ? 0.346   15.384  16.085  1.000 16.214 0 156 HOH E O   1 ? 
HETATM 1397 O O   . HOH K 2 .  ? 4.059   14.388  14.201  1.000 12.774 0 157 HOH E O   1 ? 
HETATM 1398 O O   . HOH K 2 .  ? -11.680 -8.604  -9.549  1.000 29.043 0 158 HOH E O   1 ? 
HETATM 1399 O O   . HOH K 2 .  ? 8.241   22.384  13.401  1.000 17.679 0 159 HOH E O   1 ? 
HETATM 1400 O O   . HOH K 2 .  ? -18.130 -6.983  -3.776  1.000 22.644 0 160 HOH E O   1 ? 
HETATM 1401 O O   . HOH L 2 .  ? 12.374  1.481   6.783   1.000 31.552 0 101 HOH F O   1 ? 
HETATM 1402 O O   . HOH L 2 .  ? -3.715  -33.781 -21.700 1.000 42.655 0 102 HOH F O   1 ? 
HETATM 1403 O O   . HOH L 2 .  ? 9.190   -0.778  5.061   1.000 26.143 0 103 HOH F O   1 ? 
HETATM 1404 O O   . HOH L 2 .  ? -5.136  -22.690 -15.332 1.000 25.057 0 104 HOH F O   1 ? 
HETATM 1405 O O   . HOH L 2 .  ? 9.967   27.062  8.661   1.000 35.486 0 105 HOH F O   1 ? 
HETATM 1406 O O   . HOH L 2 .  ? -2.014  -28.339 -21.189 1.000 19.090 0 106 HOH F O   1 ? 
HETATM 1407 O O   . HOH L 2 .  ? 15.789  8.253   4.375   1.000 28.257 0 107 HOH F O   1 ? 
HETATM 1408 O O   . HOH L 2 .  ? 10.997  11.791  -2.956  1.000 17.537 0 108 HOH F O   1 ? 
HETATM 1409 O O   . HOH L 2 .  ? 13.700  21.976  0.659   1.000 22.963 0 109 HOH F O   1 ? 
HETATM 1410 O O   . HOH L 2 .  ? 4.285   -14.838 -2.310  1.000 28.897 0 110 HOH F O   1 ? 
HETATM 1411 O O   . HOH L 2 .  ? -3.904  -16.803 -7.900  1.000 14.379 0 111 HOH F O   1 ? 
HETATM 1412 O O   . HOH L 2 .  ? -5.211  -19.179 -8.578  1.000 16.039 0 112 HOH F O   1 ? 
HETATM 1413 O O   . HOH L 2 .  ? 11.682  30.101  6.227   1.000 26.060 0 113 HOH F O   1 ? 
HETATM 1414 O O   . HOH L 2 .  ? -4.873  -20.221 -15.649 1.000 25.276 0 114 HOH F O   1 ? 
HETATM 1415 O O   . HOH L 2 .  ? 9.142   -8.977  -0.142  1.000 32.605 0 115 HOH F O   1 ? 
HETATM 1416 O O   . HOH L 2 .  ? -2.688  -31.101 -20.441 1.000 28.422 0 116 HOH F O   1 ? 
HETATM 1417 O O   . HOH L 2 .  ? -7.042  -26.149 -12.978 1.000 23.591 0 117 HOH F O   1 ? 
HETATM 1418 O O   . HOH L 2 .  ? 13.399  4.116   1.566   1.000 28.752 0 118 HOH F O   1 ? 
HETATM 1419 O O   . HOH L 2 .  ? 12.114  19.735  -1.113  1.000 20.391 0 119 HOH F O   1 ? 
HETATM 1420 O O   . HOH L 2 .  ? 13.263  3.467   6.118   1.000 33.186 0 120 HOH F O   1 ? 
HETATM 1421 O O   . HOH L 2 .  ? 14.751  -5.670  -1.326  1.000 40.535 0 121 HOH F O   1 ? 
HETATM 1422 O O   . HOH L 2 .  ? 14.387  10.275  -2.158  1.000 15.100 0 122 HOH F O   1 ? 
HETATM 1423 O O   . HOH L 2 .  ? 0.825   -14.843 -1.640  1.000 13.759 0 123 HOH F O   1 ? 
HETATM 1424 O O   . HOH L 2 .  ? 14.728  12.924  -1.259  1.000 20.498 0 124 HOH F O   1 ? 
HETATM 1425 O O   . HOH L 2 .  ? -3.309  -16.356 -15.356 1.000 25.237 0 125 HOH F O   1 ? 
HETATM 1426 O O   . HOH L 2 .  ? 17.073  14.165  -0.617  1.000 17.078 0 126 HOH F O   1 ? 
HETATM 1427 O O   . HOH L 2 .  ? 9.549   20.660  1.292   1.000 17.549 0 127 HOH F O   1 ? 
HETATM 1428 O O   . HOH L 2 .  ? 7.522   -2.286  1.530   1.000 18.955 0 128 HOH F O   1 ? 
HETATM 1429 O O   . HOH L 2 .  ? 0.691   -38.038 -22.491 1.000 38.829 0 129 HOH F O   1 ? 
HETATM 1430 O O   . HOH L 2 .  ? -2.637  -20.309 -6.137  1.000 14.193 0 130 HOH F O   1 ? 
HETATM 1431 O O   . HOH L 2 .  ? -4.623  -14.454 -6.301  1.000 12.600 0 131 HOH F O   1 ? 
HETATM 1432 O O   . HOH L 2 .  ? -2.029  -10.033 -6.083  1.000 19.853 0 132 HOH F O   1 ? 
HETATM 1433 O O   . HOH L 2 .  ? 1.562   -12.128 -1.051  1.000 15.287 0 133 HOH F O   1 ? 
HETATM 1434 O O   . HOH L 2 .  ? -6.357  -24.776 -16.496 1.000 25.083 0 134 HOH F O   1 ? 
HETATM 1435 O O   . HOH L 2 .  ? 13.949  24.665  0.041   1.000 26.867 0 135 HOH F O   1 ? 
HETATM 1436 O O   . HOH L 2 .  ? 9.060   -5.690  1.292   1.000 28.403 0 136 HOH F O   1 ? 
HETATM 1437 O O   . HOH L 2 .  ? 9.858   27.810  5.244   1.000 32.494 0 137 HOH F O   1 ? 
HETATM 1438 O O   . HOH L 2 .  ? 11.398  -2.792  1.909   1.000 27.804 0 138 HOH F O   1 ? 
HETATM 1439 O O   . HOH L 2 .  ? 0.651   -39.330 -20.240 1.000 36.837 0 139 HOH F O   1 ? 
HETATM 1440 O O   . HOH L 2 .  ? 13.492  0.119   -0.202  1.000 33.430 0 140 HOH F O   1 ? 
HETATM 1441 O O   . HOH L 2 .  ? 1.334   -35.246 -22.519 1.000 51.427 0 141 HOH F O   1 ? 
HETATM 1442 O O   . HOH L 2 .  ? 0.863   -3.906  2.162   1.000 28.615 0 142 HOH F O   1 ? 
HETATM 1443 O O   . HOH L 2 .  ? 5.436   -10.447 1.435   1.000 20.941 0 143 HOH F O   1 ? 
HETATM 1444 O O   . HOH L 2 .  ? -7.216  -32.645 -20.008 1.000 27.520 0 144 HOH F O   1 ? 
HETATM 1445 O O   . HOH L 2 .  ? -3.824  -27.006 -22.173 1.000 28.280 0 145 HOH F O   1 ? 
HETATM 1446 O O   . HOH L 2 .  ? 12.117  -4.566  -7.024  1.000 31.282 0 146 HOH F O   1 ? 
HETATM 1447 O O   . HOH L 2 .  ? 10.752  23.036  0.231   1.000 32.683 0 147 HOH F O   1 ? 
HETATM 1448 O O   . HOH L 2 .  ? 18.072  8.484   2.983   1.000 27.904 0 148 HOH F O   1 ? 
HETATM 1449 O O   . HOH L 2 .  ? 9.217   26.087  10.701  1.000 18.994 0 149 HOH F O   1 ? 
HETATM 1450 O O   . HOH L 2 .  ? -5.506  -31.039 -21.552 1.000 41.439 0 150 HOH F O   1 ? 
HETATM 1451 O O   . HOH L 2 .  ? 10.198  -2.622  3.880   1.000 41.666 0 151 HOH F O   1 ? 
HETATM 1452 O O   . HOH L 2 .  ? 8.593   35.679  9.480   1.000 30.488 0 152 HOH F O   1 ? 
HETATM 1453 O O   . HOH L 2 .  ? 16.614  10.767  2.162   1.000 40.604 0 153 HOH F O   1 ? 
HETATM 1454 O O   . HOH L 2 .  ? -7.717  -23.308 -13.699 1.000 27.542 0 154 HOH F O   1 ? 
HETATM 1455 O O   . HOH L 2 .  ? 7.019   -15.572 -2.787  1.000 30.451 0 155 HOH F O   1 ? 
HETATM 1456 O O   . HOH L 2 .  ? 17.966  19.951  -1.404  1.000 18.907 0 156 HOH F O   1 ? 
HETATM 1457 O O   . HOH L 2 .  ? -7.477  -26.831 -10.507 1.000 22.618 0 157 HOH F O   1 ? 
HETATM 1458 O O   . HOH L 2 .  ? 15.410  3.476   0.077   1.000 23.841 0 158 HOH F O   1 ? 
HETATM 1459 O O   . HOH L 2 .  ? -8.081  -18.560 -12.333 1.000 17.375 0 159 HOH F O   1 ? 
# 
